data_3R5B
#
_entry.id   3R5B
#
_cell.length_a   83.038
_cell.length_b   102.002
_cell.length_c   134.903
_cell.angle_alpha   90.00
_cell.angle_beta   89.97
_cell.angle_gamma   90.00
#
_symmetry.space_group_name_H-M   'P 1 21 1'
#
loop_
_entity.id
_entity.type
_entity.pdbx_description
1 polymer 'Tetrahydrodipicolinate N-succinyletransferase'
2 non-polymer '(2S)-2-aminoheptanedioic acid'
3 water water
#
_entity_poly.entity_id   1
_entity_poly.type   'polypeptide(L)'
_entity_poly.pdbx_seq_one_letter_code
;GSHMSQSLFSLAFGVGTQNRQEAWLEVFYALPLLKPSSEIVAAVAPILGYAAGNQALTFTSQQAYQLADALKGIDAAQSA
LLSRLAESQKPLVATLLAEDAAPSSTAEAYLKLHLLSHRLVKPHAVNLSGIFPLLPNVAWTNIGAVDLAELAELQLEARL
KGKLLEVFSVDKFPKMTDYVVPAGVRIADTARVRLGAYIGEGTTVMHEGFVNFNAGTEGPGMIEGRVSAGVFVGKGSDLG
GGCSTMGTLSGGGNIVISVGEGCLIGANAGIGIPLGDRNIVEAGLYITAGTKVALLDEQNALVKVVKARDLAGQPDLLFR
RNSQNGAVECKTNKTAIELNEALHAHN
;
_entity_poly.pdbx_strand_id   A,B,C,D,E,F
#
# COMPACT_ATOMS: atom_id res chain seq x y z
N GLN A 6 38.69 49.04 -47.51
CA GLN A 6 39.03 48.71 -46.10
C GLN A 6 39.00 47.19 -45.82
N SER A 7 39.54 46.80 -44.65
CA SER A 7 39.45 45.42 -44.16
C SER A 7 38.08 45.14 -43.53
N LEU A 8 37.38 44.12 -44.02
CA LEU A 8 36.07 43.74 -43.46
C LEU A 8 36.19 43.07 -42.10
N PHE A 9 35.14 43.23 -41.29
CA PHE A 9 35.01 42.56 -40.00
C PHE A 9 34.79 41.07 -40.19
N SER A 10 33.82 40.72 -41.02
CA SER A 10 33.44 39.32 -41.22
C SER A 10 32.78 39.17 -42.59
N LEU A 11 32.80 37.94 -43.11
CA LEU A 11 31.96 37.55 -44.26
C LEU A 11 31.61 36.05 -44.21
N ALA A 12 30.46 35.70 -44.78
CA ALA A 12 30.02 34.30 -44.83
C ALA A 12 28.99 34.07 -45.92
N PHE A 13 29.06 32.90 -46.56
CA PHE A 13 28.10 32.54 -47.58
C PHE A 13 27.07 31.58 -46.98
N GLY A 14 25.80 31.90 -47.16
CA GLY A 14 24.74 31.21 -46.44
C GLY A 14 23.72 30.50 -47.31
N VAL A 15 23.22 29.38 -46.81
CA VAL A 15 21.99 28.77 -47.33
C VAL A 15 20.92 28.83 -46.22
N GLY A 16 19.75 29.37 -46.57
CA GLY A 16 18.69 29.60 -45.59
C GLY A 16 17.32 29.08 -45.98
N THR A 17 16.31 29.42 -45.21
CA THR A 17 14.92 29.08 -45.53
C THR A 17 14.06 30.34 -45.49
N GLN A 18 13.01 30.37 -46.30
CA GLN A 18 12.10 31.53 -46.41
C GLN A 18 10.63 31.10 -46.35
N ASN A 19 9.78 31.96 -45.82
CA ASN A 19 8.31 31.71 -45.86
C ASN A 19 7.73 32.06 -47.24
N ARG A 20 6.41 31.94 -47.40
CA ARG A 20 5.74 32.29 -48.66
C ARG A 20 5.92 33.77 -49.05
N GLN A 21 6.05 34.64 -48.05
CA GLN A 21 6.13 36.08 -48.28
C GLN A 21 7.60 36.53 -48.45
N GLU A 22 8.49 35.58 -48.69
CA GLU A 22 9.92 35.82 -48.94
C GLU A 22 10.70 36.47 -47.80
N ALA A 23 10.14 36.44 -46.59
CA ALA A 23 10.87 36.83 -45.39
C ALA A 23 11.78 35.68 -44.97
N TRP A 24 12.97 36.00 -44.45
CA TRP A 24 13.94 34.98 -44.05
C TRP A 24 13.70 34.50 -42.61
N LEU A 25 13.59 33.17 -42.43
CA LEU A 25 13.38 32.56 -41.11
C LEU A 25 14.69 32.14 -40.43
N GLU A 26 15.66 31.64 -41.21
CA GLU A 26 16.99 31.28 -40.69
C GLU A 26 18.03 31.09 -41.76
N VAL A 27 19.30 31.25 -41.39
CA VAL A 27 20.41 31.02 -42.31
C VAL A 27 21.46 30.09 -41.70
N PHE A 28 21.98 29.17 -42.52
CA PHE A 28 23.05 28.25 -42.12
C PHE A 28 24.36 28.64 -42.84
N TYR A 29 25.42 28.88 -42.06
CA TYR A 29 26.74 29.24 -42.57
C TYR A 29 27.79 28.15 -42.21
N ALA A 30 28.14 27.33 -43.19
CA ALA A 30 29.08 26.22 -42.99
C ALA A 30 30.47 26.63 -42.51
N LEU A 31 30.99 27.74 -43.05
CA LEU A 31 32.35 28.18 -42.75
C LEU A 31 32.44 29.69 -42.67
N PRO A 32 31.97 30.29 -41.56
CA PRO A 32 32.03 31.74 -41.39
C PRO A 32 33.44 32.25 -41.09
N LEU A 33 33.75 33.42 -41.64
CA LEU A 33 35.11 33.97 -41.57
C LEU A 33 35.16 35.28 -40.77
N LEU A 34 35.99 35.28 -39.74
CA LEU A 34 36.35 36.50 -39.01
C LEU A 34 37.53 37.17 -39.73
N LYS A 35 37.37 38.47 -39.99
CA LYS A 35 38.43 39.27 -40.60
C LYS A 35 39.00 38.60 -41.85
N PRO A 36 38.17 38.46 -42.89
CA PRO A 36 38.62 37.84 -44.13
C PRO A 36 39.63 38.70 -44.86
N SER A 37 40.56 38.06 -45.56
CA SER A 37 41.62 38.77 -46.26
C SER A 37 41.05 39.58 -47.42
N SER A 38 41.67 40.72 -47.69
CA SER A 38 41.28 41.61 -48.80
C SER A 38 41.30 40.93 -50.17
N GLU A 39 42.06 39.84 -50.28
CA GLU A 39 42.09 39.02 -51.48
C GLU A 39 40.71 38.39 -51.74
N ILE A 40 40.12 37.81 -50.69
CA ILE A 40 38.81 37.18 -50.81
C ILE A 40 37.71 38.20 -51.14
N VAL A 41 37.77 39.36 -50.47
CA VAL A 41 36.81 40.46 -50.68
C VAL A 41 36.88 41.02 -52.11
N ALA A 42 38.09 41.27 -52.57
CA ALA A 42 38.33 41.86 -53.91
C ALA A 42 37.81 40.98 -55.05
N ALA A 43 37.89 39.67 -54.87
CA ALA A 43 37.39 38.70 -55.85
C ALA A 43 35.87 38.55 -55.82
N VAL A 44 35.26 38.84 -54.68
CA VAL A 44 33.83 38.56 -54.44
C VAL A 44 32.91 39.78 -54.68
N ALA A 45 33.42 40.96 -54.36
CA ALA A 45 32.65 42.20 -54.35
C ALA A 45 31.98 42.58 -55.69
N PRO A 46 32.71 42.45 -56.80
CA PRO A 46 32.14 42.85 -58.09
C PRO A 46 30.97 41.98 -58.56
N ILE A 47 31.06 40.68 -58.28
CA ILE A 47 30.03 39.72 -58.70
C ILE A 47 28.76 39.85 -57.85
N LEU A 48 28.92 40.27 -56.59
CA LEU A 48 27.79 40.40 -55.67
C LEU A 48 27.15 41.78 -55.76
N GLY A 49 27.94 42.78 -56.12
CA GLY A 49 27.51 44.18 -56.12
C GLY A 49 27.68 44.80 -54.73
N TYR A 50 28.80 44.52 -54.08
CA TYR A 50 29.12 45.08 -52.77
C TYR A 50 30.09 46.24 -52.93
N ALA A 51 29.69 47.39 -52.42
CA ALA A 51 30.51 48.60 -52.43
C ALA A 51 31.02 48.91 -51.04
N ALA A 52 30.12 48.97 -50.07
CA ALA A 52 30.47 49.42 -48.71
C ALA A 52 29.47 48.98 -47.63
N GLY A 53 29.89 49.17 -46.38
CA GLY A 53 29.00 49.00 -45.25
C GLY A 53 28.69 47.55 -44.92
N ASN A 54 27.56 47.34 -44.26
CA ASN A 54 27.13 46.03 -43.78
C ASN A 54 25.91 45.55 -44.56
N GLN A 55 26.11 44.59 -45.46
CA GLN A 55 25.09 44.17 -46.44
C GLN A 55 24.70 42.70 -46.36
N ALA A 56 23.41 42.42 -46.59
CA ALA A 56 22.89 41.05 -46.77
C ALA A 56 22.44 40.87 -48.20
N LEU A 57 23.32 40.32 -49.04
CA LEU A 57 23.15 40.28 -50.50
C LEU A 57 22.74 38.89 -51.00
N THR A 58 21.47 38.76 -51.43
CA THR A 58 20.99 37.50 -51.96
C THR A 58 21.58 37.29 -53.36
N PHE A 59 22.28 36.18 -53.51
CA PHE A 59 22.85 35.84 -54.79
C PHE A 59 22.25 34.54 -55.32
N THR A 60 22.35 34.39 -56.63
CA THR A 60 21.65 33.36 -57.36
C THR A 60 22.53 32.11 -57.48
N SER A 61 21.93 31.03 -57.98
CA SER A 61 22.67 29.81 -58.22
C SER A 61 23.84 30.02 -59.22
N GLN A 62 23.59 30.80 -60.26
CA GLN A 62 24.65 31.19 -61.22
C GLN A 62 25.81 31.95 -60.64
N GLN A 63 25.51 32.92 -59.78
CA GLN A 63 26.54 33.72 -59.12
C GLN A 63 27.39 32.83 -58.23
N ALA A 64 26.77 31.78 -57.67
CA ALA A 64 27.48 30.82 -56.82
C ALA A 64 28.66 30.23 -57.56
N TYR A 65 28.37 29.64 -58.71
CA TYR A 65 29.39 29.10 -59.61
C TYR A 65 30.46 30.13 -59.96
N GLN A 66 30.03 31.35 -60.30
CA GLN A 66 30.93 32.45 -60.62
C GLN A 66 31.86 32.70 -59.43
N LEU A 67 31.28 32.85 -58.24
CA LEU A 67 32.04 33.13 -57.01
C LEU A 67 33.01 31.99 -56.74
N ALA A 68 32.48 30.77 -56.87
CA ALA A 68 33.28 29.55 -56.69
C ALA A 68 34.52 29.57 -57.56
N ASP A 69 34.37 30.00 -58.80
CA ASP A 69 35.47 30.05 -59.75
C ASP A 69 36.49 31.14 -59.42
N ALA A 70 36.01 32.33 -59.09
CA ALA A 70 36.87 33.45 -58.72
C ALA A 70 37.87 33.08 -57.62
N LEU A 71 37.40 32.35 -56.61
CA LEU A 71 38.19 32.08 -55.39
C LEU A 71 39.20 30.93 -55.49
N LYS A 72 39.16 30.15 -56.58
CA LYS A 72 40.21 29.16 -56.83
C LYS A 72 41.58 29.86 -56.91
N GLY A 73 42.57 29.33 -56.18
CA GLY A 73 43.89 29.95 -56.12
C GLY A 73 44.06 30.90 -54.94
N ILE A 74 42.94 31.50 -54.52
CA ILE A 74 42.89 32.43 -53.41
C ILE A 74 42.51 31.74 -52.09
N ASP A 75 41.45 30.94 -52.13
CA ASP A 75 40.98 30.17 -50.96
C ASP A 75 40.17 28.95 -51.39
N ALA A 76 40.78 27.77 -51.28
CA ALA A 76 40.17 26.51 -51.78
C ALA A 76 38.92 26.07 -51.03
N ALA A 77 38.97 26.13 -49.71
CA ALA A 77 37.84 25.69 -48.87
C ALA A 77 36.54 26.44 -49.21
N GLN A 78 36.63 27.77 -49.35
CA GLN A 78 35.46 28.60 -49.68
C GLN A 78 34.98 28.36 -51.12
N SER A 79 35.93 28.14 -52.02
CA SER A 79 35.61 27.80 -53.41
C SER A 79 34.77 26.51 -53.45
N ALA A 80 35.31 25.45 -52.86
CA ALA A 80 34.62 24.16 -52.77
C ALA A 80 33.19 24.29 -52.25
N LEU A 81 33.03 25.05 -51.17
CA LEU A 81 31.73 25.25 -50.54
C LEU A 81 30.75 25.86 -51.52
N LEU A 82 31.18 26.92 -52.20
CA LEU A 82 30.30 27.62 -53.16
C LEU A 82 29.80 26.73 -54.31
N SER A 83 30.62 25.76 -54.72
CA SER A 83 30.22 24.79 -55.75
C SER A 83 29.08 23.89 -55.27
N ARG A 84 29.10 23.53 -53.99
CA ARG A 84 27.99 22.79 -53.38
C ARG A 84 26.74 23.67 -53.26
N LEU A 85 26.95 24.93 -52.87
CA LEU A 85 25.85 25.90 -52.73
C LEU A 85 25.15 26.16 -54.07
N ALA A 86 25.93 26.11 -55.15
CA ALA A 86 25.39 26.29 -56.49
C ALA A 86 24.30 25.25 -56.81
N GLU A 87 24.43 24.05 -56.25
CA GLU A 87 23.54 22.94 -56.58
C GLU A 87 22.24 23.00 -55.80
N SER A 88 22.27 23.74 -54.68
CA SER A 88 21.24 23.65 -53.64
C SER A 88 19.79 23.87 -54.07
N GLN A 89 18.90 23.38 -53.21
CA GLN A 89 17.44 23.50 -53.38
C GLN A 89 16.90 24.82 -52.79
N LYS A 90 17.55 25.30 -51.74
CA LYS A 90 17.16 26.49 -50.96
C LYS A 90 17.92 27.77 -51.36
N PRO A 91 17.38 28.96 -50.98
CA PRO A 91 17.97 30.24 -51.39
C PRO A 91 19.28 30.58 -50.71
N LEU A 92 20.10 31.39 -51.37
CA LEU A 92 21.45 31.72 -50.88
C LEU A 92 21.60 33.19 -50.53
N VAL A 93 22.47 33.49 -49.57
CA VAL A 93 22.74 34.87 -49.17
C VAL A 93 24.17 35.05 -48.68
N ALA A 94 24.84 36.08 -49.20
CA ALA A 94 26.19 36.46 -48.76
C ALA A 94 26.09 37.68 -47.84
N THR A 95 26.59 37.55 -46.62
CA THR A 95 26.53 38.69 -45.73
C THR A 95 27.95 39.17 -45.48
N LEU A 96 28.23 40.41 -45.90
CA LEU A 96 29.55 41.02 -45.71
C LEU A 96 29.44 42.16 -44.69
N LEU A 97 30.22 42.07 -43.62
CA LEU A 97 30.19 43.04 -42.52
C LEU A 97 31.47 43.89 -42.47
N ALA A 98 31.37 45.15 -42.86
CA ALA A 98 32.53 46.05 -42.93
C ALA A 98 33.00 46.49 -41.54
N GLU A 99 32.07 46.54 -40.59
CA GLU A 99 32.36 46.93 -39.21
C GLU A 99 31.57 46.06 -38.21
N ASP A 100 32.10 45.95 -36.99
CA ASP A 100 31.34 45.36 -35.88
C ASP A 100 30.32 46.39 -35.39
N ALA A 101 29.07 46.22 -35.84
CA ALA A 101 28.00 47.20 -35.55
C ALA A 101 26.70 46.51 -35.24
N ALA A 102 25.76 47.29 -34.69
CA ALA A 102 24.46 46.77 -34.32
C ALA A 102 23.81 46.26 -35.59
N PRO A 103 23.30 45.01 -35.57
CA PRO A 103 22.79 44.40 -36.78
C PRO A 103 21.58 45.11 -37.38
N SER A 104 21.37 44.89 -38.68
CA SER A 104 20.23 45.45 -39.43
C SER A 104 19.49 44.46 -40.36
N SER A 105 19.95 43.20 -40.41
CA SER A 105 19.19 42.13 -41.07
C SER A 105 19.20 40.81 -40.27
N THR A 106 18.25 39.95 -40.59
CA THR A 106 18.17 38.60 -40.05
C THR A 106 19.46 37.85 -40.37
N ALA A 107 19.87 37.91 -41.63
CA ALA A 107 21.10 37.28 -42.11
C ALA A 107 22.35 37.70 -41.33
N GLU A 108 22.48 39.00 -41.00
CA GLU A 108 23.61 39.46 -40.16
C GLU A 108 23.47 38.97 -38.71
N ALA A 109 22.24 38.95 -38.23
CA ALA A 109 21.94 38.45 -36.89
C ALA A 109 22.48 37.00 -36.74
N TYR A 110 22.18 36.17 -37.72
CA TYR A 110 22.60 34.78 -37.67
C TYR A 110 24.12 34.63 -37.78
N LEU A 111 24.75 35.45 -38.63
CA LEU A 111 26.22 35.43 -38.80
C LEU A 111 26.93 35.64 -37.48
N LYS A 112 26.50 36.67 -36.76
CA LYS A 112 27.14 37.02 -35.47
C LYS A 112 26.98 35.87 -34.47
N LEU A 113 25.83 35.20 -34.49
CA LEU A 113 25.58 34.08 -33.57
C LEU A 113 26.51 32.93 -33.90
N HIS A 114 26.69 32.71 -35.20
CA HIS A 114 27.65 31.70 -35.68
C HIS A 114 29.06 31.95 -35.18
N LEU A 115 29.51 33.19 -35.22
CA LEU A 115 30.87 33.55 -34.77
C LEU A 115 31.12 33.19 -33.31
N LEU A 116 30.14 33.51 -32.48
CA LEU A 116 30.18 33.11 -31.08
C LEU A 116 30.31 31.59 -30.99
N SER A 117 29.39 30.88 -31.62
CA SER A 117 29.30 29.44 -31.40
C SER A 117 30.42 28.66 -32.06
N HIS A 118 30.92 29.17 -33.20
CA HIS A 118 32.17 28.64 -33.77
C HIS A 118 33.40 28.97 -32.92
N ARG A 119 33.23 29.81 -31.88
CA ARG A 119 34.33 30.28 -31.00
C ARG A 119 35.28 31.30 -31.64
N LEU A 120 34.90 31.87 -32.77
CA LEU A 120 35.75 32.85 -33.44
C LEU A 120 35.82 34.18 -32.66
N VAL A 121 34.78 34.44 -31.86
CA VAL A 121 34.78 35.54 -30.88
C VAL A 121 34.17 35.09 -29.55
N LYS A 122 34.39 35.91 -28.51
CA LYS A 122 33.92 35.60 -27.16
C LYS A 122 32.75 36.50 -26.79
N PRO A 123 32.00 36.10 -25.73
CA PRO A 123 30.89 36.92 -25.26
C PRO A 123 31.30 38.35 -24.92
N HIS A 124 30.45 39.30 -25.31
CA HIS A 124 30.69 40.74 -25.11
C HIS A 124 31.63 41.38 -26.13
N ALA A 125 32.35 40.57 -26.91
CA ALA A 125 33.24 41.07 -27.97
C ALA A 125 32.55 41.33 -29.29
N VAL A 126 31.21 41.39 -29.29
CA VAL A 126 30.47 41.58 -30.55
C VAL A 126 29.16 42.32 -30.30
N ASN A 127 28.76 43.20 -31.23
CA ASN A 127 27.56 44.03 -31.04
C ASN A 127 26.27 43.27 -31.36
N LEU A 128 25.37 43.19 -30.39
CA LEU A 128 24.11 42.44 -30.54
C LEU A 128 22.88 43.28 -30.22
N SER A 129 23.07 44.60 -30.16
CA SER A 129 21.97 45.51 -29.85
C SER A 129 20.79 45.36 -30.85
N GLY A 130 19.58 45.33 -30.32
CA GLY A 130 18.37 45.27 -31.14
C GLY A 130 18.24 44.00 -31.96
N ILE A 131 18.80 42.89 -31.46
CA ILE A 131 18.77 41.62 -32.19
C ILE A 131 17.42 40.93 -32.15
N PHE A 132 16.63 41.16 -31.10
CA PHE A 132 15.35 40.44 -30.96
C PHE A 132 14.39 40.65 -32.12
N PRO A 133 14.06 41.91 -32.44
CA PRO A 133 13.14 42.19 -33.57
C PRO A 133 13.60 41.63 -34.92
N LEU A 134 14.90 41.34 -35.06
CA LEU A 134 15.48 40.79 -36.30
C LEU A 134 15.39 39.24 -36.41
N LEU A 135 15.03 38.60 -35.29
CA LEU A 135 14.91 37.15 -35.22
C LEU A 135 13.41 36.83 -35.14
N PRO A 136 12.83 36.29 -36.22
CA PRO A 136 11.41 36.04 -36.25
C PRO A 136 11.02 34.81 -35.44
N ASN A 137 9.90 34.88 -34.75
CA ASN A 137 9.44 33.70 -34.03
C ASN A 137 9.01 32.62 -35.03
N VAL A 138 9.42 31.39 -34.78
CA VAL A 138 9.39 30.30 -35.78
C VAL A 138 9.22 28.91 -35.16
N ALA A 139 8.52 28.03 -35.87
CA ALA A 139 8.38 26.62 -35.46
C ALA A 139 9.57 25.77 -35.92
N TRP A 140 10.36 25.26 -34.99
CA TRP A 140 11.50 24.41 -35.34
C TRP A 140 11.07 22.94 -35.36
N THR A 141 10.89 22.40 -36.57
CA THR A 141 10.39 21.03 -36.78
C THR A 141 11.47 20.12 -37.37
N ASN A 142 11.21 18.81 -37.41
CA ASN A 142 12.20 17.85 -37.94
C ASN A 142 12.33 17.87 -39.47
N ILE A 143 11.46 18.62 -40.14
CA ILE A 143 11.64 18.94 -41.57
C ILE A 143 12.19 20.35 -41.78
N GLY A 144 12.65 21.01 -40.73
CA GLY A 144 13.26 22.35 -40.83
C GLY A 144 12.45 23.45 -40.17
N ALA A 145 12.86 24.69 -40.43
CA ALA A 145 12.11 25.87 -39.98
C ALA A 145 10.78 26.00 -40.73
N VAL A 146 9.70 26.31 -40.01
CA VAL A 146 8.37 26.50 -40.59
C VAL A 146 7.70 27.75 -40.00
N ASP A 147 7.01 28.50 -40.86
CA ASP A 147 6.31 29.70 -40.41
C ASP A 147 5.11 29.27 -39.62
N LEU A 148 4.85 29.97 -38.51
CA LEU A 148 3.75 29.63 -37.62
C LEU A 148 2.37 29.68 -38.32
N ALA A 149 2.23 30.58 -39.29
CA ALA A 149 0.99 30.72 -40.08
C ALA A 149 0.75 29.59 -41.08
N GLU A 150 1.79 28.81 -41.37
CA GLU A 150 1.72 27.65 -42.27
C GLU A 150 1.77 26.32 -41.52
N LEU A 151 1.85 26.41 -40.19
CA LEU A 151 2.09 25.22 -39.37
C LEU A 151 0.93 24.26 -39.42
N ALA A 152 -0.24 24.71 -38.94
CA ALA A 152 -1.44 23.88 -38.78
C ALA A 152 -1.74 23.00 -40.00
N GLU A 153 -1.70 23.62 -41.17
CA GLU A 153 -1.88 22.91 -42.43
C GLU A 153 -0.86 21.76 -42.57
N LEU A 154 0.41 22.03 -42.31
CA LEU A 154 1.44 20.99 -42.40
C LEU A 154 1.17 19.88 -41.36
N GLN A 155 0.75 20.29 -40.16
CA GLN A 155 0.40 19.36 -39.09
C GLN A 155 -0.73 18.43 -39.56
N LEU A 156 -1.72 19.00 -40.23
CA LEU A 156 -2.88 18.24 -40.69
C LEU A 156 -2.52 17.17 -41.74
N GLU A 157 -1.69 17.54 -42.70
CA GLU A 157 -1.29 16.61 -43.77
C GLU A 157 -0.49 15.42 -43.23
N ALA A 158 0.36 15.69 -42.24
CA ALA A 158 1.15 14.65 -41.57
C ALA A 158 0.23 13.61 -40.93
N ARG A 159 -0.77 14.10 -40.21
CA ARG A 159 -1.74 13.27 -39.49
C ARG A 159 -2.62 12.44 -40.42
N LEU A 160 -2.99 13.03 -41.57
CA LEU A 160 -3.82 12.32 -42.57
C LEU A 160 -3.06 11.16 -43.22
N LYS A 161 -1.74 11.27 -43.27
CA LYS A 161 -0.88 10.16 -43.76
C LYS A 161 -0.46 9.19 -42.61
N GLY A 162 -1.12 9.29 -41.45
CA GLY A 162 -0.82 8.42 -40.30
C GLY A 162 0.51 8.70 -39.61
N LYS A 163 1.08 9.87 -39.92
CA LYS A 163 2.41 10.28 -39.46
C LYS A 163 2.26 11.40 -38.43
N LEU A 164 3.41 11.91 -37.97
CA LEU A 164 3.47 13.05 -37.06
C LEU A 164 4.60 14.01 -37.44
N LEU A 165 4.29 15.29 -37.57
CA LEU A 165 5.32 16.33 -37.74
C LEU A 165 5.83 16.75 -36.36
N GLU A 166 7.08 16.43 -36.04
CA GLU A 166 7.64 16.72 -34.70
C GLU A 166 7.99 18.20 -34.61
N VAL A 167 7.53 18.84 -33.54
CA VAL A 167 7.79 20.27 -33.30
C VAL A 167 8.55 20.39 -31.99
N PHE A 168 9.87 20.59 -32.06
CA PHE A 168 10.68 20.60 -30.83
C PHE A 168 10.90 21.99 -30.16
N SER A 169 10.59 23.08 -30.86
CA SER A 169 10.72 24.43 -30.29
C SER A 169 9.92 25.50 -31.07
N VAL A 170 9.28 26.40 -30.33
CA VAL A 170 8.66 27.60 -30.91
C VAL A 170 9.38 28.84 -30.35
N ASP A 171 10.32 29.40 -31.11
CA ASP A 171 11.22 30.42 -30.55
C ASP A 171 11.93 31.24 -31.62
N LYS A 172 12.44 32.39 -31.20
CA LYS A 172 13.22 33.28 -32.07
C LYS A 172 14.70 32.84 -32.18
N PHE A 173 15.11 31.88 -31.35
CA PHE A 173 16.48 31.32 -31.39
C PHE A 173 16.45 29.79 -31.59
N PRO A 174 17.14 29.29 -32.63
CA PRO A 174 17.27 27.85 -32.73
C PRO A 174 18.28 27.29 -31.73
N LYS A 175 18.29 25.97 -31.53
CA LYS A 175 19.32 25.34 -30.72
C LYS A 175 20.63 25.20 -31.50
N MET A 176 21.75 25.38 -30.79
CA MET A 176 23.10 25.48 -31.40
C MET A 176 23.48 24.30 -32.29
N THR A 177 23.23 23.08 -31.81
CA THR A 177 23.77 21.88 -32.46
C THR A 177 23.12 21.61 -33.83
N ASP A 178 22.08 22.39 -34.16
CA ASP A 178 21.55 22.46 -35.53
C ASP A 178 22.57 23.07 -36.51
N TYR A 179 23.44 23.94 -36.01
CA TYR A 179 24.39 24.69 -36.86
C TYR A 179 25.85 24.31 -36.67
N VAL A 180 26.25 24.08 -35.43
CA VAL A 180 27.61 23.69 -35.13
C VAL A 180 27.70 22.90 -33.82
N VAL A 181 28.74 22.06 -33.75
CA VAL A 181 29.17 21.42 -32.51
C VAL A 181 30.69 21.61 -32.43
N PRO A 182 31.16 22.51 -31.55
CA PRO A 182 32.60 22.78 -31.44
C PRO A 182 33.33 21.61 -30.79
N ALA A 183 34.66 21.62 -30.91
CA ALA A 183 35.50 20.45 -30.59
C ALA A 183 35.75 20.29 -29.09
N GLY A 184 35.74 19.05 -28.63
CA GLY A 184 36.09 18.68 -27.26
C GLY A 184 35.08 19.11 -26.22
N VAL A 185 33.81 18.96 -26.58
CA VAL A 185 32.67 19.41 -25.76
C VAL A 185 31.68 18.27 -25.58
N ARG A 186 30.91 18.29 -24.50
CA ARG A 186 29.79 17.34 -24.28
C ARG A 186 28.49 18.09 -23.95
N ILE A 187 27.41 17.79 -24.64
CA ILE A 187 26.10 18.41 -24.37
C ILE A 187 25.00 17.33 -24.25
N ALA A 188 24.67 17.00 -23.00
CA ALA A 188 23.72 15.92 -22.67
C ALA A 188 22.39 16.05 -23.38
N ASP A 189 21.81 17.24 -23.29
CA ASP A 189 20.55 17.57 -23.94
C ASP A 189 20.84 18.82 -24.76
N THR A 190 20.68 18.72 -26.08
CA THR A 190 21.08 19.78 -26.99
C THR A 190 20.02 20.89 -27.10
N ALA A 191 18.78 20.58 -26.69
CA ALA A 191 17.72 21.60 -26.63
C ALA A 191 18.07 22.78 -25.72
N ARG A 192 18.96 22.56 -24.75
CA ARG A 192 19.24 23.57 -23.72
C ARG A 192 20.44 24.49 -23.99
N VAL A 193 20.92 24.52 -25.23
CA VAL A 193 22.03 25.41 -25.62
C VAL A 193 21.67 26.15 -26.90
N ARG A 194 21.44 27.45 -26.79
CA ARG A 194 21.03 28.27 -27.93
C ARG A 194 22.20 28.61 -28.84
N LEU A 195 21.90 28.85 -30.11
CA LEU A 195 22.90 29.33 -31.05
C LEU A 195 23.31 30.71 -30.57
N GLY A 196 24.62 30.95 -30.50
CA GLY A 196 25.18 32.16 -29.86
C GLY A 196 25.96 31.81 -28.61
N ALA A 197 25.62 30.67 -28.01
CA ALA A 197 26.34 30.12 -26.86
C ALA A 197 27.77 29.83 -27.24
N TYR A 198 28.67 30.07 -26.30
CA TYR A 198 30.10 29.82 -26.47
C TYR A 198 30.45 28.68 -25.53
N ILE A 199 30.64 27.48 -26.06
CA ILE A 199 30.99 26.32 -25.23
C ILE A 199 32.46 25.99 -25.39
N GLY A 200 33.23 26.23 -24.33
CA GLY A 200 34.68 26.06 -24.38
C GLY A 200 35.14 24.62 -24.29
N GLU A 201 36.37 24.39 -24.75
CA GLU A 201 36.97 23.07 -24.85
C GLU A 201 37.16 22.44 -23.48
N GLY A 202 36.63 21.24 -23.32
CA GLY A 202 36.70 20.53 -22.04
C GLY A 202 35.45 20.71 -21.19
N THR A 203 34.44 21.39 -21.73
CA THR A 203 33.19 21.61 -20.98
C THR A 203 32.22 20.42 -21.12
N THR A 204 31.57 20.05 -20.00
CA THR A 204 30.42 19.16 -20.05
C THR A 204 29.17 19.91 -19.59
N VAL A 205 28.21 20.10 -20.49
CA VAL A 205 26.90 20.68 -20.18
C VAL A 205 25.87 19.55 -19.96
N MET A 206 25.50 19.33 -18.71
CA MET A 206 24.61 18.23 -18.37
C MET A 206 23.14 18.58 -18.58
N HIS A 207 22.27 17.59 -18.40
CA HIS A 207 20.83 17.68 -18.74
C HIS A 207 20.13 18.88 -18.10
N GLU A 208 20.47 19.18 -16.85
CA GLU A 208 19.88 20.29 -16.12
C GLU A 208 20.57 21.61 -16.48
N GLY A 209 21.73 21.52 -17.12
CA GLY A 209 22.48 22.69 -17.59
C GLY A 209 21.77 23.43 -18.70
N PHE A 210 22.01 24.74 -18.81
CA PHE A 210 21.41 25.58 -19.85
C PHE A 210 22.40 26.70 -20.18
N VAL A 211 22.57 27.03 -21.48
CA VAL A 211 23.43 28.16 -21.89
C VAL A 211 22.76 29.02 -22.97
N ASN A 212 22.48 30.28 -22.63
CA ASN A 212 21.74 31.20 -23.51
C ASN A 212 22.72 31.82 -24.47
N PHE A 213 22.22 32.65 -25.37
CA PHE A 213 23.08 33.35 -26.33
C PHE A 213 23.98 34.37 -25.65
N ASN A 214 25.08 34.73 -26.34
CA ASN A 214 26.09 35.67 -25.81
C ASN A 214 26.58 35.26 -24.41
N ALA A 215 26.67 33.95 -24.21
CA ALA A 215 27.01 33.41 -22.89
C ALA A 215 27.77 32.12 -23.03
N GLY A 216 28.39 31.66 -21.94
CA GLY A 216 29.07 30.37 -21.97
C GLY A 216 30.33 30.28 -21.12
N THR A 217 31.25 29.40 -21.54
CA THR A 217 32.39 28.97 -20.71
C THR A 217 33.73 29.02 -21.42
N GLU A 218 34.77 29.48 -20.72
CA GLU A 218 36.16 29.45 -21.23
C GLU A 218 36.56 28.01 -21.50
N GLY A 219 36.25 27.10 -20.57
CA GLY A 219 36.58 25.68 -20.68
C GLY A 219 37.93 25.39 -20.04
N PRO A 220 38.09 24.23 -19.37
CA PRO A 220 37.14 23.15 -19.08
C PRO A 220 36.16 23.50 -17.97
N GLY A 221 35.07 22.73 -17.88
CA GLY A 221 34.05 23.00 -16.85
C GLY A 221 32.87 22.04 -16.86
N MET A 222 32.17 21.96 -15.74
CA MET A 222 31.01 21.05 -15.59
C MET A 222 29.78 21.90 -15.28
N ILE A 223 28.87 22.02 -16.26
CA ILE A 223 27.68 22.88 -16.15
C ILE A 223 26.40 22.07 -15.98
N GLU A 224 25.90 22.04 -14.75
CA GLU A 224 24.62 21.37 -14.45
C GLU A 224 23.53 22.41 -14.10
N GLY A 225 23.84 23.69 -14.34
CA GLY A 225 22.96 24.80 -13.99
C GLY A 225 22.82 25.84 -15.10
N ARG A 226 22.20 26.97 -14.76
CA ARG A 226 21.66 27.90 -15.75
C ARG A 226 22.55 29.14 -15.99
N VAL A 227 23.21 29.17 -17.14
CA VAL A 227 24.11 30.28 -17.54
C VAL A 227 23.34 31.29 -18.38
N SER A 228 22.97 32.41 -17.77
CA SER A 228 22.09 33.39 -18.42
C SER A 228 22.81 34.20 -19.49
N ALA A 229 22.02 34.82 -20.36
CA ALA A 229 22.56 35.67 -21.44
C ALA A 229 23.44 36.77 -20.86
N GLY A 230 24.61 36.94 -21.45
CA GLY A 230 25.60 37.92 -20.99
C GLY A 230 26.58 37.41 -19.94
N VAL A 231 26.39 36.16 -19.48
CA VAL A 231 27.24 35.59 -18.44
C VAL A 231 28.34 34.67 -18.99
N PHE A 232 29.58 34.91 -18.58
CA PHE A 232 30.75 34.10 -18.99
C PHE A 232 31.48 33.49 -17.79
N VAL A 233 31.70 32.17 -17.84
CA VAL A 233 32.28 31.40 -16.74
C VAL A 233 33.74 31.02 -17.02
N GLY A 234 34.65 31.37 -16.10
CA GLY A 234 36.09 31.15 -16.28
C GLY A 234 36.53 29.69 -16.20
N LYS A 235 37.81 29.45 -16.53
CA LYS A 235 38.31 28.08 -16.65
C LYS A 235 38.27 27.32 -15.33
N GLY A 236 37.84 26.07 -15.38
CA GLY A 236 37.89 25.15 -14.23
C GLY A 236 36.73 25.21 -13.25
N SER A 237 35.81 26.15 -13.45
CA SER A 237 34.68 26.31 -12.54
C SER A 237 33.63 25.20 -12.73
N ASP A 238 32.95 24.83 -11.64
CA ASP A 238 31.81 23.90 -11.69
C ASP A 238 30.53 24.57 -11.22
N LEU A 239 29.48 24.40 -12.03
CA LEU A 239 28.15 24.91 -11.72
C LEU A 239 27.24 23.73 -11.38
N GLY A 240 26.82 23.65 -10.13
CA GLY A 240 26.03 22.52 -9.64
C GLY A 240 24.57 22.47 -10.11
N GLY A 241 23.96 21.31 -9.91
CA GLY A 241 22.61 21.03 -10.41
C GLY A 241 21.55 22.04 -10.03
N GLY A 242 20.97 22.68 -11.04
CA GLY A 242 19.86 23.63 -10.80
C GLY A 242 20.29 24.92 -10.11
N CYS A 243 21.55 25.27 -10.24
CA CYS A 243 22.04 26.53 -9.71
C CYS A 243 21.70 27.60 -10.74
N SER A 244 21.69 28.85 -10.31
CA SER A 244 21.25 29.95 -11.16
C SER A 244 22.24 31.13 -11.24
N THR A 245 22.18 31.83 -12.37
CA THR A 245 22.85 33.12 -12.54
C THR A 245 21.77 34.07 -13.08
N MET A 246 21.77 35.33 -12.64
CA MET A 246 20.64 36.23 -12.97
C MET A 246 20.82 36.87 -14.34
N GLY A 247 19.74 37.43 -14.88
CA GLY A 247 19.76 38.08 -16.18
C GLY A 247 19.93 39.59 -16.14
N THR A 248 20.44 40.11 -17.25
CA THR A 248 20.64 41.55 -17.42
C THR A 248 19.35 42.14 -17.97
N LEU A 249 18.48 41.26 -18.46
CA LEU A 249 17.29 41.64 -19.22
C LEU A 249 16.09 41.93 -18.29
N ASN A 254 22.67 48.60 -13.51
CA ASN A 254 22.73 47.16 -13.29
C ASN A 254 24.17 46.65 -13.47
N ILE A 255 24.40 45.40 -13.10
CA ILE A 255 25.71 44.75 -13.26
C ILE A 255 25.61 43.51 -14.14
N VAL A 256 26.68 43.24 -14.88
CA VAL A 256 26.83 41.99 -15.61
C VAL A 256 27.44 40.96 -14.67
N ILE A 257 26.83 39.77 -14.61
CA ILE A 257 27.36 38.68 -13.80
C ILE A 257 28.44 37.93 -14.59
N SER A 258 29.54 37.61 -13.90
CA SER A 258 30.59 36.74 -14.45
C SER A 258 31.10 35.82 -13.36
N VAL A 259 31.75 34.72 -13.75
CA VAL A 259 32.26 33.72 -12.79
C VAL A 259 33.73 33.44 -13.07
N GLY A 260 34.56 33.49 -12.03
CA GLY A 260 36.01 33.44 -12.18
C GLY A 260 36.56 32.07 -12.53
N GLU A 261 37.86 31.89 -12.38
CA GLU A 261 38.50 30.60 -12.56
C GLU A 261 38.39 29.79 -11.25
N GLY A 262 38.25 28.48 -11.39
CA GLY A 262 38.29 27.57 -10.25
C GLY A 262 37.17 27.66 -9.21
N CYS A 263 36.03 28.25 -9.59
CA CYS A 263 34.91 28.42 -8.67
C CYS A 263 34.07 27.14 -8.53
N LEU A 264 33.25 27.10 -7.50
CA LEU A 264 32.35 25.98 -7.24
C LEU A 264 31.01 26.50 -6.73
N ILE A 265 30.00 26.50 -7.60
CA ILE A 265 28.63 26.85 -7.21
C ILE A 265 27.82 25.59 -6.87
N GLY A 266 27.22 25.59 -5.68
CA GLY A 266 26.46 24.42 -5.19
C GLY A 266 25.12 24.23 -5.87
N ALA A 267 24.60 23.01 -5.76
CA ALA A 267 23.31 22.61 -6.31
C ALA A 267 22.19 23.46 -5.72
N ASN A 268 21.29 23.92 -6.59
CA ASN A 268 20.17 24.78 -6.20
C ASN A 268 20.55 26.18 -5.64
N ALA A 269 21.84 26.52 -5.67
CA ALA A 269 22.29 27.86 -5.23
C ALA A 269 22.02 28.89 -6.32
N GLY A 270 22.41 30.13 -6.08
CA GLY A 270 22.23 31.20 -7.07
C GLY A 270 23.05 32.46 -6.83
N ILE A 271 23.62 33.01 -7.90
CA ILE A 271 24.43 34.23 -7.78
C ILE A 271 23.89 35.45 -8.53
N GLY A 272 23.61 36.51 -7.77
CA GLY A 272 23.25 37.83 -8.31
C GLY A 272 24.39 38.83 -8.28
N ILE A 273 25.63 38.34 -8.15
CA ILE A 273 26.83 39.18 -8.22
C ILE A 273 27.94 38.45 -8.96
N PRO A 274 28.91 39.20 -9.51
CA PRO A 274 30.07 38.57 -10.15
C PRO A 274 31.03 37.99 -9.13
N LEU A 275 31.39 36.72 -9.32
CA LEU A 275 32.30 36.02 -8.40
C LEU A 275 33.73 36.07 -8.91
N GLY A 276 34.67 36.21 -7.99
CA GLY A 276 36.09 36.22 -8.34
C GLY A 276 36.63 34.82 -8.52
N ASP A 277 37.95 34.71 -8.70
CA ASP A 277 38.63 33.42 -8.86
C ASP A 277 38.54 32.61 -7.57
N ARG A 278 38.37 31.29 -7.71
CA ARG A 278 38.37 30.34 -6.58
C ARG A 278 37.27 30.56 -5.50
N ASN A 279 36.17 31.21 -5.88
CA ASN A 279 35.02 31.39 -4.95
C ASN A 279 34.16 30.14 -4.79
N ILE A 280 33.56 29.98 -3.62
CA ILE A 280 32.66 28.86 -3.34
C ILE A 280 31.31 29.36 -2.80
N VAL A 281 30.22 29.00 -3.48
CA VAL A 281 28.86 29.23 -2.97
C VAL A 281 28.22 27.91 -2.54
N GLU A 282 27.79 27.86 -1.28
CA GLU A 282 27.20 26.65 -0.68
C GLU A 282 25.88 26.27 -1.35
N ALA A 283 25.58 24.97 -1.33
CA ALA A 283 24.34 24.44 -1.90
C ALA A 283 23.12 25.04 -1.22
N GLY A 284 22.13 25.41 -2.02
CA GLY A 284 20.85 25.93 -1.50
C GLY A 284 20.87 27.40 -1.11
N LEU A 285 21.97 28.10 -1.44
CA LEU A 285 22.17 29.48 -1.02
C LEU A 285 22.01 30.44 -2.20
N TYR A 286 21.07 31.39 -2.09
CA TYR A 286 20.95 32.44 -3.10
C TYR A 286 21.50 33.76 -2.55
N ILE A 287 22.55 34.29 -3.17
CA ILE A 287 23.15 35.58 -2.76
C ILE A 287 22.98 36.68 -3.84
N THR A 288 22.39 37.79 -3.43
CA THR A 288 22.13 38.93 -4.33
C THR A 288 23.03 40.11 -3.97
N ALA A 289 22.94 41.19 -4.75
CA ALA A 289 23.78 42.37 -4.55
C ALA A 289 23.49 43.10 -3.24
N GLY A 290 22.21 43.14 -2.85
CA GLY A 290 21.78 43.80 -1.61
C GLY A 290 21.75 42.92 -0.38
N THR A 291 22.15 41.66 -0.53
CA THR A 291 22.17 40.74 0.61
C THR A 291 23.23 41.14 1.63
N LYS A 292 22.80 41.30 2.88
CA LYS A 292 23.73 41.59 3.98
C LYS A 292 24.47 40.31 4.36
N VAL A 293 25.81 40.36 4.27
CA VAL A 293 26.67 39.20 4.52
C VAL A 293 27.57 39.44 5.73
N ALA A 294 27.86 38.37 6.47
CA ALA A 294 28.74 38.41 7.64
C ALA A 294 30.16 37.95 7.28
N LEU A 295 31.07 38.91 7.16
CA LEU A 295 32.46 38.64 6.77
C LEU A 295 33.26 38.04 7.95
N LEU A 296 34.08 37.03 7.68
CA LEU A 296 34.81 36.28 8.72
C LEU A 296 36.30 36.08 8.38
N ASP A 297 37.13 35.92 9.41
CA ASP A 297 38.59 35.87 9.26
C ASP A 297 39.19 34.46 9.28
N ASN A 300 37.17 31.71 12.47
CA ASN A 300 35.87 32.10 11.92
C ASN A 300 35.21 33.18 12.78
N ALA A 301 35.99 34.23 13.04
CA ALA A 301 35.54 35.35 13.86
C ALA A 301 34.93 36.43 12.99
N LEU A 302 33.80 36.98 13.44
CA LEU A 302 33.10 38.06 12.74
C LEU A 302 33.98 39.32 12.65
N VAL A 303 34.34 39.71 11.43
CA VAL A 303 35.09 40.96 11.23
C VAL A 303 34.15 42.15 11.10
N LYS A 304 33.20 42.06 10.18
CA LYS A 304 32.19 43.09 9.99
C LYS A 304 31.05 42.54 9.14
N VAL A 305 30.05 43.37 8.89
CA VAL A 305 28.92 42.99 8.04
C VAL A 305 28.80 43.96 6.88
N VAL A 306 28.96 43.44 5.66
CA VAL A 306 28.91 44.25 4.44
C VAL A 306 27.79 43.75 3.54
N LYS A 307 27.58 44.43 2.40
CA LYS A 307 26.64 44.00 1.37
C LYS A 307 27.38 43.31 0.23
N ALA A 308 26.90 42.14 -0.18
CA ALA A 308 27.58 41.29 -1.17
C ALA A 308 28.25 42.07 -2.31
N ARG A 309 27.54 43.05 -2.87
CA ARG A 309 28.07 43.88 -3.96
C ARG A 309 29.47 44.45 -3.66
N ASP A 310 29.75 44.66 -2.37
CA ASP A 310 31.08 45.11 -1.92
C ASP A 310 32.15 43.99 -1.93
N LEU A 311 31.72 42.76 -2.16
CA LEU A 311 32.61 41.60 -2.23
C LEU A 311 32.63 40.96 -3.62
N ALA A 312 32.18 41.72 -4.62
CA ALA A 312 32.02 41.21 -5.97
C ALA A 312 33.31 41.39 -6.76
N GLY A 313 33.80 40.30 -7.33
CA GLY A 313 35.01 40.31 -8.12
C GLY A 313 36.27 40.00 -7.31
N GLN A 314 36.10 39.64 -6.03
CA GLN A 314 37.23 39.37 -5.13
C GLN A 314 37.42 37.85 -4.95
N PRO A 315 38.67 37.40 -4.75
CA PRO A 315 38.96 35.96 -4.76
C PRO A 315 38.82 35.25 -3.41
N ASP A 316 39.03 33.93 -3.44
CA ASP A 316 39.19 33.06 -2.25
C ASP A 316 38.12 33.15 -1.13
N LEU A 317 36.92 33.59 -1.48
CA LEU A 317 35.81 33.68 -0.51
C LEU A 317 35.18 32.29 -0.26
N LEU A 318 34.32 32.21 0.74
CA LEU A 318 33.46 31.04 0.94
C LEU A 318 32.10 31.48 1.50
N PHE A 319 31.12 31.63 0.62
CA PHE A 319 29.77 32.02 1.00
C PHE A 319 28.99 30.75 1.39
N ARG A 320 28.75 30.58 2.69
CA ARG A 320 27.87 29.51 3.18
C ARG A 320 26.68 30.16 3.86
N ARG A 321 25.80 29.35 4.46
CA ARG A 321 24.75 29.85 5.34
C ARG A 321 24.73 29.09 6.67
N ASN A 322 24.98 29.82 7.76
CA ASN A 322 24.95 29.27 9.13
C ASN A 322 23.68 28.46 9.31
N SER A 323 23.83 27.16 9.54
CA SER A 323 22.68 26.26 9.79
C SER A 323 21.96 26.59 11.11
N GLN A 324 22.72 26.99 12.12
CA GLN A 324 22.19 27.20 13.47
C GLN A 324 21.29 28.43 13.62
N ASN A 325 21.70 29.58 13.08
CA ASN A 325 20.85 30.80 13.12
C ASN A 325 20.56 31.49 11.77
N GLY A 326 20.90 30.82 10.67
CA GLY A 326 20.53 31.30 9.33
C GLY A 326 21.29 32.51 8.83
N ALA A 327 22.34 32.92 9.54
CA ALA A 327 23.11 34.10 9.15
C ALA A 327 23.96 33.79 7.92
N VAL A 328 23.91 34.68 6.93
CA VAL A 328 24.67 34.52 5.71
C VAL A 328 26.11 34.96 5.96
N GLU A 329 27.03 33.99 5.89
CA GLU A 329 28.43 34.23 6.21
C GLU A 329 29.32 34.26 4.97
N CYS A 330 30.55 34.75 5.14
CA CYS A 330 31.56 34.75 4.08
C CYS A 330 32.94 34.57 4.70
N LYS A 331 33.40 33.32 4.78
CA LYS A 331 34.69 33.00 5.40
C LYS A 331 35.84 33.14 4.40
N THR A 332 37.06 33.24 4.92
CA THR A 332 38.25 33.36 4.09
C THR A 332 39.35 32.43 4.60
N GLN B 6 33.64 -23.44 -17.36
CA GLN B 6 32.94 -22.73 -16.25
C GLN B 6 31.61 -22.10 -16.71
N SER B 7 30.79 -21.71 -15.73
CA SER B 7 29.56 -20.95 -15.97
C SER B 7 29.86 -19.48 -16.24
N LEU B 8 29.41 -18.95 -17.37
CA LEU B 8 29.62 -17.55 -17.73
C LEU B 8 28.74 -16.62 -16.91
N PHE B 9 29.23 -15.40 -16.71
CA PHE B 9 28.46 -14.33 -16.06
C PHE B 9 27.34 -13.84 -16.96
N SER B 10 27.67 -13.52 -18.20
CA SER B 10 26.70 -12.97 -19.16
C SER B 10 27.13 -13.28 -20.57
N LEU B 11 26.18 -13.24 -21.50
CA LEU B 11 26.50 -13.21 -22.94
C LEU B 11 25.39 -12.49 -23.69
N ALA B 12 25.72 -11.90 -24.82
CA ALA B 12 24.73 -11.23 -25.67
C ALA B 12 25.26 -11.07 -27.08
N PHE B 13 24.35 -11.12 -28.05
CA PHE B 13 24.69 -10.91 -29.46
C PHE B 13 24.25 -9.52 -29.91
N GLY B 14 25.20 -8.76 -30.46
CA GLY B 14 24.95 -7.35 -30.71
C GLY B 14 25.00 -6.95 -32.17
N VAL B 15 24.20 -5.95 -32.53
CA VAL B 15 24.40 -5.16 -33.74
C VAL B 15 24.77 -3.71 -33.36
N GLY B 16 25.85 -3.21 -33.95
CA GLY B 16 26.37 -1.87 -33.58
C GLY B 16 26.60 -0.92 -34.74
N THR B 17 27.25 0.22 -34.44
CA THR B 17 27.70 1.15 -35.48
C THR B 17 29.19 1.43 -35.28
N GLN B 18 29.89 1.71 -36.38
CA GLN B 18 31.34 1.99 -36.38
C GLN B 18 31.67 3.22 -37.23
N ASN B 19 32.72 3.95 -36.84
CA ASN B 19 33.22 5.08 -37.65
C ASN B 19 34.08 4.58 -38.84
N ARG B 20 34.65 5.51 -39.62
CA ARG B 20 35.51 5.12 -40.74
C ARG B 20 36.78 4.37 -40.32
N GLN B 21 37.24 4.61 -39.10
CA GLN B 21 38.48 4.00 -38.59
C GLN B 21 38.20 2.68 -37.85
N GLU B 22 37.00 2.13 -38.04
CA GLU B 22 36.57 0.84 -37.47
C GLU B 22 36.50 0.76 -35.94
N ALA B 23 36.53 1.91 -35.28
CA ALA B 23 36.29 1.99 -33.85
C ALA B 23 34.80 1.92 -33.62
N TRP B 24 34.38 1.27 -32.53
CA TRP B 24 32.96 1.08 -32.22
C TRP B 24 32.39 2.28 -31.44
N LEU B 25 31.26 2.81 -31.91
CA LEU B 25 30.58 3.94 -31.25
C LEU B 25 29.48 3.48 -30.29
N GLU B 26 28.74 2.43 -30.67
CA GLU B 26 27.66 1.88 -29.83
C GLU B 26 27.20 0.48 -30.26
N VAL B 27 26.65 -0.28 -29.31
CA VAL B 27 26.12 -1.61 -29.59
C VAL B 27 24.69 -1.75 -29.07
N PHE B 28 23.81 -2.33 -29.88
CA PHE B 28 22.43 -2.63 -29.45
C PHE B 28 22.28 -4.14 -29.22
N TYR B 29 21.81 -4.52 -28.04
CA TYR B 29 21.57 -5.95 -27.68
C TYR B 29 20.08 -6.19 -27.41
N ALA B 30 19.42 -6.85 -28.34
CA ALA B 30 17.97 -7.10 -28.26
C ALA B 30 17.54 -7.95 -27.09
N LEU B 31 18.33 -8.97 -26.78
CA LEU B 31 18.00 -9.93 -25.70
C LEU B 31 19.28 -10.38 -24.96
N PRO B 32 19.77 -9.54 -24.04
CA PRO B 32 20.95 -9.89 -23.25
C PRO B 32 20.65 -10.91 -22.17
N LEU B 33 21.60 -11.79 -21.92
CA LEU B 33 21.43 -12.91 -20.99
C LEU B 33 22.34 -12.84 -19.78
N LEU B 34 21.73 -12.82 -18.60
CA LEU B 34 22.45 -12.99 -17.32
C LEU B 34 22.59 -14.49 -17.02
N LYS B 35 23.81 -14.92 -16.72
CA LYS B 35 24.10 -16.31 -16.37
C LYS B 35 23.50 -17.32 -17.36
N PRO B 36 23.97 -17.26 -18.62
CA PRO B 36 23.46 -18.18 -19.65
C PRO B 36 23.86 -19.60 -19.35
N SER B 37 23.00 -20.54 -19.76
CA SER B 37 23.23 -21.95 -19.49
C SER B 37 24.43 -22.45 -20.29
N SER B 38 25.17 -23.39 -19.72
CA SER B 38 26.32 -24.04 -20.37
C SER B 38 25.99 -24.66 -21.73
N GLU B 39 24.72 -24.99 -21.93
CA GLU B 39 24.23 -25.51 -23.20
C GLU B 39 24.45 -24.47 -24.30
N ILE B 40 23.99 -23.25 -24.04
CA ILE B 40 24.13 -22.16 -25.01
C ILE B 40 25.60 -21.87 -25.31
N VAL B 41 26.42 -21.80 -24.26
CA VAL B 41 27.85 -21.51 -24.38
C VAL B 41 28.56 -22.57 -25.21
N ALA B 42 28.30 -23.85 -24.91
CA ALA B 42 28.93 -24.99 -25.58
C ALA B 42 28.67 -25.01 -27.09
N ALA B 43 27.46 -24.61 -27.47
CA ALA B 43 27.06 -24.57 -28.88
C ALA B 43 27.66 -23.37 -29.63
N VAL B 44 27.98 -22.31 -28.90
CA VAL B 44 28.39 -21.04 -29.49
C VAL B 44 29.92 -20.88 -29.57
N ALA B 45 30.63 -21.41 -28.58
CA ALA B 45 32.06 -21.14 -28.38
C ALA B 45 32.96 -21.54 -29.56
N PRO B 46 32.75 -22.74 -30.13
CA PRO B 46 33.60 -23.20 -31.22
C PRO B 46 33.49 -22.36 -32.50
N ILE B 47 32.28 -21.89 -32.82
CA ILE B 47 32.04 -21.11 -34.03
C ILE B 47 32.59 -19.69 -33.92
N LEU B 48 32.64 -19.18 -32.70
CA LEU B 48 33.12 -17.83 -32.44
C LEU B 48 34.62 -17.78 -32.22
N GLY B 49 35.17 -18.86 -31.67
CA GLY B 49 36.57 -18.93 -31.26
C GLY B 49 36.76 -18.40 -29.85
N TYR B 50 35.84 -18.77 -28.96
CA TYR B 50 35.94 -18.39 -27.55
C TYR B 50 36.50 -19.54 -26.72
N ALA B 51 37.58 -19.26 -26.00
CA ALA B 51 38.21 -20.21 -25.11
C ALA B 51 37.94 -19.84 -23.64
N ALA B 52 38.25 -18.59 -23.29
CA ALA B 52 38.19 -18.16 -21.89
C ALA B 52 38.07 -16.65 -21.72
N GLY B 53 37.81 -16.25 -20.48
CA GLY B 53 37.86 -14.85 -20.08
C GLY B 53 36.69 -14.02 -20.56
N ASN B 54 36.95 -12.71 -20.70
CA ASN B 54 35.95 -11.75 -21.12
C ASN B 54 36.31 -11.18 -22.47
N GLN B 55 35.54 -11.55 -23.49
CA GLN B 55 35.87 -11.27 -24.90
C GLN B 55 34.78 -10.51 -25.68
N ALA B 56 35.21 -9.62 -26.57
CA ALA B 56 34.32 -8.97 -27.54
C ALA B 56 34.66 -9.47 -28.96
N LEU B 57 33.93 -10.48 -29.41
CA LEU B 57 34.27 -11.22 -30.64
C LEU B 57 33.39 -10.84 -31.83
N THR B 58 33.97 -10.11 -32.79
CA THR B 58 33.23 -9.69 -33.97
C THR B 58 33.02 -10.88 -34.87
N PHE B 59 31.76 -11.19 -35.15
CA PHE B 59 31.43 -12.29 -36.01
C PHE B 59 30.71 -11.81 -37.27
N THR B 60 30.80 -12.63 -38.30
CA THR B 60 30.42 -12.26 -39.64
C THR B 60 28.97 -12.64 -39.88
N SER B 61 28.41 -12.20 -41.01
CA SER B 61 27.05 -12.54 -41.38
C SER B 61 26.87 -14.07 -41.51
N GLN B 62 27.87 -14.75 -42.09
CA GLN B 62 27.85 -16.22 -42.21
C GLN B 62 27.85 -16.96 -40.88
N GLN B 63 28.66 -16.48 -39.94
CA GLN B 63 28.71 -17.06 -38.60
C GLN B 63 27.37 -16.89 -37.89
N ALA B 64 26.67 -15.81 -38.21
CA ALA B 64 25.35 -15.54 -37.64
C ALA B 64 24.42 -16.71 -37.92
N TYR B 65 24.28 -17.03 -39.21
CA TYR B 65 23.48 -18.19 -39.66
C TYR B 65 23.91 -19.48 -38.99
N GLN B 66 25.23 -19.71 -38.95
CA GLN B 66 25.79 -20.88 -38.27
C GLN B 66 25.32 -20.93 -36.82
N LEU B 67 25.51 -19.82 -36.10
CA LEU B 67 25.14 -19.72 -34.69
C LEU B 67 23.64 -19.97 -34.54
N ALA B 68 22.86 -19.32 -35.40
CA ALA B 68 21.42 -19.46 -35.41
C ALA B 68 21.02 -20.92 -35.45
N ASP B 69 21.69 -21.67 -36.32
CA ASP B 69 21.38 -23.08 -36.56
C ASP B 69 21.75 -23.94 -35.34
N ALA B 70 22.93 -23.72 -34.80
CA ALA B 70 23.41 -24.45 -33.63
C ALA B 70 22.40 -24.42 -32.47
N LEU B 71 21.81 -23.25 -32.21
CA LEU B 71 20.96 -23.04 -31.03
C LEU B 71 19.51 -23.51 -31.15
N LYS B 72 19.08 -23.92 -32.35
CA LYS B 72 17.76 -24.57 -32.49
C LYS B 72 17.73 -25.81 -31.61
N GLY B 73 16.66 -25.96 -30.84
CA GLY B 73 16.53 -27.08 -29.91
C GLY B 73 17.02 -26.74 -28.52
N ILE B 74 17.99 -25.84 -28.46
CA ILE B 74 18.61 -25.41 -27.20
C ILE B 74 17.91 -24.16 -26.66
N ASP B 75 17.75 -23.15 -27.53
CA ASP B 75 17.10 -21.88 -27.16
C ASP B 75 16.54 -21.18 -28.40
N ALA B 76 15.22 -21.24 -28.57
CA ALA B 76 14.55 -20.73 -29.78
C ALA B 76 14.66 -19.19 -29.95
N ALA B 77 14.41 -18.46 -28.88
CA ALA B 77 14.42 -16.99 -28.93
C ALA B 77 15.75 -16.40 -29.44
N GLN B 78 16.86 -16.95 -28.96
CA GLN B 78 18.19 -16.54 -29.41
C GLN B 78 18.47 -16.96 -30.86
N SER B 79 17.99 -18.16 -31.21
CA SER B 79 18.14 -18.69 -32.57
C SER B 79 17.47 -17.76 -33.58
N ALA B 80 16.19 -17.46 -33.32
CA ALA B 80 15.38 -16.55 -34.14
C ALA B 80 16.05 -15.19 -34.32
N LEU B 81 16.59 -14.65 -33.23
CA LEU B 81 17.28 -13.35 -33.25
C LEU B 81 18.47 -13.39 -34.20
N LEU B 82 19.31 -14.40 -34.06
CA LEU B 82 20.51 -14.54 -34.90
C LEU B 82 20.21 -14.60 -36.40
N SER B 83 19.08 -15.19 -36.77
CA SER B 83 18.65 -15.25 -38.18
C SER B 83 18.36 -13.85 -38.73
N ARG B 84 17.76 -12.99 -37.89
CA ARG B 84 17.55 -11.57 -38.26
C ARG B 84 18.88 -10.83 -38.35
N LEU B 85 19.76 -11.11 -37.40
CA LEU B 85 21.09 -10.50 -37.36
C LEU B 85 21.91 -10.86 -38.60
N ALA B 86 21.71 -12.07 -39.12
CA ALA B 86 22.38 -12.51 -40.33
C ALA B 86 22.08 -11.61 -41.54
N GLU B 87 20.89 -11.04 -41.58
CA GLU B 87 20.45 -10.25 -42.74
C GLU B 87 20.97 -8.80 -42.69
N SER B 88 21.40 -8.37 -41.51
CA SER B 88 21.61 -6.95 -41.21
C SER B 88 22.58 -6.18 -42.10
N GLN B 89 22.42 -4.85 -42.08
CA GLN B 89 23.26 -3.92 -42.83
C GLN B 89 24.53 -3.54 -42.04
N LYS B 90 24.41 -3.53 -40.71
CA LYS B 90 25.47 -3.10 -39.77
C LYS B 90 26.28 -4.27 -39.19
N PRO B 91 27.52 -3.99 -38.68
CA PRO B 91 28.40 -5.03 -38.14
C PRO B 91 27.90 -5.66 -36.84
N LEU B 92 28.32 -6.90 -36.59
CA LEU B 92 27.86 -7.70 -35.44
C LEU B 92 29.00 -8.02 -34.47
N VAL B 93 28.63 -8.20 -33.20
CA VAL B 93 29.58 -8.54 -32.15
C VAL B 93 28.92 -9.39 -31.03
N ALA B 94 29.59 -10.48 -30.67
CA ALA B 94 29.19 -11.32 -29.55
C ALA B 94 30.10 -11.02 -28.39
N THR B 95 29.53 -10.65 -27.24
CA THR B 95 30.35 -10.39 -26.08
C THR B 95 30.02 -11.42 -25.02
N LEU B 96 31.02 -12.23 -24.67
CA LEU B 96 30.89 -13.27 -23.64
C LEU B 96 31.74 -12.86 -22.42
N LEU B 97 31.08 -12.79 -21.27
CA LEU B 97 31.72 -12.38 -20.03
C LEU B 97 31.77 -13.54 -19.05
N ALA B 98 32.97 -14.08 -18.82
CA ALA B 98 33.17 -15.23 -17.92
C ALA B 98 33.08 -14.86 -16.45
N GLU B 99 33.36 -13.59 -16.15
CA GLU B 99 33.31 -13.10 -14.78
C GLU B 99 32.73 -11.68 -14.74
N ASP B 100 32.17 -11.31 -13.60
CA ASP B 100 31.82 -9.90 -13.35
C ASP B 100 33.12 -9.17 -13.02
N ALA B 101 33.64 -8.43 -13.99
CA ALA B 101 34.92 -7.74 -13.81
C ALA B 101 34.91 -6.38 -14.50
N ALA B 102 35.90 -5.56 -14.15
CA ALA B 102 36.06 -4.21 -14.70
C ALA B 102 36.18 -4.37 -16.20
N PRO B 103 35.38 -3.60 -16.97
CA PRO B 103 35.32 -3.80 -18.42
C PRO B 103 36.61 -3.45 -19.14
N SER B 104 36.77 -4.04 -20.33
CA SER B 104 37.94 -3.81 -21.17
C SER B 104 37.64 -3.56 -22.67
N SER B 105 36.36 -3.52 -23.05
CA SER B 105 35.96 -3.08 -24.38
C SER B 105 34.69 -2.24 -24.34
N THR B 106 34.48 -1.45 -25.39
CA THR B 106 33.24 -0.70 -25.59
C THR B 106 32.05 -1.64 -25.56
N ALA B 107 32.13 -2.74 -26.32
CA ALA B 107 31.06 -3.74 -26.38
C ALA B 107 30.67 -4.27 -25.01
N GLU B 108 31.64 -4.57 -24.15
CA GLU B 108 31.35 -5.06 -22.78
C GLU B 108 30.73 -3.94 -21.94
N ALA B 109 31.21 -2.72 -22.14
CA ALA B 109 30.65 -1.54 -21.48
C ALA B 109 29.13 -1.43 -21.75
N TYR B 110 28.75 -1.57 -23.02
CA TYR B 110 27.36 -1.46 -23.40
C TYR B 110 26.53 -2.63 -22.85
N LEU B 111 27.08 -3.85 -22.84
CA LEU B 111 26.37 -5.03 -22.31
C LEU B 111 25.96 -4.82 -20.86
N LYS B 112 26.91 -4.38 -20.05
CA LYS B 112 26.66 -4.14 -18.63
C LYS B 112 25.57 -3.09 -18.40
N LEU B 113 25.54 -2.07 -19.25
CA LEU B 113 24.53 -1.02 -19.16
C LEU B 113 23.16 -1.58 -19.50
N HIS B 114 23.14 -2.44 -20.50
CA HIS B 114 21.92 -3.14 -20.88
C HIS B 114 21.33 -3.96 -19.72
N LEU B 115 22.18 -4.68 -19.01
CA LEU B 115 21.75 -5.52 -17.88
C LEU B 115 21.03 -4.70 -16.81
N LEU B 116 21.65 -3.59 -16.44
CA LEU B 116 21.03 -2.65 -15.53
C LEU B 116 19.65 -2.27 -16.03
N SER B 117 19.58 -1.78 -17.25
CA SER B 117 18.36 -1.16 -17.77
C SER B 117 17.28 -2.19 -18.09
N HIS B 118 17.67 -3.38 -18.54
CA HIS B 118 16.72 -4.49 -18.64
C HIS B 118 16.26 -5.03 -17.29
N ARG B 119 16.82 -4.47 -16.20
CA ARG B 119 16.54 -4.90 -14.80
C ARG B 119 17.07 -6.29 -14.43
N LEU B 120 17.98 -6.85 -15.23
CA LEU B 120 18.55 -8.16 -14.90
C LEU B 120 19.46 -8.09 -13.67
N VAL B 121 20.04 -6.92 -13.42
CA VAL B 121 20.80 -6.65 -12.19
C VAL B 121 20.46 -5.27 -11.63
N LYS B 122 20.83 -5.05 -10.36
CA LYS B 122 20.55 -3.78 -9.67
C LYS B 122 21.81 -2.93 -9.53
N PRO B 123 21.63 -1.61 -9.27
CA PRO B 123 22.77 -0.72 -9.06
C PRO B 123 23.71 -1.23 -7.95
N HIS B 124 25.02 -1.09 -8.21
CA HIS B 124 26.11 -1.58 -7.34
C HIS B 124 26.37 -3.09 -7.40
N ALA B 125 25.49 -3.84 -8.05
CA ALA B 125 25.69 -5.31 -8.24
C ALA B 125 26.50 -5.65 -9.49
N VAL B 126 27.20 -4.69 -10.07
CA VAL B 126 28.00 -4.95 -11.29
C VAL B 126 29.21 -4.02 -11.37
N ASN B 127 30.33 -4.51 -11.88
CA ASN B 127 31.59 -3.74 -11.90
C ASN B 127 31.63 -2.80 -13.08
N LEU B 128 31.77 -1.50 -12.78
CA LEU B 128 31.79 -0.46 -13.82
C LEU B 128 33.06 0.42 -13.75
N SER B 129 34.08 -0.07 -13.07
CA SER B 129 35.31 0.68 -12.92
C SER B 129 35.96 0.97 -14.28
N GLY B 130 36.41 2.21 -14.49
CA GLY B 130 37.09 2.62 -15.73
C GLY B 130 36.24 2.58 -16.99
N ILE B 131 34.93 2.76 -16.82
CA ILE B 131 33.98 2.74 -17.93
C ILE B 131 34.04 3.98 -18.85
N PHE B 132 34.40 5.14 -18.29
CA PHE B 132 34.38 6.38 -19.07
C PHE B 132 35.27 6.34 -20.32
N PRO B 133 36.58 6.04 -20.18
CA PRO B 133 37.47 5.96 -21.35
C PRO B 133 37.07 4.93 -22.41
N LEU B 134 36.21 3.97 -22.05
CA LEU B 134 35.71 2.97 -23.00
C LEU B 134 34.46 3.42 -23.78
N LEU B 135 33.88 4.55 -23.36
CA LEU B 135 32.66 5.08 -23.99
C LEU B 135 33.06 6.33 -24.77
N PRO B 136 33.12 6.24 -26.10
CA PRO B 136 33.59 7.36 -26.91
C PRO B 136 32.56 8.47 -27.01
N ASN B 137 33.02 9.72 -26.96
CA ASN B 137 32.09 10.83 -27.10
C ASN B 137 31.58 10.87 -28.53
N VAL B 138 30.26 11.05 -28.70
CA VAL B 138 29.58 10.79 -29.97
C VAL B 138 28.37 11.70 -30.17
N ALA B 139 28.05 12.01 -31.42
CA ALA B 139 26.83 12.75 -31.78
C ALA B 139 25.63 11.83 -31.97
N TRP B 140 24.62 11.97 -31.11
CA TRP B 140 23.40 11.13 -31.24
C TRP B 140 22.33 11.84 -32.09
N THR B 141 22.21 11.39 -33.34
CA THR B 141 21.35 12.03 -34.36
C THR B 141 20.18 11.13 -34.74
N ASN B 142 19.19 11.68 -35.43
CA ASN B 142 17.98 10.90 -35.76
C ASN B 142 18.24 9.85 -36.83
N ILE B 143 19.41 9.90 -37.46
CA ILE B 143 19.88 8.82 -38.35
C ILE B 143 20.87 7.86 -37.66
N GLY B 144 21.02 8.01 -36.34
CA GLY B 144 21.87 7.11 -35.54
C GLY B 144 23.07 7.79 -34.91
N ALA B 145 24.00 6.98 -34.42
CA ALA B 145 25.27 7.49 -33.90
C ALA B 145 26.12 8.00 -35.05
N VAL B 146 26.76 9.14 -34.87
CA VAL B 146 27.72 9.72 -35.84
C VAL B 146 29.00 10.17 -35.15
N ASP B 147 30.14 9.96 -35.79
CA ASP B 147 31.41 10.43 -35.24
C ASP B 147 31.48 11.94 -35.38
N LEU B 148 31.99 12.60 -34.34
CA LEU B 148 32.09 14.05 -34.31
C LEU B 148 32.92 14.62 -35.48
N ALA B 149 33.97 13.91 -35.87
CA ALA B 149 34.82 14.32 -36.98
C ALA B 149 34.11 14.22 -38.35
N GLU B 150 33.04 13.44 -38.44
CA GLU B 150 32.24 13.28 -39.67
C GLU B 150 30.93 14.06 -39.66
N LEU B 151 30.70 14.81 -38.57
CA LEU B 151 29.43 15.48 -38.34
C LEU B 151 29.17 16.62 -39.29
N ALA B 152 30.04 17.63 -39.27
CA ALA B 152 29.85 18.85 -40.09
C ALA B 152 29.49 18.55 -41.53
N GLU B 153 30.24 17.64 -42.16
CA GLU B 153 29.97 17.22 -43.54
C GLU B 153 28.52 16.69 -43.67
N LEU B 154 28.10 15.83 -42.75
CA LEU B 154 26.72 15.31 -42.79
C LEU B 154 25.68 16.42 -42.58
N GLN B 155 26.01 17.35 -41.69
CA GLN B 155 25.19 18.55 -41.46
C GLN B 155 25.03 19.34 -42.76
N LEU B 156 26.13 19.53 -43.48
CA LEU B 156 26.13 20.36 -44.71
C LEU B 156 25.29 19.76 -45.84
N GLU B 157 25.35 18.45 -46.01
CA GLU B 157 24.55 17.76 -47.06
C GLU B 157 23.05 17.84 -46.76
N ALA B 158 22.70 17.72 -45.50
CA ALA B 158 21.30 17.84 -45.09
C ALA B 158 20.74 19.21 -45.47
N ARG B 159 21.50 20.24 -45.14
CA ARG B 159 21.11 21.63 -45.41
C ARG B 159 21.00 21.95 -46.91
N LEU B 160 21.89 21.37 -47.69
CA LEU B 160 21.89 21.58 -49.15
C LEU B 160 20.68 20.96 -49.82
N LYS B 161 20.12 19.93 -49.19
CA LYS B 161 18.87 19.30 -49.65
C LYS B 161 17.63 19.95 -49.01
N GLY B 162 17.80 21.10 -48.36
CA GLY B 162 16.68 21.82 -47.73
C GLY B 162 16.16 21.17 -46.47
N LYS B 163 16.95 20.24 -45.93
CA LYS B 163 16.56 19.42 -44.76
C LYS B 163 17.38 19.83 -43.54
N LEU B 164 17.17 19.12 -42.43
CA LEU B 164 17.93 19.32 -41.21
C LEU B 164 18.26 17.97 -40.58
N LEU B 165 19.54 17.75 -40.24
CA LEU B 165 19.97 16.59 -39.46
C LEU B 165 19.82 16.92 -37.97
N GLU B 166 18.86 16.28 -37.29
CA GLU B 166 18.59 16.57 -35.88
C GLU B 166 19.69 15.92 -34.99
N VAL B 167 20.26 16.73 -34.11
CA VAL B 167 21.28 16.30 -33.18
C VAL B 167 20.76 16.51 -31.78
N PHE B 168 20.36 15.43 -31.11
CA PHE B 168 19.71 15.58 -29.78
C PHE B 168 20.65 15.43 -28.57
N SER B 169 21.85 14.90 -28.78
CA SER B 169 22.84 14.79 -27.70
C SER B 169 24.26 14.63 -28.22
N VAL B 170 25.21 15.26 -27.51
CA VAL B 170 26.64 15.03 -27.71
C VAL B 170 27.25 14.49 -26.41
N ASP B 171 27.41 13.16 -26.31
CA ASP B 171 27.75 12.53 -25.03
C ASP B 171 28.33 11.13 -25.18
N LYS B 172 28.97 10.67 -24.09
CA LYS B 172 29.51 9.33 -24.01
C LYS B 172 28.47 8.28 -23.59
N PHE B 173 27.27 8.74 -23.22
CA PHE B 173 26.14 7.86 -22.87
C PHE B 173 24.88 8.19 -23.68
N PRO B 174 24.31 7.19 -24.37
CA PRO B 174 23.04 7.44 -25.03
C PRO B 174 21.87 7.42 -24.05
N LYS B 175 20.72 7.94 -24.46
CA LYS B 175 19.51 7.85 -23.65
C LYS B 175 18.88 6.44 -23.69
N MET B 176 18.39 5.97 -22.55
CA MET B 176 17.96 4.57 -22.37
C MET B 176 16.93 4.08 -23.39
N THR B 177 15.91 4.89 -23.67
CA THR B 177 14.76 4.43 -24.45
C THR B 177 15.11 4.19 -25.93
N ASP B 178 16.35 4.52 -26.32
CA ASP B 178 16.90 4.11 -27.60
C ASP B 178 17.12 2.58 -27.62
N TYR B 179 17.37 1.98 -26.46
CA TYR B 179 17.72 0.55 -26.35
C TYR B 179 16.67 -0.33 -25.68
N VAL B 180 16.01 0.20 -24.65
CA VAL B 180 14.96 -0.53 -23.98
C VAL B 180 13.99 0.42 -23.28
N VAL B 181 12.77 -0.07 -23.08
CA VAL B 181 11.77 0.54 -22.21
C VAL B 181 11.16 -0.58 -21.35
N PRO B 182 11.56 -0.66 -20.07
CA PRO B 182 11.08 -1.74 -19.20
C PRO B 182 9.61 -1.57 -18.85
N ALA B 183 9.00 -2.63 -18.33
CA ALA B 183 7.53 -2.72 -18.21
C ALA B 183 6.98 -1.96 -17.01
N GLY B 184 5.85 -1.30 -17.21
CA GLY B 184 5.10 -0.64 -16.13
C GLY B 184 5.73 0.65 -15.63
N VAL B 185 6.29 1.40 -16.57
CA VAL B 185 7.06 2.61 -16.26
C VAL B 185 6.53 3.77 -17.09
N ARG B 186 6.72 5.00 -16.60
CA ARG B 186 6.41 6.23 -17.34
C ARG B 186 7.62 7.17 -17.37
N ILE B 187 8.02 7.64 -18.55
CA ILE B 187 9.11 8.61 -18.68
C ILE B 187 8.65 9.79 -19.54
N ALA B 188 8.35 10.91 -18.86
CA ALA B 188 7.82 12.13 -19.49
C ALA B 188 8.70 12.66 -20.61
N ASP B 189 9.98 12.79 -20.29
CA ASP B 189 10.99 13.22 -21.23
C ASP B 189 12.09 12.18 -21.20
N THR B 190 12.32 11.54 -22.33
CA THR B 190 13.23 10.39 -22.39
C THR B 190 14.70 10.79 -22.47
N ALA B 191 14.97 12.03 -22.89
CA ALA B 191 16.33 12.58 -22.87
C ALA B 191 16.98 12.55 -21.48
N ARG B 192 16.18 12.52 -20.42
CA ARG B 192 16.70 12.64 -19.06
C ARG B 192 16.91 11.32 -18.32
N VAL B 193 16.99 10.21 -19.05
CA VAL B 193 17.30 8.91 -18.45
C VAL B 193 18.39 8.22 -19.27
N ARG B 194 19.56 8.04 -18.68
CA ARG B 194 20.68 7.45 -19.42
C ARG B 194 20.57 5.94 -19.43
N LEU B 195 21.16 5.31 -20.44
CA LEU B 195 21.28 3.86 -20.49
C LEU B 195 22.17 3.47 -19.32
N GLY B 196 21.75 2.45 -18.58
CA GLY B 196 22.37 2.09 -17.31
C GLY B 196 21.46 2.38 -16.13
N ALA B 197 20.53 3.31 -16.33
CA ALA B 197 19.50 3.60 -15.35
C ALA B 197 18.64 2.36 -15.08
N TYR B 198 18.20 2.22 -13.83
CA TYR B 198 17.31 1.11 -13.42
C TYR B 198 15.99 1.72 -13.01
N ILE B 199 14.99 1.61 -13.88
CA ILE B 199 13.68 2.21 -13.59
C ILE B 199 12.69 1.13 -13.21
N GLY B 200 12.32 1.12 -11.94
CA GLY B 200 11.50 0.05 -11.37
C GLY B 200 10.03 0.17 -11.69
N GLU B 201 9.33 -0.96 -11.58
CA GLU B 201 7.94 -1.08 -11.96
C GLU B 201 7.04 -0.23 -11.09
N GLY B 202 6.23 0.60 -11.73
CA GLY B 202 5.36 1.53 -11.05
C GLY B 202 5.94 2.93 -10.89
N THR B 203 7.12 3.18 -11.47
CA THR B 203 7.78 4.49 -11.36
C THR B 203 7.32 5.47 -12.43
N THR B 204 7.08 6.72 -12.03
CA THR B 204 6.86 7.80 -12.99
C THR B 204 8.00 8.82 -12.90
N VAL B 205 8.81 8.88 -13.95
CA VAL B 205 9.88 9.89 -14.04
C VAL B 205 9.35 11.10 -14.82
N MET B 206 9.11 12.20 -14.12
CA MET B 206 8.53 13.40 -14.76
C MET B 206 9.58 14.26 -15.44
N HIS B 207 9.12 15.30 -16.11
CA HIS B 207 9.95 16.15 -17.01
C HIS B 207 11.19 16.70 -16.34
N GLU B 208 11.04 17.12 -15.09
CA GLU B 208 12.13 17.69 -14.30
C GLU B 208 13.00 16.59 -13.67
N GLY B 209 12.47 15.36 -13.67
CA GLY B 209 13.22 14.20 -13.19
C GLY B 209 14.44 13.88 -14.07
N PHE B 210 15.45 13.26 -13.45
CA PHE B 210 16.66 12.81 -14.15
C PHE B 210 17.23 11.54 -13.47
N VAL B 211 17.65 10.55 -14.25
CA VAL B 211 18.27 9.32 -13.68
C VAL B 211 19.54 8.93 -14.45
N ASN B 212 20.68 9.02 -13.79
CA ASN B 212 21.97 8.76 -14.42
C ASN B 212 22.19 7.26 -14.44
N PHE B 213 23.33 6.83 -15.01
CA PHE B 213 23.69 5.42 -15.04
C PHE B 213 24.01 4.86 -13.64
N ASN B 214 23.93 3.54 -13.50
CA ASN B 214 24.16 2.85 -12.22
C ASN B 214 23.31 3.40 -11.09
N ALA B 215 22.10 3.85 -11.43
CA ALA B 215 21.22 4.54 -10.50
C ALA B 215 19.77 4.23 -10.82
N GLY B 216 18.86 4.57 -9.91
CA GLY B 216 17.43 4.45 -10.16
C GLY B 216 16.55 4.08 -8.98
N THR B 217 15.45 3.38 -9.28
CA THR B 217 14.35 3.16 -8.32
C THR B 217 13.89 1.69 -8.20
N GLU B 218 13.67 1.23 -6.97
CA GLU B 218 13.08 -0.11 -6.74
C GLU B 218 11.69 -0.17 -7.45
N GLY B 219 10.89 0.89 -7.26
CA GLY B 219 9.53 1.00 -7.82
C GLY B 219 8.51 0.45 -6.84
N PRO B 220 7.31 1.06 -6.72
CA PRO B 220 6.81 2.26 -7.39
C PRO B 220 7.37 3.56 -6.82
N GLY B 221 7.22 4.66 -7.57
CA GLY B 221 7.74 5.97 -7.14
C GLY B 221 7.45 7.09 -8.12
N MET B 222 7.55 8.32 -7.64
CA MET B 222 7.31 9.52 -8.44
C MET B 222 8.57 10.39 -8.37
N ILE B 223 9.30 10.45 -9.49
CA ILE B 223 10.58 11.15 -9.59
C ILE B 223 10.44 12.44 -10.40
N GLU B 224 10.46 13.57 -9.70
CA GLU B 224 10.45 14.87 -10.36
C GLU B 224 11.79 15.58 -10.14
N GLY B 225 12.78 14.84 -9.60
CA GLY B 225 14.09 15.40 -9.28
C GLY B 225 15.26 14.59 -9.79
N ARG B 226 16.46 14.91 -9.29
CA ARG B 226 17.70 14.45 -9.89
C ARG B 226 18.38 13.30 -9.14
N VAL B 227 18.29 12.08 -9.69
CA VAL B 227 18.88 10.87 -9.09
C VAL B 227 20.27 10.65 -9.66
N SER B 228 21.31 10.97 -8.88
CA SER B 228 22.68 10.95 -9.38
C SER B 228 23.22 9.54 -9.52
N ALA B 229 24.31 9.42 -10.29
CA ALA B 229 24.98 8.14 -10.51
C ALA B 229 25.41 7.52 -9.17
N GLY B 230 25.09 6.24 -9.00
CA GLY B 230 25.37 5.50 -7.76
C GLY B 230 24.25 5.54 -6.72
N VAL B 231 23.17 6.29 -7.01
CA VAL B 231 22.07 6.45 -6.05
C VAL B 231 20.86 5.55 -6.35
N PHE B 232 20.39 4.84 -5.34
CA PHE B 232 19.21 3.97 -5.48
C PHE B 232 18.09 4.31 -4.49
N VAL B 233 16.88 4.48 -5.01
CA VAL B 233 15.74 4.94 -4.22
C VAL B 233 14.75 3.79 -3.95
N GLY B 234 14.46 3.57 -2.67
CA GLY B 234 13.62 2.44 -2.22
C GLY B 234 12.15 2.59 -2.58
N LYS B 235 11.38 1.52 -2.36
CA LYS B 235 9.98 1.46 -2.81
C LYS B 235 9.08 2.50 -2.13
N GLY B 236 8.23 3.14 -2.92
CA GLY B 236 7.21 4.06 -2.42
C GLY B 236 7.63 5.51 -2.18
N SER B 237 8.92 5.81 -2.34
CA SER B 237 9.44 7.15 -2.08
C SER B 237 9.03 8.14 -3.19
N ASP B 238 8.82 9.41 -2.83
CA ASP B 238 8.59 10.48 -3.82
C ASP B 238 9.71 11.49 -3.76
N LEU B 239 10.22 11.85 -4.94
CA LEU B 239 11.24 12.89 -5.08
C LEU B 239 10.60 14.09 -5.78
N GLY B 240 10.51 15.19 -5.04
CA GLY B 240 9.84 16.39 -5.52
C GLY B 240 10.57 17.16 -6.60
N GLY B 241 9.83 18.08 -7.22
CA GLY B 241 10.33 18.89 -8.32
C GLY B 241 11.65 19.60 -8.02
N GLY B 242 12.67 19.30 -8.82
CA GLY B 242 13.96 19.98 -8.75
C GLY B 242 14.76 19.70 -7.50
N CYS B 243 14.43 18.59 -6.84
CA CYS B 243 15.18 18.18 -5.65
C CYS B 243 16.45 17.52 -6.15
N SER B 244 17.44 17.42 -5.27
CA SER B 244 18.77 16.94 -5.65
C SER B 244 19.29 15.80 -4.74
N THR B 245 20.15 14.97 -5.33
CA THR B 245 20.96 14.01 -4.59
C THR B 245 22.40 14.21 -5.07
N MET B 246 23.40 14.14 -4.18
CA MET B 246 24.78 14.51 -4.57
C MET B 246 25.51 13.36 -5.25
N GLY B 247 26.61 13.69 -5.93
CA GLY B 247 27.42 12.70 -6.67
C GLY B 247 28.73 12.29 -6.04
N ASN B 254 34.47 9.17 1.33
CA ASN B 254 33.16 9.67 0.90
C ASN B 254 32.07 8.63 1.21
N ILE B 255 30.81 9.04 1.04
CA ILE B 255 29.66 8.15 1.24
C ILE B 255 28.81 8.04 -0.03
N VAL B 256 28.22 6.87 -0.22
CA VAL B 256 27.21 6.68 -1.25
C VAL B 256 25.86 7.09 -0.68
N ILE B 257 25.13 7.91 -1.43
CA ILE B 257 23.78 8.31 -1.04
C ILE B 257 22.78 7.23 -1.48
N SER B 258 21.83 6.92 -0.60
CA SER B 258 20.69 6.06 -0.92
C SER B 258 19.44 6.63 -0.24
N VAL B 259 18.26 6.22 -0.71
CA VAL B 259 16.98 6.69 -0.17
C VAL B 259 16.09 5.50 0.18
N GLY B 260 15.54 5.51 1.40
CA GLY B 260 14.81 4.35 1.92
C GLY B 260 13.44 4.11 1.28
N GLU B 261 12.62 3.31 1.95
CA GLU B 261 11.24 3.08 1.53
C GLU B 261 10.36 4.17 2.12
N GLY B 262 9.33 4.57 1.39
CA GLY B 262 8.31 5.49 1.91
C GLY B 262 8.74 6.93 2.22
N CYS B 263 9.86 7.38 1.67
CA CYS B 263 10.36 8.73 1.93
C CYS B 263 9.64 9.80 1.10
N LEU B 264 9.80 11.05 1.51
CA LEU B 264 9.22 12.18 0.78
C LEU B 264 10.22 13.34 0.76
N ILE B 265 10.88 13.57 -0.38
CA ILE B 265 11.77 14.72 -0.54
C ILE B 265 11.05 15.88 -1.22
N GLY B 266 11.09 17.05 -0.58
CA GLY B 266 10.37 18.24 -1.05
C GLY B 266 10.97 18.88 -2.29
N ALA B 267 10.15 19.69 -2.96
CA ALA B 267 10.57 20.40 -4.15
C ALA B 267 11.72 21.35 -3.82
N ASN B 268 12.72 21.40 -4.71
CA ASN B 268 13.92 22.22 -4.54
C ASN B 268 14.79 21.89 -3.29
N ALA B 269 14.47 20.81 -2.59
CA ALA B 269 15.31 20.34 -1.48
C ALA B 269 16.55 19.61 -2.01
N GLY B 270 17.38 19.08 -1.11
CA GLY B 270 18.57 18.33 -1.49
C GLY B 270 19.18 17.49 -0.38
N ILE B 271 19.60 16.27 -0.70
CA ILE B 271 20.22 15.39 0.30
C ILE B 271 21.67 14.99 0.01
N GLY B 272 22.56 15.34 0.95
CA GLY B 272 23.97 14.92 0.93
C GLY B 272 24.28 13.80 1.91
N ILE B 273 23.25 13.09 2.37
CA ILE B 273 23.39 11.94 3.25
C ILE B 273 22.36 10.86 2.88
N PRO B 274 22.65 9.60 3.23
CA PRO B 274 21.68 8.53 2.98
C PRO B 274 20.49 8.60 3.94
N LEU B 275 19.27 8.60 3.40
CA LEU B 275 18.07 8.66 4.22
C LEU B 275 17.53 7.26 4.53
N GLY B 276 17.02 7.09 5.74
CA GLY B 276 16.40 5.83 6.14
C GLY B 276 14.99 5.73 5.63
N ASP B 277 14.30 4.66 6.03
CA ASP B 277 12.89 4.43 5.67
C ASP B 277 12.00 5.53 6.26
N ARG B 278 10.96 5.92 5.51
CA ARG B 278 9.94 6.87 5.98
C ARG B 278 10.45 8.27 6.41
N ASN B 279 11.59 8.69 5.87
CA ASN B 279 12.13 10.05 6.14
C ASN B 279 11.42 11.14 5.33
N ILE B 280 11.37 12.35 5.89
CA ILE B 280 10.78 13.51 5.21
C ILE B 280 11.78 14.68 5.20
N VAL B 281 12.13 15.18 4.01
CA VAL B 281 12.89 16.43 3.89
C VAL B 281 11.99 17.54 3.36
N GLU B 282 11.91 18.64 4.11
CA GLU B 282 11.06 19.79 3.76
C GLU B 282 11.49 20.49 2.47
N ALA B 283 10.53 21.07 1.78
CA ALA B 283 10.77 21.82 0.54
C ALA B 283 11.77 22.95 0.78
N GLY B 284 12.70 23.10 -0.15
CA GLY B 284 13.67 24.21 -0.14
C GLY B 284 14.85 24.01 0.78
N LEU B 285 14.95 22.82 1.39
CA LEU B 285 15.96 22.52 2.41
C LEU B 285 17.09 21.68 1.84
N TYR B 286 18.32 22.17 1.92
CA TYR B 286 19.49 21.35 1.54
C TYR B 286 20.23 20.89 2.79
N ILE B 287 20.29 19.57 3.01
CA ILE B 287 21.03 19.01 4.15
C ILE B 287 22.26 18.18 3.73
N THR B 288 23.42 18.55 4.27
CA THR B 288 24.68 17.87 3.96
C THR B 288 25.19 17.09 5.17
N ALA B 289 26.30 16.36 4.99
CA ALA B 289 26.87 15.52 6.05
C ALA B 289 27.38 16.33 7.25
N GLY B 290 27.96 17.49 6.98
CA GLY B 290 28.49 18.37 8.02
C GLY B 290 27.51 19.40 8.58
N THR B 291 26.27 19.38 8.10
CA THR B 291 25.25 20.31 8.58
C THR B 291 24.89 20.03 10.02
N LYS B 292 24.99 21.05 10.87
CA LYS B 292 24.57 20.94 12.26
C LYS B 292 23.05 20.97 12.32
N VAL B 293 22.47 19.92 12.92
CA VAL B 293 21.00 19.77 13.01
C VAL B 293 20.54 19.76 14.47
N ALA B 294 19.34 20.30 14.69
CA ALA B 294 18.72 20.35 16.03
C ALA B 294 17.71 19.22 16.21
N LEU B 295 18.11 18.19 16.96
CA LEU B 295 17.29 16.99 17.17
C LEU B 295 16.17 17.26 18.18
N LEU B 296 14.96 16.78 17.89
CA LEU B 296 13.77 17.08 18.72
C LEU B 296 12.95 15.83 19.06
N ASP B 297 12.20 15.89 20.17
CA ASP B 297 11.48 14.72 20.72
C ASP B 297 9.99 14.66 20.38
N ASN B 300 7.99 18.90 20.71
CA ASN B 300 9.07 19.42 19.87
C ASN B 300 10.14 20.11 20.71
N ALA B 301 10.62 19.39 21.72
CA ALA B 301 11.63 19.90 22.63
C ALA B 301 13.04 19.51 22.17
N LEU B 302 13.96 20.48 22.22
CA LEU B 302 15.35 20.28 21.83
C LEU B 302 16.00 19.21 22.71
N VAL B 303 16.41 18.09 22.11
CA VAL B 303 17.14 17.04 22.85
C VAL B 303 18.65 17.35 22.86
N LYS B 304 19.23 17.55 21.68
CA LYS B 304 20.65 17.98 21.55
C LYS B 304 20.94 18.58 20.15
N VAL B 305 22.23 18.73 19.81
CA VAL B 305 22.65 19.14 18.46
C VAL B 305 23.67 18.12 17.94
N VAL B 306 23.40 17.59 16.74
CA VAL B 306 24.24 16.56 16.11
C VAL B 306 24.44 16.81 14.62
N LYS B 307 25.47 16.20 14.04
CA LYS B 307 25.76 16.34 12.60
C LYS B 307 24.95 15.36 11.75
N ALA B 308 24.51 15.81 10.58
CA ALA B 308 23.57 15.07 9.74
C ALA B 308 24.08 13.68 9.37
N ARG B 309 25.41 13.54 9.25
CA ARG B 309 26.04 12.24 9.00
C ARG B 309 25.76 11.20 10.10
N ASP B 310 25.60 11.68 11.34
CA ASP B 310 25.38 10.79 12.49
C ASP B 310 23.91 10.33 12.56
N LEU B 311 23.03 11.04 11.85
CA LEU B 311 21.64 10.65 11.72
C LEU B 311 21.43 9.77 10.48
N ALA B 312 22.50 9.50 9.75
CA ALA B 312 22.43 8.76 8.50
C ALA B 312 21.80 7.40 8.72
N GLY B 313 20.92 7.02 7.80
CA GLY B 313 20.34 5.68 7.77
C GLY B 313 19.32 5.35 8.85
N GLN B 314 18.83 6.36 9.56
CA GLN B 314 17.87 6.13 10.64
C GLN B 314 16.45 6.40 10.09
N PRO B 315 15.45 5.66 10.59
CA PRO B 315 14.07 5.74 10.09
C PRO B 315 13.19 6.77 10.80
N ASP B 316 12.12 7.19 10.12
CA ASP B 316 11.16 8.13 10.69
C ASP B 316 11.77 9.48 11.11
N LEU B 317 12.45 10.17 10.20
CA LEU B 317 12.96 11.52 10.49
C LEU B 317 12.19 12.58 9.70
N LEU B 318 12.25 13.83 10.13
CA LEU B 318 11.63 14.94 9.40
C LEU B 318 12.54 16.14 9.49
N PHE B 319 13.21 16.44 8.38
CA PHE B 319 14.19 17.50 8.32
C PHE B 319 13.55 18.78 7.79
N ARG B 320 13.56 19.83 8.61
CA ARG B 320 12.94 21.10 8.26
C ARG B 320 13.77 22.26 8.83
N ARG B 321 13.41 23.50 8.46
CA ARG B 321 14.13 24.67 8.94
C ARG B 321 13.19 25.70 9.53
N ASN B 322 13.61 26.29 10.65
CA ASN B 322 12.76 27.18 11.40
C ASN B 322 12.48 28.50 10.67
N SER B 323 11.22 28.74 10.31
CA SER B 323 10.85 29.93 9.51
C SER B 323 11.02 31.26 10.25
N GLN B 324 11.03 31.20 11.58
CA GLN B 324 11.26 32.38 12.42
C GLN B 324 12.75 32.71 12.63
N ASN B 325 13.61 31.68 12.74
CA ASN B 325 15.05 31.90 13.01
C ASN B 325 16.05 31.16 12.12
N GLY B 326 15.56 30.38 11.16
CA GLY B 326 16.43 29.69 10.21
C GLY B 326 17.38 28.69 10.83
N ALA B 327 16.84 27.82 11.67
CA ALA B 327 17.62 26.77 12.29
C ALA B 327 17.24 25.44 11.65
N VAL B 328 18.24 24.63 11.28
CA VAL B 328 17.97 23.29 10.75
C VAL B 328 17.65 22.30 11.88
N GLU B 329 16.46 21.73 11.81
CA GLU B 329 15.93 20.86 12.85
C GLU B 329 15.72 19.44 12.31
N CYS B 330 15.33 18.53 13.20
CA CYS B 330 15.04 17.15 12.85
C CYS B 330 14.13 16.52 13.90
N LYS B 331 12.81 16.69 13.74
CA LYS B 331 11.86 16.15 14.72
C LYS B 331 11.72 14.63 14.58
N GLN C 6 -31.59 19.79 -27.92
CA GLN C 6 -30.84 20.78 -27.08
C GLN C 6 -29.57 21.30 -27.76
N SER C 7 -29.01 22.38 -27.20
CA SER C 7 -27.71 22.92 -27.64
C SER C 7 -26.57 22.10 -27.06
N LEU C 8 -25.68 21.59 -27.93
CA LEU C 8 -24.52 20.82 -27.49
C LEU C 8 -23.45 21.69 -26.86
N PHE C 9 -22.68 21.10 -25.95
CA PHE C 9 -21.51 21.74 -25.34
C PHE C 9 -20.39 21.89 -26.36
N SER C 10 -20.04 20.80 -27.03
CA SER C 10 -18.93 20.79 -27.98
C SER C 10 -19.14 19.71 -29.02
N LEU C 11 -18.48 19.84 -30.17
CA LEU C 11 -18.35 18.72 -31.12
C LEU C 11 -17.08 18.88 -31.94
N ALA C 12 -16.51 17.75 -32.38
CA ALA C 12 -15.28 17.75 -33.18
C ALA C 12 -15.12 16.46 -33.99
N PHE C 13 -14.55 16.59 -35.18
CA PHE C 13 -14.28 15.43 -36.04
C PHE C 13 -12.81 15.09 -35.99
N GLY C 14 -12.51 13.83 -35.65
CA GLY C 14 -11.15 13.45 -35.32
C GLY C 14 -10.55 12.40 -36.23
N VAL C 15 -9.23 12.50 -36.44
CA VAL C 15 -8.43 11.41 -36.98
C VAL C 15 -7.43 10.94 -35.91
N GLY C 16 -7.45 9.63 -35.63
CA GLY C 16 -6.66 9.07 -34.53
C GLY C 16 -5.78 7.91 -34.91
N THR C 17 -5.17 7.26 -33.90
CA THR C 17 -4.40 6.03 -34.10
C THR C 17 -4.89 4.95 -33.14
N GLN C 18 -4.79 3.69 -33.55
CA GLN C 18 -5.26 2.55 -32.76
C GLN C 18 -4.22 1.43 -32.71
N ASN C 19 -4.20 0.67 -31.63
CA ASN C 19 -3.33 -0.52 -31.54
C ASN C 19 -3.94 -1.72 -32.29
N ARG C 20 -3.29 -2.88 -32.23
CA ARG C 20 -3.81 -4.09 -32.89
C ARG C 20 -5.17 -4.52 -32.30
N GLN C 21 -5.40 -4.23 -31.03
CA GLN C 21 -6.63 -4.67 -30.33
C GLN C 21 -7.75 -3.61 -30.44
N GLU C 22 -7.61 -2.69 -31.40
CA GLU C 22 -8.58 -1.64 -31.71
C GLU C 22 -8.89 -0.64 -30.58
N ALA C 23 -8.02 -0.59 -29.57
CA ALA C 23 -8.12 0.42 -28.53
C ALA C 23 -7.48 1.69 -29.07
N TRP C 24 -8.04 2.83 -28.70
CA TRP C 24 -7.58 4.13 -29.20
C TRP C 24 -6.42 4.68 -28.34
N LEU C 25 -5.32 5.02 -28.99
CA LEU C 25 -4.15 5.60 -28.30
C LEU C 25 -4.18 7.14 -28.27
N GLU C 26 -4.64 7.76 -29.36
CA GLU C 26 -4.77 9.24 -29.43
C GLU C 26 -5.64 9.72 -30.57
N VAL C 27 -6.19 10.92 -30.42
CA VAL C 27 -7.01 11.56 -31.47
C VAL C 27 -6.52 12.99 -31.75
N PHE C 28 -6.46 13.33 -33.04
CA PHE C 28 -6.14 14.69 -33.50
C PHE C 28 -7.41 15.40 -34.06
N TYR C 29 -7.72 16.58 -33.49
CA TYR C 29 -8.86 17.41 -33.91
C TYR C 29 -8.39 18.76 -34.51
N ALA C 30 -8.44 18.87 -35.83
CA ALA C 30 -7.97 20.09 -36.53
C ALA C 30 -8.73 21.36 -36.19
N LEU C 31 -10.03 21.23 -36.01
CA LEU C 31 -10.88 22.39 -35.75
C LEU C 31 -12.01 22.06 -34.78
N PRO C 32 -11.69 21.98 -33.47
CA PRO C 32 -12.72 21.68 -32.47
C PRO C 32 -13.64 22.85 -32.22
N LEU C 33 -14.91 22.54 -31.95
CA LEU C 33 -15.95 23.57 -31.79
C LEU C 33 -16.57 23.58 -30.40
N LEU C 34 -16.48 24.75 -29.76
CA LEU C 34 -17.21 25.04 -28.53
C LEU C 34 -18.61 25.56 -28.89
N LYS C 35 -19.63 24.97 -28.25
CA LYS C 35 -21.01 25.36 -28.45
C LYS C 35 -21.36 25.50 -29.93
N PRO C 36 -21.35 24.37 -30.66
CA PRO C 36 -21.69 24.41 -32.08
C PRO C 36 -23.17 24.74 -32.28
N SER C 37 -23.46 25.39 -33.40
CA SER C 37 -24.84 25.79 -33.71
C SER C 37 -25.69 24.56 -34.00
N SER C 38 -26.96 24.64 -33.62
CA SER C 38 -27.95 23.57 -33.87
C SER C 38 -28.08 23.20 -35.36
N GLU C 39 -27.70 24.12 -36.24
CA GLU C 39 -27.69 23.87 -37.69
C GLU C 39 -26.69 22.76 -38.02
N ILE C 40 -25.48 22.87 -37.46
CA ILE C 40 -24.43 21.86 -37.67
C ILE C 40 -24.83 20.50 -37.09
N VAL C 41 -25.39 20.51 -35.89
CA VAL C 41 -25.82 19.28 -35.20
C VAL C 41 -26.93 18.57 -35.98
N ALA C 42 -27.93 19.33 -36.42
CA ALA C 42 -29.11 18.79 -37.13
C ALA C 42 -28.72 18.09 -38.43
N ALA C 43 -27.71 18.62 -39.11
CA ALA C 43 -27.22 18.05 -40.37
C ALA C 43 -26.35 16.79 -40.17
N VAL C 44 -25.75 16.67 -38.99
CA VAL C 44 -24.74 15.65 -38.73
C VAL C 44 -25.30 14.42 -38.00
N ALA C 45 -26.31 14.65 -37.15
CA ALA C 45 -26.81 13.64 -36.22
C ALA C 45 -27.38 12.39 -36.88
N PRO C 46 -28.18 12.57 -37.95
CA PRO C 46 -28.80 11.41 -38.60
C PRO C 46 -27.81 10.47 -39.28
N ILE C 47 -26.75 11.03 -39.86
CA ILE C 47 -25.73 10.26 -40.58
C ILE C 47 -24.80 9.50 -39.62
N LEU C 48 -24.63 10.04 -38.41
CA LEU C 48 -23.74 9.44 -37.42
C LEU C 48 -24.48 8.44 -36.53
N GLY C 49 -25.78 8.69 -36.33
CA GLY C 49 -26.60 7.91 -35.42
C GLY C 49 -26.52 8.46 -34.01
N TYR C 50 -26.54 9.79 -33.90
CA TYR C 50 -26.51 10.46 -32.58
C TYR C 50 -27.92 10.89 -32.19
N ALA C 51 -28.34 10.45 -30.99
CA ALA C 51 -29.64 10.81 -30.42
C ALA C 51 -29.46 11.75 -29.25
N ALA C 52 -28.63 11.35 -28.29
CA ALA C 52 -28.48 12.11 -27.05
C ALA C 52 -27.17 11.86 -26.32
N GLY C 53 -26.91 12.70 -25.33
CA GLY C 53 -25.82 12.49 -24.38
C GLY C 53 -24.46 12.80 -24.94
N ASN C 54 -23.44 12.16 -24.35
CA ASN C 54 -22.03 12.37 -24.71
C ASN C 54 -21.44 11.12 -25.36
N GLN C 55 -21.25 11.18 -26.68
CA GLN C 55 -20.90 10.00 -27.50
C GLN C 55 -19.57 10.12 -28.23
N ALA C 56 -18.86 9.01 -28.35
CA ALA C 56 -17.69 8.89 -29.25
C ALA C 56 -18.02 7.94 -30.39
N LEU C 57 -18.45 8.51 -31.53
CA LEU C 57 -19.00 7.73 -32.64
C LEU C 57 -18.01 7.57 -33.80
N THR C 58 -17.49 6.35 -33.97
CA THR C 58 -16.57 6.05 -35.06
C THR C 58 -17.33 6.01 -36.37
N PHE C 59 -16.93 6.85 -37.30
CA PHE C 59 -17.56 6.88 -38.60
C PHE C 59 -16.56 6.49 -39.68
N THR C 60 -17.11 6.06 -40.80
CA THR C 60 -16.37 5.44 -41.89
C THR C 60 -15.94 6.50 -42.89
N SER C 61 -15.08 6.10 -43.82
CA SER C 61 -14.63 6.98 -44.89
C SER C 61 -15.80 7.49 -45.74
N GLN C 62 -16.76 6.61 -46.03
CA GLN C 62 -18.00 6.98 -46.76
C GLN C 62 -18.88 8.02 -46.04
N GLN C 63 -19.06 7.83 -44.75
CA GLN C 63 -19.81 8.78 -43.93
C GLN C 63 -19.15 10.15 -43.93
N ALA C 64 -17.82 10.16 -44.05
CA ALA C 64 -17.04 11.42 -44.10
C ALA C 64 -17.54 12.28 -45.24
N TYR C 65 -17.51 11.70 -46.43
CA TYR C 65 -18.01 12.33 -47.65
C TYR C 65 -19.46 12.81 -47.47
N GLN C 66 -20.30 11.93 -46.93
CA GLN C 66 -21.70 12.26 -46.66
C GLN C 66 -21.79 13.49 -45.76
N LEU C 67 -21.06 13.46 -44.64
CA LEU C 67 -21.06 14.56 -43.66
C LEU C 67 -20.56 15.83 -44.34
N ALA C 68 -19.47 15.68 -45.08
CA ALA C 68 -18.85 16.79 -45.81
C ALA C 68 -19.88 17.50 -46.69
N ASP C 69 -20.71 16.71 -47.36
CA ASP C 69 -21.72 17.22 -48.29
C ASP C 69 -22.85 17.94 -47.55
N ALA C 70 -23.36 17.31 -46.50
CA ALA C 70 -24.45 17.88 -45.70
C ALA C 70 -24.14 19.31 -45.23
N LEU C 71 -22.90 19.57 -44.83
CA LEU C 71 -22.51 20.85 -44.19
C LEU C 71 -22.22 22.00 -45.17
N LYS C 72 -22.12 21.71 -46.46
CA LYS C 72 -21.99 22.79 -47.45
C LYS C 72 -23.21 23.71 -47.33
N GLY C 73 -22.95 25.02 -47.28
CA GLY C 73 -24.01 26.00 -47.10
C GLY C 73 -24.22 26.37 -45.64
N ILE C 74 -23.94 25.41 -44.76
CA ILE C 74 -24.10 25.58 -43.31
C ILE C 74 -22.79 26.04 -42.65
N ASP C 75 -21.69 25.35 -42.98
CA ASP C 75 -20.36 25.70 -42.46
C ASP C 75 -19.25 25.18 -43.37
N ALA C 76 -18.66 26.08 -44.15
CA ALA C 76 -17.66 25.70 -45.17
C ALA C 76 -16.39 25.06 -44.61
N ALA C 77 -15.82 25.64 -43.56
CA ALA C 77 -14.56 25.17 -42.97
C ALA C 77 -14.63 23.70 -42.55
N GLN C 78 -15.71 23.34 -41.86
CA GLN C 78 -15.92 21.96 -41.38
C GLN C 78 -16.17 21.02 -42.54
N SER C 79 -16.89 21.51 -43.55
CA SER C 79 -17.15 20.72 -44.77
C SER C 79 -15.80 20.33 -45.41
N ALA C 80 -14.99 21.35 -45.71
CA ALA C 80 -13.67 21.18 -46.33
C ALA C 80 -12.80 20.17 -45.59
N LEU C 81 -12.80 20.27 -44.26
CA LEU C 81 -12.04 19.36 -43.43
C LEU C 81 -12.48 17.92 -43.64
N LEU C 82 -13.79 17.68 -43.56
CA LEU C 82 -14.34 16.33 -43.71
C LEU C 82 -13.99 15.65 -45.06
N SER C 83 -13.84 16.46 -46.11
CA SER C 83 -13.42 15.95 -47.42
C SER C 83 -11.98 15.41 -47.37
N ARG C 84 -11.11 16.10 -46.62
CA ARG C 84 -9.74 15.64 -46.41
C ARG C 84 -9.75 14.37 -45.56
N LEU C 85 -10.60 14.37 -44.53
CA LEU C 85 -10.72 13.23 -43.62
C LEU C 85 -11.21 11.99 -44.36
N ALA C 86 -12.05 12.20 -45.37
CA ALA C 86 -12.53 11.09 -46.20
C ALA C 86 -11.38 10.31 -46.85
N GLU C 87 -10.30 11.01 -47.20
CA GLU C 87 -9.19 10.41 -47.97
C GLU C 87 -8.21 9.63 -47.09
N SER C 88 -8.27 9.90 -45.78
CA SER C 88 -7.23 9.50 -44.83
C SER C 88 -6.90 8.01 -44.74
N GLN C 89 -5.70 7.76 -44.23
CA GLN C 89 -5.16 6.40 -44.03
C GLN C 89 -5.61 5.81 -42.68
N LYS C 90 -5.77 6.69 -41.69
CA LYS C 90 -6.10 6.34 -40.29
C LYS C 90 -7.61 6.45 -39.96
N PRO C 91 -8.06 5.79 -38.87
CA PRO C 91 -9.48 5.77 -38.51
C PRO C 91 -10.04 7.10 -38.03
N LEU C 92 -11.37 7.27 -38.18
CA LEU C 92 -12.03 8.54 -37.85
C LEU C 92 -13.04 8.39 -36.71
N VAL C 93 -13.22 9.48 -35.96
CA VAL C 93 -14.17 9.49 -34.86
C VAL C 93 -14.76 10.91 -34.62
N ALA C 94 -16.09 10.95 -34.50
CA ALA C 94 -16.82 12.17 -34.19
C ALA C 94 -17.18 12.10 -32.73
N THR C 95 -16.83 13.12 -31.96
CA THR C 95 -17.23 13.13 -30.57
C THR C 95 -18.16 14.31 -30.35
N LEU C 96 -19.40 14.02 -29.96
CA LEU C 96 -20.41 15.05 -29.68
C LEU C 96 -20.70 15.05 -28.18
N LEU C 97 -20.53 16.22 -27.55
CA LEU C 97 -20.71 16.35 -26.11
C LEU C 97 -21.92 17.25 -25.85
N ALA C 98 -22.99 16.64 -25.33
CA ALA C 98 -24.24 17.36 -25.05
C ALA C 98 -24.18 18.20 -23.79
N GLU C 99 -23.31 17.79 -22.85
CA GLU C 99 -23.09 18.53 -21.58
C GLU C 99 -21.61 18.54 -21.19
N ASP C 100 -21.21 19.54 -20.41
CA ASP C 100 -19.88 19.55 -19.81
C ASP C 100 -19.97 18.60 -18.64
N ALA C 101 -19.43 17.40 -18.81
CA ALA C 101 -19.50 16.35 -17.78
C ALA C 101 -18.22 15.53 -17.73
N ALA C 102 -18.08 14.75 -16.66
CA ALA C 102 -16.88 13.93 -16.43
C ALA C 102 -16.77 12.98 -17.61
N PRO C 103 -15.59 12.90 -18.23
CA PRO C 103 -15.46 12.16 -19.49
C PRO C 103 -15.64 10.65 -19.32
N SER C 104 -16.01 9.99 -20.41
CA SER C 104 -16.24 8.53 -20.41
C SER C 104 -15.58 7.77 -21.58
N SER C 105 -14.89 8.49 -22.47
CA SER C 105 -14.05 7.85 -23.50
C SER C 105 -12.71 8.58 -23.70
N THR C 106 -11.77 7.88 -24.31
CA THR C 106 -10.48 8.46 -24.69
C THR C 106 -10.68 9.63 -25.65
N ALA C 107 -11.53 9.42 -26.65
CA ALA C 107 -11.87 10.46 -27.62
C ALA C 107 -12.41 11.74 -26.98
N GLU C 108 -13.27 11.61 -25.97
CA GLU C 108 -13.79 12.80 -25.25
C GLU C 108 -12.66 13.45 -24.41
N ALA C 109 -11.81 12.60 -23.82
CA ALA C 109 -10.68 13.08 -23.05
C ALA C 109 -9.84 14.00 -23.90
N TYR C 110 -9.53 13.56 -25.11
CA TYR C 110 -8.66 14.34 -26.01
C TYR C 110 -9.33 15.61 -26.50
N LEU C 111 -10.64 15.57 -26.74
CA LEU C 111 -11.41 16.77 -27.15
C LEU C 111 -11.28 17.88 -26.12
N LYS C 112 -11.51 17.54 -24.87
CA LYS C 112 -11.49 18.52 -23.79
C LYS C 112 -10.11 19.17 -23.70
N LEU C 113 -9.06 18.37 -23.93
CA LEU C 113 -7.68 18.87 -23.83
C LEU C 113 -7.40 19.83 -24.95
N HIS C 114 -7.93 19.50 -26.13
CA HIS C 114 -7.88 20.39 -27.27
C HIS C 114 -8.51 21.75 -26.98
N LEU C 115 -9.68 21.76 -26.36
CA LEU C 115 -10.41 23.02 -26.05
C LEU C 115 -9.56 23.95 -25.20
N LEU C 116 -8.95 23.39 -24.16
CA LEU C 116 -8.01 24.12 -23.34
C LEU C 116 -6.94 24.73 -24.20
N SER C 117 -6.24 23.90 -24.96
CA SER C 117 -5.03 24.33 -25.64
C SER C 117 -5.29 25.24 -26.83
N HIS C 118 -6.42 25.04 -27.49
CA HIS C 118 -6.91 26.00 -28.51
C HIS C 118 -7.42 27.30 -27.85
N ARG C 119 -7.43 27.36 -26.52
CA ARG C 119 -7.89 28.53 -25.75
C ARG C 119 -9.41 28.76 -25.78
N LEU C 120 -10.17 27.78 -26.28
CA LEU C 120 -11.62 27.95 -26.33
C LEU C 120 -12.26 27.96 -24.94
N VAL C 121 -11.58 27.37 -23.97
CA VAL C 121 -11.93 27.48 -22.55
C VAL C 121 -10.70 27.67 -21.68
N LYS C 122 -10.93 28.08 -20.42
CA LYS C 122 -9.85 28.34 -19.46
C LYS C 122 -9.76 27.25 -18.39
N PRO C 123 -8.59 27.16 -17.73
CA PRO C 123 -8.44 26.17 -16.66
C PRO C 123 -9.54 26.28 -15.61
N HIS C 124 -10.01 25.11 -15.14
CA HIS C 124 -11.11 24.97 -14.17
C HIS C 124 -12.53 25.17 -14.75
N ALA C 125 -12.63 25.68 -15.97
CA ALA C 125 -13.94 25.84 -16.66
C ALA C 125 -14.41 24.57 -17.39
N VAL C 126 -13.80 23.43 -17.12
CA VAL C 126 -14.18 22.19 -17.82
C VAL C 126 -13.96 20.95 -16.95
N ASN C 127 -14.86 19.97 -17.04
CA ASN C 127 -14.79 18.79 -16.14
C ASN C 127 -13.76 17.79 -16.64
N LEU C 128 -12.80 17.46 -15.77
CA LEU C 128 -11.74 16.51 -16.11
C LEU C 128 -11.64 15.36 -15.11
N SER C 129 -12.68 15.17 -14.32
CA SER C 129 -12.66 14.11 -13.30
C SER C 129 -12.48 12.73 -13.92
N GLY C 130 -11.58 11.92 -13.33
CA GLY C 130 -11.32 10.55 -13.79
C GLY C 130 -10.72 10.42 -15.18
N ILE C 131 -9.94 11.42 -15.58
CA ILE C 131 -9.32 11.45 -16.90
C ILE C 131 -8.13 10.53 -17.05
N PHE C 132 -7.43 10.22 -15.96
CA PHE C 132 -6.21 9.40 -16.04
C PHE C 132 -6.44 7.99 -16.61
N PRO C 133 -7.33 7.21 -16.00
CA PRO C 133 -7.63 5.88 -16.55
C PRO C 133 -8.08 5.86 -18.03
N LEU C 134 -8.57 6.99 -18.55
CA LEU C 134 -9.03 7.12 -19.96
C LEU C 134 -7.89 7.44 -20.95
N LEU C 135 -6.72 7.79 -20.41
CA LEU C 135 -5.54 8.13 -21.22
C LEU C 135 -4.54 6.99 -21.08
N PRO C 136 -4.39 6.19 -22.14
CA PRO C 136 -3.52 5.02 -22.07
C PRO C 136 -2.06 5.40 -22.15
N ASN C 137 -1.23 4.75 -21.35
CA ASN C 137 0.20 5.01 -21.43
C ASN C 137 0.70 4.53 -22.79
N VAL C 138 1.56 5.34 -23.42
CA VAL C 138 1.91 5.18 -24.83
C VAL C 138 3.32 5.69 -25.17
N ALA C 139 3.97 5.05 -26.14
CA ALA C 139 5.27 5.49 -26.64
C ALA C 139 5.11 6.53 -27.75
N TRP C 140 5.54 7.76 -27.48
CA TRP C 140 5.47 8.83 -28.47
C TRP C 140 6.77 8.88 -29.29
N THR C 141 6.68 8.36 -30.51
CA THR C 141 7.84 8.22 -31.42
C THR C 141 7.72 9.18 -32.61
N ASN C 142 8.79 9.30 -33.41
CA ASN C 142 8.74 10.19 -34.58
C ASN C 142 7.90 9.64 -35.74
N ILE C 143 7.48 8.37 -35.64
CA ILE C 143 6.52 7.82 -36.59
C ILE C 143 5.11 7.78 -36.02
N GLY C 144 4.90 8.46 -34.90
CA GLY C 144 3.57 8.56 -34.27
C GLY C 144 3.44 7.83 -32.93
N ALA C 145 2.21 7.72 -32.45
CA ALA C 145 1.91 6.95 -31.27
C ALA C 145 2.11 5.44 -31.53
N VAL C 146 2.74 4.74 -30.58
CA VAL C 146 2.97 3.30 -30.65
C VAL C 146 2.64 2.63 -29.33
N ASP C 147 2.02 1.45 -29.39
CA ASP C 147 1.69 0.69 -28.19
C ASP C 147 2.99 0.13 -27.63
N LEU C 148 3.09 0.15 -26.30
CA LEU C 148 4.28 -0.32 -25.61
C LEU C 148 4.57 -1.80 -25.83
N ALA C 149 3.52 -2.58 -26.04
CA ALA C 149 3.67 -4.02 -26.32
C ALA C 149 4.18 -4.32 -27.74
N GLU C 150 4.07 -3.32 -28.64
CA GLU C 150 4.54 -3.45 -30.02
C GLU C 150 5.86 -2.69 -30.26
N LEU C 151 6.41 -2.10 -29.21
CA LEU C 151 7.54 -1.19 -29.33
C LEU C 151 8.81 -1.91 -29.72
N ALA C 152 9.26 -2.82 -28.88
CA ALA C 152 10.52 -3.55 -29.05
C ALA C 152 10.73 -4.06 -30.49
N GLU C 153 9.70 -4.74 -31.02
CA GLU C 153 9.73 -5.24 -32.39
C GLU C 153 9.99 -4.11 -33.40
N LEU C 154 9.29 -2.98 -33.26
CA LEU C 154 9.54 -1.82 -34.13
C LEU C 154 10.96 -1.27 -33.94
N GLN C 155 11.44 -1.25 -32.69
CA GLN C 155 12.82 -0.83 -32.36
C GLN C 155 13.82 -1.71 -33.07
N LEU C 156 13.58 -3.03 -33.07
CA LEU C 156 14.50 -4.02 -33.69
C LEU C 156 14.62 -3.86 -35.22
N GLU C 157 13.50 -3.66 -35.90
CA GLU C 157 13.48 -3.50 -37.36
C GLU C 157 14.23 -2.24 -37.80
N ALA C 158 14.09 -1.17 -37.03
CA ALA C 158 14.79 0.09 -37.30
C ALA C 158 16.30 -0.11 -37.26
N ARG C 159 16.75 -0.81 -36.23
CA ARG C 159 18.18 -1.08 -36.00
C ARG C 159 18.78 -2.00 -37.06
N LEU C 160 18.00 -2.95 -37.54
CA LEU C 160 18.45 -3.90 -38.56
C LEU C 160 18.64 -3.22 -39.89
N LYS C 161 17.90 -2.13 -40.10
CA LYS C 161 18.06 -1.30 -41.31
C LYS C 161 19.12 -0.20 -41.14
N GLY C 162 19.89 -0.25 -40.06
CA GLY C 162 20.93 0.76 -39.76
C GLY C 162 20.41 2.10 -39.26
N LYS C 163 19.11 2.13 -38.93
CA LYS C 163 18.38 3.33 -38.55
C LYS C 163 18.10 3.35 -37.05
N LEU C 164 17.38 4.39 -36.60
CA LEU C 164 16.94 4.50 -35.22
C LEU C 164 15.50 5.05 -35.12
N LEU C 165 14.65 4.35 -34.36
CA LEU C 165 13.31 4.85 -34.07
C LEU C 165 13.38 5.77 -32.84
N GLU C 166 13.18 7.08 -33.04
CA GLU C 166 13.30 8.03 -31.94
C GLU C 166 12.07 7.93 -31.03
N VAL C 167 12.33 7.77 -29.73
CA VAL C 167 11.29 7.71 -28.73
C VAL C 167 11.48 8.89 -27.79
N PHE C 168 10.66 9.93 -27.92
CA PHE C 168 10.82 11.16 -27.13
C PHE C 168 10.00 11.24 -25.82
N SER C 169 9.01 10.36 -25.66
CA SER C 169 8.22 10.31 -24.42
C SER C 169 7.47 8.98 -24.23
N VAL C 170 7.43 8.49 -22.99
CA VAL C 170 6.56 7.37 -22.58
C VAL C 170 5.53 7.85 -21.51
N ASP C 171 4.34 8.24 -21.94
CA ASP C 171 3.41 8.94 -21.05
C ASP C 171 1.95 8.82 -21.49
N LYS C 172 1.06 9.15 -20.56
CA LYS C 172 -0.40 9.18 -20.84
C LYS C 172 -0.85 10.49 -21.47
N PHE C 173 0.05 11.49 -21.51
CA PHE C 173 -0.21 12.79 -22.14
C PHE C 173 0.82 13.11 -23.21
N PRO C 174 0.37 13.39 -24.43
CA PRO C 174 1.35 13.89 -25.40
C PRO C 174 1.76 15.36 -25.16
N LYS C 175 2.79 15.83 -25.83
CA LYS C 175 3.16 17.25 -25.77
C LYS C 175 2.27 18.07 -26.70
N MET C 176 1.91 19.28 -26.25
CA MET C 176 0.91 20.13 -26.92
C MET C 176 1.18 20.41 -28.40
N THR C 177 2.42 20.73 -28.74
CA THR C 177 2.74 21.28 -30.06
C THR C 177 2.63 20.21 -31.17
N ASP C 178 2.40 18.97 -30.76
CA ASP C 178 1.98 17.92 -31.68
C ASP C 178 0.58 18.18 -32.24
N TYR C 179 -0.27 18.87 -31.48
CA TYR C 179 -1.67 19.11 -31.86
C TYR C 179 -1.98 20.57 -32.23
N VAL C 180 -1.46 21.51 -31.45
CA VAL C 180 -1.69 22.93 -31.72
C VAL C 180 -0.54 23.78 -31.24
N VAL C 181 -0.40 24.94 -31.88
CA VAL C 181 0.45 26.03 -31.37
C VAL C 181 -0.39 27.31 -31.49
N PRO C 182 -0.87 27.82 -30.33
CA PRO C 182 -1.71 29.02 -30.35
C PRO C 182 -0.92 30.27 -30.68
N ALA C 183 -1.62 31.34 -31.05
CA ALA C 183 -1.00 32.53 -31.62
C ALA C 183 -0.29 33.43 -30.60
N GLY C 184 0.86 33.98 -31.02
CA GLY C 184 1.58 34.99 -30.25
C GLY C 184 2.25 34.45 -29.00
N VAL C 185 2.81 33.26 -29.12
CA VAL C 185 3.40 32.51 -28.00
C VAL C 185 4.80 32.02 -28.38
N ARG C 186 5.67 31.84 -27.39
CA ARG C 186 7.02 31.28 -27.58
C ARG C 186 7.25 30.10 -26.63
N ILE C 187 7.70 28.96 -27.15
CA ILE C 187 7.98 27.78 -26.34
C ILE C 187 9.36 27.24 -26.69
N ALA C 188 10.34 27.56 -25.86
CA ALA C 188 11.75 27.20 -26.09
C ALA C 188 11.96 25.70 -26.32
N ASP C 189 11.41 24.89 -25.41
CA ASP C 189 11.48 23.44 -25.50
C ASP C 189 10.04 22.94 -25.41
N THR C 190 9.58 22.29 -26.48
CA THR C 190 8.16 21.96 -26.58
C THR C 190 7.81 20.71 -25.79
N ALA C 191 8.82 19.90 -25.45
CA ALA C 191 8.63 18.72 -24.59
C ALA C 191 8.02 19.05 -23.22
N ARG C 192 8.17 20.31 -22.79
CA ARG C 192 7.79 20.71 -21.44
C ARG C 192 6.39 21.38 -21.31
N VAL C 193 5.56 21.22 -22.34
CA VAL C 193 4.20 21.73 -22.30
C VAL C 193 3.22 20.64 -22.76
N ARG C 194 2.42 20.15 -21.83
CA ARG C 194 1.49 19.08 -22.15
C ARG C 194 0.24 19.60 -22.86
N LEU C 195 -0.38 18.72 -23.65
CA LEU C 195 -1.69 19.03 -24.26
C LEU C 195 -2.67 19.19 -23.11
N GLY C 196 -3.46 20.26 -23.16
CA GLY C 196 -4.31 20.67 -22.05
C GLY C 196 -3.83 21.98 -21.43
N ALA C 197 -2.54 22.27 -21.60
CA ALA C 197 -1.98 23.55 -21.16
C ALA C 197 -2.67 24.70 -21.90
N TYR C 198 -2.80 25.82 -21.18
CA TYR C 198 -3.39 27.03 -21.74
C TYR C 198 -2.26 28.06 -21.78
N ILE C 199 -1.72 28.32 -22.96
CA ILE C 199 -0.64 29.30 -23.10
C ILE C 199 -1.18 30.58 -23.71
N GLY C 200 -1.22 31.63 -22.89
CA GLY C 200 -1.83 32.92 -23.29
C GLY C 200 -0.95 33.77 -24.18
N GLU C 201 -1.60 34.67 -24.89
CA GLU C 201 -0.96 35.53 -25.87
C GLU C 201 0.06 36.45 -25.22
N GLY C 202 1.29 36.41 -25.72
CA GLY C 202 2.38 37.22 -25.22
C GLY C 202 3.26 36.49 -24.24
N THR C 203 2.99 35.20 -24.02
CA THR C 203 3.78 34.38 -23.07
C THR C 203 5.04 33.81 -23.71
N THR C 204 6.14 33.84 -22.97
CA THR C 204 7.35 33.10 -23.34
C THR C 204 7.59 32.00 -22.31
N VAL C 205 7.47 30.74 -22.73
CA VAL C 205 7.83 29.59 -21.88
C VAL C 205 9.28 29.15 -22.18
N MET C 206 10.21 29.44 -21.27
CA MET C 206 11.62 29.14 -21.53
C MET C 206 11.97 27.70 -21.17
N HIS C 207 13.21 27.32 -21.47
CA HIS C 207 13.68 25.92 -21.45
C HIS C 207 13.46 25.25 -20.13
N GLU C 208 13.64 25.99 -19.04
CA GLU C 208 13.45 25.48 -17.67
C GLU C 208 11.96 25.53 -17.26
N GLY C 209 11.17 26.27 -18.03
CA GLY C 209 9.72 26.34 -17.81
C GLY C 209 9.02 25.02 -18.10
N PHE C 210 7.88 24.82 -17.44
CA PHE C 210 7.05 23.64 -17.60
C PHE C 210 5.57 24.02 -17.36
N VAL C 211 4.65 23.53 -18.19
CA VAL C 211 3.20 23.76 -18.00
C VAL C 211 2.36 22.49 -18.20
N ASN C 212 1.77 21.99 -17.11
CA ASN C 212 1.04 20.73 -17.09
C ASN C 212 -0.35 20.99 -17.64
N PHE C 213 -1.16 19.93 -17.76
CA PHE C 213 -2.53 20.06 -18.20
C PHE C 213 -3.42 20.83 -17.21
N ASN C 214 -4.53 21.35 -17.70
CA ASN C 214 -5.47 22.17 -16.92
C ASN C 214 -4.75 23.33 -16.19
N ALA C 215 -3.74 23.89 -16.86
CA ALA C 215 -2.86 24.89 -16.25
C ALA C 215 -2.33 25.87 -17.27
N GLY C 216 -1.78 26.98 -16.83
CA GLY C 216 -1.16 27.94 -17.75
C GLY C 216 -1.28 29.41 -17.39
N THR C 217 -1.29 30.26 -18.40
CA THR C 217 -1.14 31.72 -18.24
C THR C 217 -2.16 32.54 -19.02
N GLU C 218 -2.69 33.60 -18.38
CA GLU C 218 -3.57 34.58 -19.06
C GLU C 218 -2.84 35.18 -20.25
N GLY C 219 -1.58 35.57 -20.03
CA GLY C 219 -0.72 36.21 -21.04
C GLY C 219 -0.88 37.73 -20.95
N PRO C 220 0.20 38.51 -21.15
CA PRO C 220 1.59 38.12 -21.42
C PRO C 220 2.32 37.65 -20.17
N GLY C 221 3.47 37.01 -20.35
CA GLY C 221 4.26 36.51 -19.21
C GLY C 221 5.55 35.76 -19.58
N MET C 222 6.45 35.64 -18.62
CA MET C 222 7.74 35.00 -18.84
C MET C 222 7.87 33.84 -17.85
N ILE C 223 7.74 32.61 -18.38
CA ILE C 223 7.74 31.39 -17.56
C ILE C 223 9.06 30.65 -17.70
N GLU C 224 9.90 30.72 -16.68
CA GLU C 224 11.13 29.93 -16.61
C GLU C 224 11.03 28.85 -15.52
N GLY C 225 9.83 28.64 -14.98
CA GLY C 225 9.62 27.70 -13.87
C GLY C 225 8.44 26.76 -14.08
N ARG C 226 8.03 26.11 -12.99
CA ARG C 226 7.12 24.96 -13.08
C ARG C 226 5.67 25.29 -12.69
N VAL C 227 4.79 25.36 -13.68
CA VAL C 227 3.36 25.62 -13.47
C VAL C 227 2.59 24.29 -13.36
N SER C 228 2.21 23.91 -12.14
CA SER C 228 1.62 22.59 -11.90
C SER C 228 0.18 22.50 -12.35
N ALA C 229 -0.32 21.28 -12.48
CA ALA C 229 -1.69 21.02 -12.92
C ALA C 229 -2.66 21.71 -11.97
N GLY C 230 -3.63 22.41 -12.55
CA GLY C 230 -4.61 23.18 -11.76
C GLY C 230 -4.23 24.61 -11.46
N VAL C 231 -3.02 25.03 -11.82
CA VAL C 231 -2.53 26.37 -11.52
C VAL C 231 -2.65 27.33 -12.70
N PHE C 232 -3.23 28.51 -12.46
CA PHE C 232 -3.36 29.56 -13.48
C PHE C 232 -2.69 30.87 -13.07
N VAL C 233 -1.85 31.41 -13.96
CA VAL C 233 -1.06 32.62 -13.68
C VAL C 233 -1.62 33.83 -14.41
N GLY C 234 -1.91 34.90 -13.66
CA GLY C 234 -2.52 36.13 -14.19
C GLY C 234 -1.61 36.95 -15.08
N LYS C 235 -2.18 37.97 -15.74
CA LYS C 235 -1.46 38.75 -16.76
C LYS C 235 -0.27 39.54 -16.19
N GLY C 236 0.86 39.47 -16.91
CA GLY C 236 2.04 40.29 -16.60
C GLY C 236 3.03 39.70 -15.60
N SER C 237 2.67 38.57 -14.99
CA SER C 237 3.52 37.94 -13.97
C SER C 237 4.75 37.28 -14.58
N ASP C 238 5.87 37.28 -13.86
CA ASP C 238 7.08 36.55 -14.27
C ASP C 238 7.36 35.44 -13.28
N LEU C 239 7.64 34.25 -13.80
CA LEU C 239 8.07 33.11 -13.00
C LEU C 239 9.54 32.80 -13.29
N GLY C 240 10.40 33.00 -12.30
CA GLY C 240 11.84 32.87 -12.47
C GLY C 240 12.34 31.46 -12.63
N GLY C 241 13.59 31.35 -13.06
CA GLY C 241 14.22 30.06 -13.34
C GLY C 241 14.16 29.06 -12.20
N GLY C 242 13.52 27.92 -12.47
CA GLY C 242 13.47 26.80 -11.52
C GLY C 242 12.61 27.06 -10.30
N CYS C 243 11.70 28.01 -10.41
CA CYS C 243 10.77 28.27 -9.34
C CYS C 243 9.66 27.23 -9.42
N SER C 244 8.94 27.06 -8.32
CA SER C 244 7.96 25.99 -8.22
C SER C 244 6.58 26.49 -7.75
N THR C 245 5.56 25.74 -8.17
CA THR C 245 4.20 25.86 -7.64
C THR C 245 3.77 24.43 -7.27
N MET C 246 3.04 24.25 -6.18
CA MET C 246 2.75 22.90 -5.69
C MET C 246 1.54 22.27 -6.37
N GLY C 247 1.41 20.95 -6.26
CA GLY C 247 0.31 20.21 -6.86
C GLY C 247 -0.79 19.76 -5.92
N ASN C 254 -7.63 20.84 1.04
CA ASN C 254 -6.47 21.41 0.33
C ASN C 254 -6.88 22.72 -0.39
N ILE C 255 -5.88 23.42 -0.92
CA ILE C 255 -6.12 24.66 -1.67
C ILE C 255 -5.57 24.53 -3.08
N VAL C 256 -6.23 25.21 -4.02
CA VAL C 256 -5.71 25.39 -5.38
C VAL C 256 -4.80 26.62 -5.37
N ILE C 257 -3.61 26.47 -5.96
CA ILE C 257 -2.70 27.59 -6.08
C ILE C 257 -3.05 28.39 -7.32
N SER C 258 -3.01 29.71 -7.21
CA SER C 258 -3.12 30.62 -8.36
C SER C 258 -2.17 31.81 -8.17
N VAL C 259 -1.84 32.50 -9.26
CA VAL C 259 -0.93 33.64 -9.21
C VAL C 259 -1.59 34.84 -9.86
N GLY C 260 -1.52 35.98 -9.20
CA GLY C 260 -2.25 37.18 -9.63
C GLY C 260 -1.68 37.87 -10.84
N GLU C 261 -2.10 39.11 -11.07
CA GLU C 261 -1.52 39.97 -12.10
C GLU C 261 -0.27 40.65 -11.56
N GLY C 262 0.71 40.87 -12.42
CA GLY C 262 1.90 41.68 -12.10
C GLY C 262 2.84 41.15 -11.04
N CYS C 263 2.79 39.84 -10.76
CA CYS C 263 3.66 39.21 -9.75
C CYS C 263 5.06 38.92 -10.26
N LEU C 264 5.98 38.65 -9.34
CA LEU C 264 7.37 38.32 -9.68
C LEU C 264 7.88 37.25 -8.73
N ILE C 265 7.99 36.01 -9.22
CA ILE C 265 8.56 34.92 -8.42
C ILE C 265 10.03 34.72 -8.77
N GLY C 266 10.88 34.70 -7.76
CA GLY C 266 12.32 34.60 -7.96
C GLY C 266 12.80 33.22 -8.38
N ALA C 267 14.01 33.19 -8.92
CA ALA C 267 14.66 31.97 -9.34
C ALA C 267 14.83 31.03 -8.15
N ASN C 268 14.53 29.75 -8.36
CA ASN C 268 14.62 28.69 -7.33
C ASN C 268 13.66 28.87 -6.13
N ALA C 269 12.77 29.85 -6.18
CA ALA C 269 11.77 30.04 -5.12
C ALA C 269 10.64 29.02 -5.27
N GLY C 270 9.64 29.10 -4.39
CA GLY C 270 8.47 28.23 -4.49
C GLY C 270 7.26 28.67 -3.69
N ILE C 271 6.06 28.55 -4.29
CA ILE C 271 4.83 28.95 -3.61
C ILE C 271 3.83 27.82 -3.34
N GLY C 272 3.55 27.62 -2.05
CA GLY C 272 2.50 26.70 -1.59
C GLY C 272 1.22 27.39 -1.16
N ILE C 273 1.03 28.63 -1.61
CA ILE C 273 -0.19 29.39 -1.36
C ILE C 273 -0.56 30.23 -2.58
N PRO C 274 -1.84 30.63 -2.71
CA PRO C 274 -2.22 31.51 -3.80
C PRO C 274 -1.77 32.95 -3.58
N LEU C 275 -1.08 33.52 -4.55
CA LEU C 275 -0.58 34.91 -4.44
C LEU C 275 -1.58 35.88 -5.04
N GLY C 276 -1.70 37.05 -4.42
CA GLY C 276 -2.54 38.12 -4.95
C GLY C 276 -1.84 38.93 -6.04
N ASP C 277 -2.50 39.99 -6.49
CA ASP C 277 -1.93 40.87 -7.53
C ASP C 277 -0.67 41.59 -7.02
N ARG C 278 0.30 41.77 -7.90
CA ARG C 278 1.53 42.52 -7.60
C ARG C 278 2.41 41.98 -6.44
N ASN C 279 2.30 40.67 -6.14
CA ASN C 279 3.14 40.04 -5.11
C ASN C 279 4.57 39.74 -5.59
N ILE C 280 5.53 39.76 -4.67
CA ILE C 280 6.92 39.44 -4.97
C ILE C 280 7.43 38.38 -4.00
N VAL C 281 7.92 37.26 -4.54
CA VAL C 281 8.64 36.24 -3.74
C VAL C 281 10.13 36.28 -4.08
N GLU C 282 10.97 36.46 -3.07
CA GLU C 282 12.41 36.56 -3.24
C GLU C 282 13.03 35.25 -3.74
N ALA C 283 14.13 35.38 -4.48
CA ALA C 283 14.88 34.23 -5.00
C ALA C 283 15.35 33.28 -3.88
N GLY C 284 15.17 31.98 -4.11
CA GLY C 284 15.62 30.95 -3.17
C GLY C 284 14.70 30.71 -1.98
N LEU C 285 13.52 31.32 -1.99
CA LEU C 285 12.59 31.28 -0.86
C LEU C 285 11.42 30.35 -1.16
N TYR C 286 11.22 29.34 -0.32
CA TYR C 286 10.03 28.50 -0.43
C TYR C 286 9.06 28.84 0.70
N ILE C 287 7.85 29.29 0.33
CA ILE C 287 6.81 29.61 1.31
C ILE C 287 5.58 28.68 1.19
N THR C 288 5.24 28.02 2.29
CA THR C 288 4.09 27.10 2.35
C THR C 288 2.94 27.70 3.18
N ALA C 289 1.83 26.97 3.25
CA ALA C 289 0.64 27.43 3.97
C ALA C 289 0.86 27.54 5.49
N GLY C 290 1.62 26.61 6.04
CA GLY C 290 1.92 26.59 7.48
C GLY C 290 3.16 27.35 7.91
N THR C 291 3.83 28.00 6.95
CA THR C 291 5.04 28.76 7.26
C THR C 291 4.71 29.98 8.10
N LYS C 292 5.39 30.11 9.24
CA LYS C 292 5.25 31.29 10.08
C LYS C 292 6.02 32.47 9.46
N VAL C 293 5.29 33.54 9.17
CA VAL C 293 5.84 34.73 8.51
C VAL C 293 5.81 35.95 9.43
N ALA C 294 6.80 36.83 9.29
CA ALA C 294 6.89 38.08 10.05
C ALA C 294 6.38 39.28 9.25
N LEU C 295 5.16 39.73 9.56
CA LEU C 295 4.50 40.82 8.83
C LEU C 295 5.11 42.18 9.23
N LEU C 296 5.35 43.05 8.25
CA LEU C 296 6.02 44.35 8.47
C LEU C 296 5.30 45.53 7.81
N ASP C 297 5.51 46.73 8.35
CA ASP C 297 4.75 47.94 7.94
C ASP C 297 5.51 48.87 6.97
N GLU C 298 4.93 50.04 6.67
CA GLU C 298 5.54 51.07 5.79
C GLU C 298 7.05 51.30 5.97
N GLN C 299 7.47 51.47 7.22
CA GLN C 299 8.88 51.33 7.57
C GLN C 299 9.78 50.15 7.88
N ASN C 300 9.31 48.92 7.74
CA ASN C 300 10.10 47.80 8.21
C ASN C 300 10.02 47.29 9.64
N ALA C 301 8.99 47.78 10.34
CA ALA C 301 8.75 47.44 11.73
C ALA C 301 7.83 46.23 11.82
N LEU C 302 8.19 45.30 12.70
CA LEU C 302 7.40 44.10 12.95
C LEU C 302 6.02 44.46 13.48
N VAL C 303 4.98 44.13 12.72
CA VAL C 303 3.59 44.32 13.19
C VAL C 303 3.16 43.13 14.03
N LYS C 304 3.27 41.94 13.47
CA LYS C 304 3.03 40.70 14.21
C LYS C 304 3.47 39.47 13.40
N VAL C 305 3.28 38.29 14.00
CA VAL C 305 3.61 37.01 13.38
C VAL C 305 2.33 36.23 13.06
N VAL C 306 2.08 36.06 11.76
CA VAL C 306 0.97 35.25 11.25
C VAL C 306 1.54 34.12 10.38
N LYS C 307 0.67 33.22 9.93
CA LYS C 307 1.06 32.18 8.97
C LYS C 307 0.75 32.64 7.53
N ALA C 308 1.40 32.02 6.55
CA ALA C 308 1.27 32.42 5.15
C ALA C 308 -0.16 32.27 4.60
N ARG C 309 -0.89 31.27 5.08
CA ARG C 309 -2.24 31.00 4.57
C ARG C 309 -3.21 32.15 4.87
N ASP C 310 -2.95 32.87 5.96
CA ASP C 310 -3.76 34.02 6.36
C ASP C 310 -3.50 35.24 5.47
N LEU C 311 -2.34 35.25 4.80
CA LEU C 311 -1.96 36.31 3.86
C LEU C 311 -2.18 35.86 2.41
N ALA C 312 -2.96 34.79 2.23
CA ALA C 312 -3.14 34.17 0.92
C ALA C 312 -4.24 34.86 0.13
N GLY C 313 -3.85 35.47 -0.99
CA GLY C 313 -4.79 36.12 -1.91
C GLY C 313 -4.74 37.63 -1.83
N GLN C 314 -3.72 38.16 -1.14
CA GLN C 314 -3.65 39.59 -0.81
C GLN C 314 -2.65 40.31 -1.70
N PRO C 315 -2.92 41.59 -2.01
CA PRO C 315 -2.06 42.31 -2.94
C PRO C 315 -0.87 43.00 -2.27
N ASP C 316 0.08 43.42 -3.10
CA ASP C 316 1.24 44.20 -2.67
C ASP C 316 2.02 43.64 -1.48
N LEU C 317 2.29 42.33 -1.52
CA LEU C 317 3.12 41.69 -0.51
C LEU C 317 4.52 41.44 -1.09
N LEU C 318 5.52 41.44 -0.21
CA LEU C 318 6.89 41.13 -0.59
C LEU C 318 7.47 40.15 0.42
N PHE C 319 7.60 38.88 0.03
CA PHE C 319 8.17 37.85 0.89
C PHE C 319 9.68 37.74 0.67
N ARG C 320 10.46 37.56 1.74
CA ARG C 320 11.91 37.39 1.63
C ARG C 320 12.40 36.68 2.89
N ARG C 321 13.70 36.45 2.98
CA ARG C 321 14.26 35.83 4.20
C ARG C 321 15.48 36.58 4.67
N ASN C 322 15.35 37.20 5.85
CA ASN C 322 16.42 37.97 6.47
C ASN C 322 17.79 37.24 6.41
N SER C 323 18.77 37.92 5.83
CA SER C 323 20.10 37.36 5.62
C SER C 323 20.98 37.35 6.87
N GLN C 324 20.57 38.09 7.92
CA GLN C 324 21.28 38.15 9.21
C GLN C 324 20.78 37.14 10.26
N ASN C 325 19.50 36.75 10.16
CA ASN C 325 18.83 36.01 11.24
C ASN C 325 17.88 34.87 10.80
N GLY C 326 17.72 34.67 9.50
CA GLY C 326 16.98 33.52 8.97
C GLY C 326 15.47 33.55 9.15
N ALA C 327 14.92 34.75 9.36
CA ALA C 327 13.48 34.89 9.58
C ALA C 327 12.76 35.19 8.27
N VAL C 328 11.63 34.52 8.04
CA VAL C 328 10.81 34.83 6.89
C VAL C 328 10.04 36.11 7.18
N GLU C 329 10.15 37.06 6.25
CA GLU C 329 9.49 38.35 6.38
C GLU C 329 8.51 38.57 5.24
N CYS C 330 7.56 39.49 5.46
CA CYS C 330 6.59 39.89 4.44
C CYS C 330 6.29 41.38 4.59
N LYS C 331 6.81 42.19 3.69
CA LYS C 331 6.79 43.65 3.85
C LYS C 331 5.62 44.34 3.12
N THR C 332 5.23 45.50 3.65
CA THR C 332 4.39 46.47 2.90
C THR C 332 4.77 47.89 3.30
N GLN D 6 -27.61 -58.32 1.75
CA GLN D 6 -28.35 -57.62 2.84
C GLN D 6 -28.23 -56.09 2.69
N SER D 7 -29.27 -55.36 3.09
CA SER D 7 -29.37 -53.89 2.91
C SER D 7 -28.48 -53.06 3.86
N LEU D 8 -27.43 -52.43 3.35
CA LEU D 8 -26.44 -51.75 4.24
C LEU D 8 -27.01 -50.58 5.01
N PHE D 9 -26.60 -50.47 6.27
CA PHE D 9 -27.00 -49.39 7.16
C PHE D 9 -26.50 -48.03 6.68
N SER D 10 -25.29 -48.01 6.11
CA SER D 10 -24.71 -46.78 5.61
C SER D 10 -23.43 -47.07 4.84
N LEU D 11 -23.09 -46.16 3.93
CA LEU D 11 -21.79 -46.17 3.27
C LEU D 11 -21.44 -44.73 2.85
N ALA D 12 -20.15 -44.45 2.68
CA ALA D 12 -19.68 -43.11 2.29
C ALA D 12 -18.22 -43.12 1.84
N PHE D 13 -17.89 -42.33 0.83
CA PHE D 13 -16.52 -42.26 0.32
C PHE D 13 -15.79 -41.07 0.96
N GLY D 14 -14.57 -41.29 1.45
CA GLY D 14 -13.88 -40.28 2.26
C GLY D 14 -12.49 -39.86 1.80
N VAL D 15 -12.16 -38.59 2.01
CA VAL D 15 -10.76 -38.11 1.92
C VAL D 15 -10.33 -37.61 3.31
N GLY D 16 -9.20 -38.12 3.80
CA GLY D 16 -8.74 -37.82 5.15
C GLY D 16 -7.29 -37.42 5.20
N THR D 17 -6.69 -37.50 6.38
CA THR D 17 -5.25 -37.32 6.50
C THR D 17 -4.65 -38.41 7.39
N GLN D 18 -3.32 -38.50 7.40
CA GLN D 18 -2.58 -39.54 8.12
C GLN D 18 -1.26 -39.02 8.65
N ASN D 19 -0.74 -39.63 9.71
CA ASN D 19 0.57 -39.28 10.24
C ASN D 19 1.68 -40.10 9.57
N ARG D 20 2.94 -39.85 9.96
CA ARG D 20 4.07 -40.56 9.33
C ARG D 20 3.96 -42.07 9.48
N GLN D 21 3.33 -42.51 10.56
CA GLN D 21 3.16 -43.94 10.85
C GLN D 21 1.82 -44.46 10.28
N GLU D 22 1.28 -43.75 9.28
CA GLU D 22 0.11 -44.19 8.54
C GLU D 22 -1.13 -44.42 9.40
N ALA D 23 -1.18 -43.77 10.57
CA ALA D 23 -2.34 -43.73 11.43
C ALA D 23 -3.37 -42.74 10.91
N TRP D 24 -4.66 -43.10 10.96
CA TRP D 24 -5.74 -42.23 10.48
C TRP D 24 -6.16 -41.26 11.55
N LEU D 25 -6.01 -39.95 11.26
CA LEU D 25 -6.30 -38.84 12.18
C LEU D 25 -7.67 -38.21 11.97
N GLU D 26 -8.22 -38.32 10.76
CA GLU D 26 -9.57 -37.83 10.46
C GLU D 26 -9.99 -38.19 9.04
N VAL D 27 -11.30 -38.17 8.79
CA VAL D 27 -11.88 -38.43 7.46
C VAL D 27 -12.99 -37.43 7.13
N PHE D 28 -13.04 -36.95 5.88
CA PHE D 28 -14.05 -35.99 5.42
C PHE D 28 -14.96 -36.64 4.38
N TYR D 29 -16.26 -36.68 4.67
CA TYR D 29 -17.24 -37.37 3.83
C TYR D 29 -18.18 -36.35 3.20
N ALA D 30 -17.98 -36.09 1.91
CA ALA D 30 -18.78 -35.15 1.17
C ALA D 30 -20.24 -35.39 1.36
N LEU D 31 -20.65 -36.63 1.10
CA LEU D 31 -22.03 -36.96 0.81
C LEU D 31 -22.34 -38.33 1.36
N PRO D 32 -22.31 -38.47 2.68
CA PRO D 32 -22.60 -39.78 3.25
C PRO D 32 -24.03 -40.23 2.93
N LEU D 33 -24.27 -41.54 3.05
CA LEU D 33 -25.55 -42.13 2.68
C LEU D 33 -26.13 -43.00 3.76
N LEU D 34 -27.33 -42.65 4.21
CA LEU D 34 -28.11 -43.50 5.10
C LEU D 34 -28.83 -44.55 4.27
N LYS D 35 -28.65 -45.82 4.63
CA LYS D 35 -29.37 -46.92 3.98
C LYS D 35 -29.25 -46.83 2.47
N PRO D 36 -28.02 -46.93 1.93
CA PRO D 36 -27.81 -46.84 0.48
C PRO D 36 -28.54 -47.95 -0.27
N SER D 37 -28.83 -47.75 -1.55
CA SER D 37 -29.58 -48.74 -2.33
C SER D 37 -28.56 -49.81 -2.74
N SER D 38 -29.00 -51.06 -2.59
CA SER D 38 -28.35 -52.29 -3.10
C SER D 38 -27.81 -52.24 -4.52
N GLU D 39 -28.41 -51.39 -5.35
CA GLU D 39 -27.89 -51.08 -6.67
C GLU D 39 -26.49 -50.46 -6.60
N ILE D 40 -26.31 -49.52 -5.69
CA ILE D 40 -25.02 -48.81 -5.53
C ILE D 40 -23.97 -49.72 -4.87
N VAL D 41 -24.43 -50.54 -3.94
CA VAL D 41 -23.58 -51.45 -3.16
C VAL D 41 -22.93 -52.52 -4.05
N ALA D 42 -23.76 -53.32 -4.71
CA ALA D 42 -23.30 -54.40 -5.59
C ALA D 42 -22.30 -53.95 -6.65
N ALA D 43 -22.47 -52.73 -7.18
CA ALA D 43 -21.55 -52.18 -8.19
C ALA D 43 -20.22 -51.74 -7.60
N VAL D 44 -20.18 -51.45 -6.30
CA VAL D 44 -18.98 -50.93 -5.64
C VAL D 44 -18.23 -51.98 -4.81
N ALA D 45 -18.96 -52.95 -4.28
CA ALA D 45 -18.36 -54.02 -3.47
C ALA D 45 -17.16 -54.75 -4.10
N PRO D 46 -17.30 -55.25 -5.36
CA PRO D 46 -16.23 -56.07 -5.96
C PRO D 46 -14.89 -55.34 -6.16
N ILE D 47 -14.97 -54.11 -6.66
CA ILE D 47 -13.79 -53.26 -6.89
C ILE D 47 -13.03 -52.99 -5.60
N LEU D 48 -13.74 -52.90 -4.48
CA LEU D 48 -13.11 -52.64 -3.19
C LEU D 48 -12.67 -53.92 -2.48
N GLY D 49 -13.32 -55.03 -2.81
CA GLY D 49 -13.12 -56.31 -2.10
C GLY D 49 -14.00 -56.50 -0.86
N TYR D 50 -15.13 -55.79 -0.81
CA TYR D 50 -16.07 -55.86 0.33
C TYR D 50 -16.91 -57.11 0.21
N ALA D 51 -17.19 -57.74 1.36
CA ALA D 51 -17.82 -59.06 1.41
C ALA D 51 -18.94 -59.11 2.44
N ALA D 52 -18.61 -58.70 3.67
CA ALA D 52 -19.60 -58.64 4.74
C ALA D 52 -19.13 -57.75 5.90
N GLY D 53 -20.04 -57.50 6.83
CA GLY D 53 -19.71 -56.79 8.06
C GLY D 53 -19.37 -55.32 7.86
N ASN D 54 -18.69 -54.76 8.84
CA ASN D 54 -18.42 -53.33 8.89
C ASN D 54 -16.93 -53.10 8.66
N GLN D 55 -16.62 -52.44 7.54
CA GLN D 55 -15.26 -52.43 6.96
C GLN D 55 -14.78 -51.04 6.55
N ALA D 56 -13.52 -50.75 6.87
CA ALA D 56 -12.86 -49.51 6.48
C ALA D 56 -11.80 -49.83 5.43
N LEU D 57 -12.11 -49.55 4.16
CA LEU D 57 -11.29 -50.02 3.03
C LEU D 57 -10.59 -48.85 2.34
N THR D 58 -9.25 -48.83 2.39
CA THR D 58 -8.48 -47.84 1.66
C THR D 58 -8.45 -48.19 0.17
N PHE D 59 -9.04 -47.32 -0.64
CA PHE D 59 -9.00 -47.51 -2.06
C PHE D 59 -8.13 -46.44 -2.69
N THR D 60 -7.55 -46.84 -3.80
CA THR D 60 -6.42 -46.15 -4.36
C THR D 60 -7.01 -45.18 -5.38
N SER D 61 -6.18 -44.28 -5.89
CA SER D 61 -6.63 -43.35 -6.93
C SER D 61 -7.24 -44.12 -8.12
N GLN D 62 -6.58 -45.18 -8.54
CA GLN D 62 -7.03 -45.97 -9.69
C GLN D 62 -8.44 -46.50 -9.47
N GLN D 63 -8.69 -47.04 -8.27
CA GLN D 63 -10.01 -47.57 -7.90
C GLN D 63 -11.02 -46.44 -7.94
N ALA D 64 -10.63 -45.27 -7.43
CA ALA D 64 -11.41 -44.04 -7.54
C ALA D 64 -12.08 -43.90 -8.90
N TYR D 65 -11.26 -43.90 -9.95
CA TYR D 65 -11.75 -43.81 -11.34
C TYR D 65 -12.69 -44.95 -11.73
N GLN D 66 -12.27 -46.17 -11.39
CA GLN D 66 -13.08 -47.38 -11.56
C GLN D 66 -14.46 -47.27 -10.87
N LEU D 67 -14.47 -46.79 -9.62
CA LEU D 67 -15.72 -46.67 -8.84
C LEU D 67 -16.64 -45.63 -9.47
N ALA D 68 -16.04 -44.54 -9.93
CA ALA D 68 -16.79 -43.45 -10.59
C ALA D 68 -17.47 -43.99 -11.83
N ASP D 69 -16.70 -44.72 -12.65
CA ASP D 69 -17.21 -45.28 -13.90
C ASP D 69 -18.42 -46.21 -13.65
N ALA D 70 -18.32 -47.06 -12.63
CA ALA D 70 -19.37 -48.03 -12.30
C ALA D 70 -20.70 -47.38 -11.92
N LEU D 71 -20.63 -46.22 -11.26
CA LEU D 71 -21.82 -45.57 -10.67
C LEU D 71 -22.49 -44.50 -11.55
N LYS D 72 -22.00 -44.27 -12.77
CA LYS D 72 -22.80 -43.58 -13.77
C LYS D 72 -24.05 -44.42 -14.07
N GLY D 73 -25.18 -43.76 -14.28
CA GLY D 73 -26.44 -44.44 -14.56
C GLY D 73 -27.17 -44.88 -13.30
N ILE D 74 -26.39 -45.22 -12.27
CA ILE D 74 -26.89 -45.68 -10.95
C ILE D 74 -27.14 -44.48 -10.01
N ASP D 75 -26.16 -43.58 -9.91
CA ASP D 75 -26.24 -42.40 -9.02
C ASP D 75 -25.16 -41.35 -9.36
N ALA D 76 -25.50 -40.42 -10.25
CA ALA D 76 -24.57 -39.38 -10.74
C ALA D 76 -23.88 -38.55 -9.65
N ALA D 77 -24.64 -38.17 -8.63
CA ALA D 77 -24.10 -37.36 -7.55
C ALA D 77 -22.86 -38.02 -6.99
N GLN D 78 -23.00 -39.30 -6.60
CA GLN D 78 -21.88 -40.08 -6.08
C GLN D 78 -20.80 -40.29 -7.14
N SER D 79 -21.22 -40.54 -8.39
CA SER D 79 -20.28 -40.70 -9.51
C SER D 79 -19.37 -39.48 -9.60
N ALA D 80 -19.94 -38.32 -9.96
CA ALA D 80 -19.16 -37.06 -10.04
C ALA D 80 -18.19 -36.82 -8.84
N LEU D 81 -18.56 -37.25 -7.62
CA LEU D 81 -17.68 -37.07 -6.44
C LEU D 81 -16.41 -37.91 -6.60
N LEU D 82 -16.58 -39.21 -6.79
CA LEU D 82 -15.46 -40.14 -6.98
C LEU D 82 -14.41 -39.74 -8.04
N SER D 83 -14.82 -39.00 -9.06
CA SER D 83 -13.88 -38.45 -10.06
C SER D 83 -12.96 -37.41 -9.43
N ARG D 84 -13.55 -36.52 -8.65
CA ARG D 84 -12.80 -35.50 -7.93
C ARG D 84 -11.81 -36.17 -6.97
N LEU D 85 -12.28 -37.20 -6.26
CA LEU D 85 -11.43 -37.93 -5.31
C LEU D 85 -10.26 -38.64 -6.02
N ALA D 86 -10.48 -39.01 -7.28
CA ALA D 86 -9.43 -39.62 -8.09
C ALA D 86 -8.24 -38.66 -8.29
N GLU D 87 -8.50 -37.36 -8.32
CA GLU D 87 -7.44 -36.37 -8.48
C GLU D 87 -6.69 -36.12 -7.17
N SER D 88 -7.36 -36.33 -6.04
CA SER D 88 -6.87 -35.94 -4.71
C SER D 88 -5.41 -36.19 -4.32
N GLN D 89 -4.84 -35.21 -3.60
CA GLN D 89 -3.47 -35.34 -3.10
C GLN D 89 -3.44 -36.25 -1.83
N LYS D 90 -4.58 -36.33 -1.12
CA LYS D 90 -4.68 -37.06 0.15
C LYS D 90 -5.27 -38.47 -0.01
N PRO D 91 -4.96 -39.37 0.95
CA PRO D 91 -5.46 -40.77 0.87
C PRO D 91 -6.98 -40.85 0.90
N LEU D 92 -7.54 -41.96 0.43
CA LEU D 92 -8.99 -42.16 0.39
C LEU D 92 -9.36 -43.37 1.22
N VAL D 93 -10.66 -43.52 1.49
CA VAL D 93 -11.15 -44.69 2.21
C VAL D 93 -12.66 -44.78 2.08
N ALA D 94 -13.12 -46.00 1.85
CA ALA D 94 -14.53 -46.28 1.77
C ALA D 94 -14.90 -46.99 3.05
N THR D 95 -15.92 -46.50 3.75
CA THR D 95 -16.42 -47.21 4.90
C THR D 95 -17.84 -47.67 4.64
N LEU D 96 -18.08 -48.96 4.83
CA LEU D 96 -19.40 -49.56 4.57
C LEU D 96 -19.87 -50.30 5.82
N LEU D 97 -21.06 -49.96 6.27
CA LEU D 97 -21.59 -50.43 7.54
C LEU D 97 -22.85 -51.27 7.38
N ALA D 98 -22.71 -52.58 7.49
CA ALA D 98 -23.86 -53.47 7.35
C ALA D 98 -24.92 -53.11 8.39
N GLU D 99 -24.49 -53.14 9.65
CA GLU D 99 -25.40 -52.98 10.77
C GLU D 99 -24.98 -51.82 11.67
N ASP D 100 -25.96 -51.19 12.29
CA ASP D 100 -25.71 -50.15 13.29
C ASP D 100 -25.16 -50.80 14.55
N ALA D 101 -23.83 -50.86 14.64
CA ALA D 101 -23.17 -51.50 15.78
C ALA D 101 -21.89 -50.74 16.18
N ALA D 102 -21.27 -51.16 17.28
CA ALA D 102 -20.24 -50.38 17.96
C ALA D 102 -19.00 -50.24 17.11
N PRO D 103 -18.62 -48.99 16.78
CA PRO D 103 -17.52 -48.73 15.85
C PRO D 103 -16.15 -49.33 16.22
N SER D 104 -15.44 -49.78 15.19
CA SER D 104 -14.17 -50.50 15.28
C SER D 104 -13.05 -49.88 14.45
N SER D 105 -13.34 -48.78 13.75
CA SER D 105 -12.28 -47.98 13.20
C SER D 105 -12.60 -46.47 13.25
N THR D 106 -11.53 -45.68 13.32
CA THR D 106 -11.60 -44.23 13.24
C THR D 106 -12.51 -43.76 12.10
N ALA D 107 -12.35 -44.38 10.94
CA ALA D 107 -13.14 -44.01 9.77
C ALA D 107 -14.63 -44.32 9.96
N GLU D 108 -14.97 -45.43 10.60
CA GLU D 108 -16.36 -45.69 11.00
C GLU D 108 -16.87 -44.61 11.99
N ALA D 109 -16.04 -44.30 12.99
CA ALA D 109 -16.40 -43.31 14.03
C ALA D 109 -16.73 -41.93 13.45
N TYR D 110 -16.01 -41.52 12.42
CA TYR D 110 -16.33 -40.25 11.77
C TYR D 110 -17.61 -40.39 10.94
N LEU D 111 -17.86 -41.57 10.37
CA LEU D 111 -19.07 -41.76 9.55
C LEU D 111 -20.30 -41.49 10.38
N LYS D 112 -20.35 -42.11 11.55
CA LYS D 112 -21.47 -41.95 12.48
C LYS D 112 -21.66 -40.48 12.94
N LEU D 113 -20.58 -39.72 13.02
CA LEU D 113 -20.67 -38.30 13.41
C LEU D 113 -21.24 -37.41 12.28
N HIS D 114 -20.86 -37.72 11.03
CA HIS D 114 -21.43 -37.05 9.88
C HIS D 114 -22.94 -37.29 9.83
N LEU D 115 -23.37 -38.53 10.06
CA LEU D 115 -24.79 -38.84 9.92
C LEU D 115 -25.66 -37.93 10.81
N LEU D 116 -25.25 -37.78 12.07
CA LEU D 116 -25.91 -36.89 13.04
C LEU D 116 -25.91 -35.44 12.61
N SER D 117 -24.74 -34.96 12.19
CA SER D 117 -24.59 -33.55 11.84
C SER D 117 -25.29 -33.24 10.51
N HIS D 118 -25.20 -34.17 9.55
CA HIS D 118 -25.98 -34.09 8.32
C HIS D 118 -27.48 -34.34 8.55
N ARG D 119 -27.89 -34.60 9.79
CA ARG D 119 -29.31 -34.81 10.15
C ARG D 119 -30.00 -36.08 9.59
N LEU D 120 -29.21 -37.01 9.07
CA LEU D 120 -29.77 -38.24 8.51
C LEU D 120 -30.26 -39.14 9.66
N VAL D 121 -29.81 -38.86 10.88
CA VAL D 121 -30.34 -39.50 12.07
C VAL D 121 -30.30 -38.52 13.24
N LYS D 122 -31.06 -38.85 14.28
CA LYS D 122 -31.16 -38.05 15.47
C LYS D 122 -30.21 -38.59 16.55
N PRO D 123 -30.14 -37.91 17.70
CA PRO D 123 -29.39 -38.46 18.83
C PRO D 123 -30.02 -39.73 19.42
N HIS D 124 -29.16 -40.64 19.86
CA HIS D 124 -29.57 -41.91 20.46
C HIS D 124 -30.02 -42.94 19.42
N ALA D 125 -30.12 -42.54 18.16
CA ALA D 125 -30.56 -43.45 17.10
C ALA D 125 -29.35 -43.97 16.36
N VAL D 126 -28.27 -44.27 17.06
CA VAL D 126 -27.04 -44.70 16.44
C VAL D 126 -26.08 -45.19 17.50
N ASN D 127 -25.26 -46.19 17.19
CA ASN D 127 -24.40 -46.85 18.21
C ASN D 127 -22.98 -46.27 18.26
N LEU D 128 -22.66 -45.59 19.35
CA LEU D 128 -21.38 -44.88 19.48
C LEU D 128 -20.50 -45.48 20.59
N SER D 129 -20.75 -46.74 20.92
CA SER D 129 -20.15 -47.41 22.09
C SER D 129 -18.65 -47.67 21.93
N GLY D 130 -17.86 -47.26 22.91
CA GLY D 130 -16.41 -47.32 22.79
C GLY D 130 -15.83 -46.41 21.72
N ILE D 131 -16.47 -45.26 21.48
CA ILE D 131 -16.04 -44.34 20.42
C ILE D 131 -14.75 -43.60 20.75
N PHE D 132 -14.51 -43.30 22.03
CA PHE D 132 -13.39 -42.42 22.43
C PHE D 132 -12.01 -42.97 22.07
N PRO D 133 -11.72 -44.21 22.47
CA PRO D 133 -10.43 -44.80 22.10
C PRO D 133 -10.16 -44.81 20.59
N LEU D 134 -11.22 -44.73 19.78
CA LEU D 134 -11.12 -44.69 18.31
C LEU D 134 -10.90 -43.31 17.73
N LEU D 135 -11.13 -42.28 18.53
CA LEU D 135 -10.82 -40.90 18.12
C LEU D 135 -9.43 -40.59 18.69
N PRO D 136 -8.42 -40.41 17.82
CA PRO D 136 -7.09 -40.13 18.32
C PRO D 136 -6.95 -38.65 18.59
N ASN D 137 -6.37 -38.28 19.73
CA ASN D 137 -6.24 -36.87 20.04
C ASN D 137 -5.30 -36.21 19.04
N VAL D 138 -5.74 -35.08 18.48
CA VAL D 138 -5.03 -34.41 17.41
C VAL D 138 -4.97 -32.89 17.58
N ALA D 139 -3.90 -32.28 17.07
CA ALA D 139 -3.84 -30.82 16.94
C ALA D 139 -4.60 -30.37 15.70
N TRP D 140 -5.61 -29.51 15.88
CA TRP D 140 -6.34 -28.97 14.74
C TRP D 140 -5.81 -27.58 14.33
N THR D 141 -5.11 -27.52 13.19
CA THR D 141 -4.53 -26.25 12.69
C THR D 141 -5.24 -25.72 11.45
N ASN D 142 -4.75 -24.59 10.90
CA ASN D 142 -5.31 -24.00 9.69
C ASN D 142 -4.60 -24.47 8.42
N ILE D 143 -3.70 -25.42 8.57
CA ILE D 143 -3.26 -26.23 7.41
C ILE D 143 -3.77 -27.68 7.52
N GLY D 144 -4.61 -27.97 8.52
CA GLY D 144 -5.24 -29.29 8.65
C GLY D 144 -5.03 -29.89 10.01
N ALA D 145 -5.39 -31.18 10.15
CA ALA D 145 -5.15 -31.91 11.37
C ALA D 145 -3.68 -32.36 11.43
N VAL D 146 -3.10 -32.37 12.63
CA VAL D 146 -1.66 -32.59 12.80
C VAL D 146 -1.34 -33.47 14.04
N ASP D 147 -0.41 -34.41 13.87
CA ASP D 147 -0.01 -35.30 14.97
C ASP D 147 0.77 -34.51 16.00
N LEU D 148 0.39 -34.63 17.27
CA LEU D 148 1.05 -33.83 18.31
C LEU D 148 2.58 -34.04 18.32
N ALA D 149 3.00 -35.26 17.98
CA ALA D 149 4.43 -35.61 17.90
C ALA D 149 5.24 -34.83 16.85
N GLU D 150 4.58 -34.37 15.79
CA GLU D 150 5.21 -33.58 14.72
C GLU D 150 5.11 -32.07 15.00
N LEU D 151 4.06 -31.69 15.72
CA LEU D 151 3.66 -30.30 15.90
C LEU D 151 4.82 -29.32 15.98
N ALA D 152 5.68 -29.51 16.98
CA ALA D 152 6.68 -28.54 17.34
C ALA D 152 7.51 -28.14 16.11
N GLU D 153 8.11 -29.14 15.47
CA GLU D 153 8.87 -28.93 14.24
C GLU D 153 8.09 -28.12 13.18
N LEU D 154 6.77 -28.26 13.11
CA LEU D 154 5.96 -27.47 12.17
C LEU D 154 5.82 -26.03 12.67
N GLN D 155 5.61 -25.89 13.98
CA GLN D 155 5.62 -24.59 14.65
C GLN D 155 6.96 -23.89 14.45
N LEU D 156 8.05 -24.64 14.45
CA LEU D 156 9.38 -24.02 14.39
C LEU D 156 9.61 -23.37 13.04
N GLU D 157 9.28 -24.10 11.99
CA GLU D 157 9.47 -23.64 10.61
C GLU D 157 8.65 -22.40 10.27
N ALA D 158 7.41 -22.37 10.76
CA ALA D 158 6.52 -21.23 10.58
C ALA D 158 7.18 -19.98 11.13
N ARG D 159 7.61 -20.07 12.38
CA ARG D 159 8.23 -18.96 13.10
C ARG D 159 9.51 -18.46 12.41
N LEU D 160 10.33 -19.39 11.90
CA LEU D 160 11.57 -19.05 11.17
C LEU D 160 11.31 -18.28 9.86
N LYS D 161 10.13 -18.48 9.27
CA LYS D 161 9.67 -17.69 8.13
C LYS D 161 8.90 -16.44 8.61
N GLY D 162 8.95 -16.16 9.92
CA GLY D 162 8.26 -14.99 10.46
C GLY D 162 6.76 -15.12 10.42
N LYS D 163 6.30 -16.37 10.36
CA LYS D 163 4.90 -16.71 10.24
C LYS D 163 4.52 -17.48 11.48
N LEU D 164 3.21 -17.67 11.66
CA LEU D 164 2.66 -18.40 12.78
C LEU D 164 1.78 -19.54 12.24
N LEU D 165 1.75 -20.68 12.96
CA LEU D 165 0.82 -21.82 12.67
C LEU D 165 -0.36 -21.86 13.65
N GLU D 166 -1.57 -21.51 13.18
CA GLU D 166 -2.73 -21.30 14.09
C GLU D 166 -3.32 -22.61 14.59
N VAL D 167 -3.30 -22.78 15.91
CA VAL D 167 -3.72 -24.01 16.56
C VAL D 167 -5.03 -23.69 17.27
N PHE D 168 -6.18 -23.97 16.64
CA PHE D 168 -7.45 -23.64 17.33
C PHE D 168 -8.00 -24.70 18.29
N SER D 169 -7.47 -25.93 18.24
CA SER D 169 -7.98 -26.99 19.13
C SER D 169 -7.05 -28.21 19.24
N VAL D 170 -6.98 -28.80 20.44
CA VAL D 170 -6.22 -30.04 20.66
C VAL D 170 -7.16 -31.12 21.23
N ASP D 171 -7.90 -31.79 20.35
CA ASP D 171 -9.00 -32.65 20.80
C ASP D 171 -9.20 -33.87 19.91
N LYS D 172 -9.90 -34.85 20.46
CA LYS D 172 -10.29 -36.06 19.74
C LYS D 172 -11.50 -35.80 18.86
N PHE D 173 -12.20 -34.69 19.08
CA PHE D 173 -13.32 -34.29 18.24
C PHE D 173 -12.98 -32.98 17.55
N PRO D 174 -13.19 -32.88 16.22
CA PRO D 174 -13.08 -31.58 15.56
C PRO D 174 -14.36 -30.77 15.74
N LYS D 175 -14.47 -29.63 15.06
CA LYS D 175 -15.67 -28.82 15.12
C LYS D 175 -16.51 -28.98 13.83
N MET D 176 -17.82 -28.86 13.96
CA MET D 176 -18.77 -29.32 12.93
C MET D 176 -18.67 -28.59 11.58
N THR D 177 -18.52 -27.27 11.63
CA THR D 177 -18.48 -26.47 10.40
C THR D 177 -17.20 -26.69 9.59
N ASP D 178 -16.31 -27.55 10.10
CA ASP D 178 -15.22 -28.10 9.30
C ASP D 178 -15.72 -29.21 8.36
N TYR D 179 -16.90 -29.74 8.65
CA TYR D 179 -17.48 -30.85 7.89
C TYR D 179 -18.82 -30.49 7.26
N VAL D 180 -19.75 -29.97 8.06
CA VAL D 180 -21.07 -29.67 7.56
C VAL D 180 -21.70 -28.43 8.24
N VAL D 181 -22.46 -27.65 7.47
CA VAL D 181 -23.31 -26.59 8.03
C VAL D 181 -24.75 -26.76 7.52
N PRO D 182 -25.63 -27.39 8.32
CA PRO D 182 -26.96 -27.74 7.81
C PRO D 182 -27.83 -26.51 7.50
N ALA D 183 -28.89 -26.72 6.73
CA ALA D 183 -29.75 -25.61 6.23
C ALA D 183 -30.58 -24.95 7.32
N GLY D 184 -30.62 -23.62 7.30
CA GLY D 184 -31.52 -22.81 8.14
C GLY D 184 -31.07 -22.49 9.56
N VAL D 185 -29.78 -22.69 9.84
CA VAL D 185 -29.24 -22.58 11.22
C VAL D 185 -28.12 -21.55 11.36
N ARG D 186 -28.08 -20.85 12.50
CA ARG D 186 -27.12 -19.77 12.78
C ARG D 186 -26.16 -20.13 13.93
N ILE D 187 -24.84 -20.12 13.75
CA ILE D 187 -23.90 -20.50 14.85
C ILE D 187 -22.80 -19.45 15.16
N ALA D 188 -23.15 -18.49 16.01
CA ALA D 188 -22.31 -17.32 16.28
C ALA D 188 -20.81 -17.63 16.47
N ASP D 189 -20.50 -18.70 17.18
CA ASP D 189 -19.11 -19.15 17.36
C ASP D 189 -19.02 -20.66 17.16
N THR D 190 -18.44 -21.06 16.03
CA THR D 190 -18.51 -22.43 15.56
C THR D 190 -17.56 -23.35 16.33
N ALA D 191 -16.66 -22.78 17.15
CA ALA D 191 -15.77 -23.56 18.02
C ALA D 191 -16.54 -24.35 19.07
N ARG D 192 -17.79 -23.95 19.31
CA ARG D 192 -18.63 -24.52 20.34
C ARG D 192 -19.68 -25.57 19.91
N VAL D 193 -19.72 -25.94 18.62
CA VAL D 193 -20.51 -27.10 18.16
C VAL D 193 -19.60 -28.20 17.55
N ARG D 194 -19.48 -29.33 18.26
CA ARG D 194 -18.63 -30.45 17.84
C ARG D 194 -19.31 -31.29 16.75
N LEU D 195 -18.48 -31.86 15.87
CA LEU D 195 -18.94 -32.83 14.88
C LEU D 195 -19.68 -33.96 15.62
N GLY D 196 -20.95 -34.17 15.28
CA GLY D 196 -21.82 -35.08 16.02
C GLY D 196 -23.04 -34.39 16.64
N ALA D 197 -23.06 -33.07 16.58
CA ALA D 197 -24.20 -32.27 17.03
C ALA D 197 -25.28 -32.24 15.96
N TYR D 198 -26.52 -32.11 16.41
CA TYR D 198 -27.69 -32.11 15.56
C TYR D 198 -28.36 -30.76 15.73
N ILE D 199 -28.16 -29.85 14.77
CA ILE D 199 -28.73 -28.52 14.87
C ILE D 199 -29.98 -28.42 13.96
N GLY D 200 -31.15 -28.59 14.58
CA GLY D 200 -32.42 -28.53 13.86
C GLY D 200 -32.69 -27.18 13.24
N GLU D 201 -33.55 -27.18 12.22
CA GLU D 201 -33.81 -25.99 11.42
C GLU D 201 -34.36 -24.85 12.26
N GLY D 202 -34.00 -23.62 11.90
CA GLY D 202 -34.50 -22.43 12.59
C GLY D 202 -34.01 -22.36 14.02
N THR D 203 -32.81 -22.86 14.24
CA THR D 203 -32.18 -22.79 15.54
C THR D 203 -31.05 -21.78 15.43
N THR D 204 -30.93 -20.94 16.45
CA THR D 204 -29.81 -20.00 16.57
C THR D 204 -29.05 -20.37 17.82
N VAL D 205 -27.82 -20.84 17.67
CA VAL D 205 -26.93 -21.11 18.81
C VAL D 205 -25.97 -19.94 18.92
N MET D 206 -26.10 -19.17 19.99
CA MET D 206 -25.29 -17.99 20.21
C MET D 206 -23.92 -18.36 20.76
N HIS D 207 -23.13 -17.33 21.06
CA HIS D 207 -21.71 -17.46 21.38
C HIS D 207 -21.49 -18.26 22.63
N GLU D 208 -22.36 -18.05 23.62
CA GLU D 208 -22.26 -18.68 24.94
C GLU D 208 -22.88 -20.06 24.91
N GLY D 209 -23.60 -20.35 23.83
CA GLY D 209 -24.14 -21.68 23.61
C GLY D 209 -23.04 -22.67 23.29
N PHE D 210 -23.31 -23.94 23.61
CA PHE D 210 -22.42 -25.07 23.30
C PHE D 210 -23.28 -26.32 23.08
N VAL D 211 -22.93 -27.13 22.07
CA VAL D 211 -23.64 -28.39 21.79
C VAL D 211 -22.63 -29.52 21.51
N ASN D 212 -22.67 -30.60 22.31
CA ASN D 212 -21.67 -31.68 22.26
C ASN D 212 -22.11 -32.80 21.27
N PHE D 213 -21.33 -33.86 21.16
CA PHE D 213 -21.63 -34.90 20.18
C PHE D 213 -22.81 -35.74 20.67
N ASN D 214 -23.64 -36.21 19.73
CA ASN D 214 -24.86 -36.94 20.09
C ASN D 214 -25.78 -36.03 20.90
N ALA D 215 -25.96 -34.81 20.41
CA ALA D 215 -26.77 -33.82 21.13
C ALA D 215 -27.20 -32.65 20.24
N GLY D 216 -28.19 -31.89 20.68
CA GLY D 216 -28.70 -30.79 19.87
C GLY D 216 -30.22 -30.62 19.94
N THR D 217 -30.80 -30.03 18.88
CA THR D 217 -32.18 -29.56 18.90
C THR D 217 -33.06 -30.11 17.79
N GLU D 218 -34.35 -30.23 18.07
CA GLU D 218 -35.35 -30.53 17.04
C GLU D 218 -35.57 -29.30 16.16
N GLY D 219 -35.52 -28.10 16.75
CA GLY D 219 -35.60 -26.84 16.01
C GLY D 219 -37.01 -26.47 15.64
N PRO D 220 -37.35 -25.17 15.61
CA PRO D 220 -36.56 -23.98 15.88
C PRO D 220 -36.30 -23.73 17.36
N GLY D 221 -35.49 -22.72 17.64
CA GLY D 221 -35.16 -22.40 19.03
C GLY D 221 -33.81 -21.79 19.27
N MET D 222 -33.70 -21.09 20.39
CA MET D 222 -32.57 -20.18 20.67
C MET D 222 -31.69 -20.79 21.75
N ILE D 223 -30.43 -21.13 21.42
CA ILE D 223 -29.51 -21.77 22.38
C ILE D 223 -28.37 -20.85 22.80
N GLU D 224 -28.41 -20.41 24.06
CA GLU D 224 -27.35 -19.58 24.66
C GLU D 224 -26.67 -20.27 25.88
N GLY D 225 -27.16 -21.44 26.26
CA GLY D 225 -26.53 -22.26 27.30
C GLY D 225 -25.89 -23.55 26.77
N ARG D 226 -25.42 -24.38 27.69
CA ARG D 226 -24.66 -25.59 27.35
C ARG D 226 -25.53 -26.82 27.18
N VAL D 227 -25.69 -27.29 25.95
CA VAL D 227 -26.26 -28.62 25.65
C VAL D 227 -25.15 -29.67 25.73
N SER D 228 -25.25 -30.56 26.70
CA SER D 228 -24.27 -31.62 26.89
C SER D 228 -24.59 -32.84 26.02
N ALA D 229 -23.57 -33.67 25.82
CA ALA D 229 -23.69 -34.92 25.03
C ALA D 229 -24.71 -35.83 25.68
N GLY D 230 -25.62 -36.39 24.87
CA GLY D 230 -26.71 -37.22 25.35
C GLY D 230 -28.04 -36.48 25.51
N VAL D 231 -27.99 -35.15 25.38
CA VAL D 231 -29.15 -34.31 25.62
C VAL D 231 -29.74 -33.74 24.33
N PHE D 232 -31.05 -33.96 24.13
CA PHE D 232 -31.80 -33.44 22.95
C PHE D 232 -32.91 -32.48 23.42
N VAL D 233 -33.15 -31.40 22.66
CA VAL D 233 -34.15 -30.36 23.00
C VAL D 233 -35.34 -30.22 22.01
N GLY D 234 -36.56 -30.20 22.56
CA GLY D 234 -37.77 -30.14 21.76
C GLY D 234 -38.03 -28.81 21.05
N LYS D 235 -38.91 -28.86 20.05
CA LYS D 235 -39.14 -27.68 19.20
C LYS D 235 -39.68 -26.51 20.01
N GLY D 236 -39.01 -25.37 19.89
CA GLY D 236 -39.53 -24.11 20.42
C GLY D 236 -39.04 -23.76 21.80
N SER D 237 -38.19 -24.60 22.37
CA SER D 237 -37.60 -24.32 23.68
C SER D 237 -36.42 -23.33 23.56
N ASP D 238 -36.30 -22.43 24.53
CA ASP D 238 -35.19 -21.47 24.63
C ASP D 238 -34.35 -21.72 25.87
N LEU D 239 -33.07 -21.99 25.64
CA LEU D 239 -32.07 -22.15 26.68
C LEU D 239 -31.33 -20.82 26.78
N GLY D 240 -31.42 -20.16 27.94
CA GLY D 240 -30.78 -18.86 28.16
C GLY D 240 -29.30 -18.88 28.50
N GLY D 241 -28.65 -17.73 28.34
CA GLY D 241 -27.21 -17.58 28.53
C GLY D 241 -26.61 -18.26 29.74
N GLY D 242 -25.59 -19.09 29.51
CA GLY D 242 -24.88 -19.80 30.57
C GLY D 242 -25.73 -20.76 31.40
N CYS D 243 -26.81 -21.28 30.85
CA CYS D 243 -27.59 -22.27 31.56
C CYS D 243 -26.94 -23.62 31.32
N SER D 244 -27.27 -24.61 32.14
CA SER D 244 -26.64 -25.91 32.06
C SER D 244 -27.62 -27.06 31.91
N THR D 245 -27.08 -28.14 31.37
CA THR D 245 -27.73 -29.43 31.32
C THR D 245 -26.63 -30.41 31.78
N MET D 246 -26.88 -31.23 32.79
CA MET D 246 -25.83 -32.13 33.27
C MET D 246 -25.68 -33.30 32.30
N GLY D 247 -24.47 -33.89 32.27
CA GLY D 247 -24.22 -35.11 31.50
C GLY D 247 -24.24 -36.33 32.41
N THR D 248 -24.17 -37.51 31.79
CA THR D 248 -24.24 -38.79 32.51
C THR D 248 -22.87 -39.34 32.94
N LEU D 249 -21.82 -39.02 32.18
CA LEU D 249 -20.53 -39.73 32.25
C LEU D 249 -19.70 -39.41 33.49
N ASN D 254 -28.56 -44.09 36.32
CA ASN D 254 -28.53 -42.70 35.90
C ASN D 254 -29.61 -42.43 34.84
N ILE D 255 -30.02 -41.17 34.75
CA ILE D 255 -31.07 -40.73 33.81
C ILE D 255 -30.48 -39.89 32.67
N VAL D 256 -31.05 -40.04 31.49
CA VAL D 256 -30.70 -39.19 30.34
C VAL D 256 -31.57 -37.94 30.34
N ILE D 257 -30.94 -36.78 30.24
CA ILE D 257 -31.66 -35.52 30.24
C ILE D 257 -32.21 -35.23 28.86
N SER D 258 -33.51 -34.92 28.79
CA SER D 258 -34.09 -34.35 27.57
C SER D 258 -34.84 -33.08 27.94
N VAL D 259 -35.22 -32.29 26.93
CA VAL D 259 -35.97 -31.05 27.14
C VAL D 259 -37.09 -30.97 26.11
N GLY D 260 -38.33 -30.82 26.59
CA GLY D 260 -39.52 -30.95 25.75
C GLY D 260 -39.70 -29.82 24.76
N GLU D 261 -40.93 -29.70 24.24
CA GLU D 261 -41.29 -28.62 23.34
C GLU D 261 -41.71 -27.42 24.19
N GLY D 262 -41.52 -26.22 23.63
CA GLY D 262 -41.94 -24.95 24.28
C GLY D 262 -41.47 -24.65 25.70
N CYS D 263 -40.28 -25.14 26.08
CA CYS D 263 -39.74 -24.88 27.40
C CYS D 263 -38.95 -23.58 27.40
N LEU D 264 -38.74 -23.03 28.60
CA LEU D 264 -38.02 -21.76 28.76
C LEU D 264 -37.07 -21.82 29.97
N ILE D 265 -35.85 -22.33 29.77
CA ILE D 265 -34.83 -22.32 30.85
C ILE D 265 -34.11 -20.97 30.92
N GLY D 266 -34.11 -20.36 32.11
CA GLY D 266 -33.53 -19.04 32.31
C GLY D 266 -32.00 -18.98 32.29
N ALA D 267 -31.50 -17.76 32.29
CA ALA D 267 -30.07 -17.46 32.30
C ALA D 267 -29.41 -17.93 33.60
N ASN D 268 -28.26 -18.57 33.47
CA ASN D 268 -27.54 -19.11 34.63
C ASN D 268 -28.29 -20.21 35.42
N ALA D 269 -29.34 -20.78 34.82
CA ALA D 269 -30.10 -21.88 35.44
C ALA D 269 -29.57 -23.24 34.99
N GLY D 270 -30.01 -24.31 35.64
CA GLY D 270 -29.58 -25.65 35.25
C GLY D 270 -30.70 -26.66 35.28
N ILE D 271 -30.51 -27.77 34.59
CA ILE D 271 -31.39 -28.93 34.77
C ILE D 271 -30.69 -30.28 34.86
N GLY D 272 -30.89 -30.97 35.99
CA GLY D 272 -30.42 -32.34 36.18
C GLY D 272 -31.54 -33.36 36.10
N ILE D 273 -32.71 -32.92 35.63
CA ILE D 273 -33.84 -33.82 35.34
C ILE D 273 -34.40 -33.56 33.94
N PRO D 274 -35.14 -34.54 33.39
CA PRO D 274 -35.81 -34.29 32.13
C PRO D 274 -37.03 -33.41 32.33
N LEU D 275 -37.12 -32.33 31.56
CA LEU D 275 -38.26 -31.40 31.63
C LEU D 275 -39.30 -31.76 30.60
N GLY D 276 -40.57 -31.71 31.00
CA GLY D 276 -41.71 -31.97 30.10
C GLY D 276 -42.06 -30.75 29.28
N ASP D 277 -43.08 -30.88 28.42
CA ASP D 277 -43.41 -29.83 27.45
C ASP D 277 -43.88 -28.61 28.19
N ARG D 278 -43.55 -27.43 27.68
CA ARG D 278 -44.02 -26.17 28.26
C ARG D 278 -43.69 -26.03 29.75
N ASN D 279 -42.53 -26.54 30.17
CA ASN D 279 -41.98 -26.21 31.49
C ASN D 279 -41.23 -24.87 31.44
N ILE D 280 -40.97 -24.30 32.62
CA ILE D 280 -40.19 -23.05 32.73
C ILE D 280 -39.32 -23.09 34.02
N VAL D 281 -38.00 -23.09 33.85
CA VAL D 281 -37.08 -22.91 34.99
C VAL D 281 -36.68 -21.44 35.13
N GLU D 282 -36.67 -20.94 36.36
CA GLU D 282 -36.35 -19.53 36.66
C GLU D 282 -34.85 -19.28 36.61
N ALA D 283 -34.47 -18.11 36.11
CA ALA D 283 -33.06 -17.72 35.96
C ALA D 283 -32.30 -17.80 37.29
N GLY D 284 -31.17 -18.52 37.30
CA GLY D 284 -30.32 -18.67 38.49
C GLY D 284 -30.52 -20.01 39.19
N LEU D 285 -31.65 -20.65 38.90
CA LEU D 285 -32.10 -21.80 39.66
C LEU D 285 -31.54 -23.08 39.06
N TYR D 286 -30.84 -23.86 39.89
CA TYR D 286 -30.39 -25.18 39.52
C TYR D 286 -31.30 -26.16 40.26
N ILE D 287 -31.89 -27.11 39.54
CA ILE D 287 -32.67 -28.19 40.15
C ILE D 287 -32.13 -29.56 39.74
N THR D 288 -31.98 -30.48 40.70
CA THR D 288 -31.42 -31.81 40.45
C THR D 288 -32.45 -32.87 40.82
N ALA D 289 -32.07 -34.15 40.71
CA ALA D 289 -33.02 -35.26 40.96
C ALA D 289 -33.39 -35.40 42.43
N GLY D 290 -32.46 -35.07 43.32
CA GLY D 290 -32.70 -35.21 44.77
C GLY D 290 -33.28 -33.96 45.42
N THR D 291 -33.32 -32.86 44.68
CA THR D 291 -33.75 -31.58 45.22
C THR D 291 -35.20 -31.68 45.70
N LYS D 292 -35.42 -31.31 46.96
CA LYS D 292 -36.77 -31.31 47.52
C LYS D 292 -37.52 -30.06 47.06
N VAL D 293 -38.58 -30.27 46.29
CA VAL D 293 -39.35 -29.17 45.70
C VAL D 293 -40.74 -29.11 46.31
N ALA D 294 -41.28 -27.89 46.37
CA ALA D 294 -42.62 -27.65 46.92
C ALA D 294 -43.63 -27.51 45.78
N LEU D 295 -44.66 -28.36 45.80
CA LEU D 295 -45.68 -28.36 44.74
C LEU D 295 -46.91 -27.51 45.14
N LEU D 296 -47.36 -26.66 44.21
CA LEU D 296 -48.36 -25.62 44.49
C LEU D 296 -49.51 -25.67 43.48
N ASP D 297 -50.66 -25.10 43.87
CA ASP D 297 -51.88 -25.14 43.05
C ASP D 297 -52.33 -23.75 42.55
N ASN D 300 -51.72 -20.30 44.56
CA ASN D 300 -50.39 -20.78 44.93
C ASN D 300 -50.37 -21.33 46.36
N ALA D 301 -51.16 -22.39 46.57
CA ALA D 301 -51.29 -23.04 47.89
C ALA D 301 -50.53 -24.35 47.94
N LEU D 302 -49.66 -24.51 48.95
CA LEU D 302 -48.83 -25.72 49.10
C LEU D 302 -49.64 -27.02 49.18
N VAL D 303 -49.52 -27.88 48.17
CA VAL D 303 -50.22 -29.18 48.16
C VAL D 303 -49.36 -30.25 48.84
N LYS D 304 -48.09 -30.35 48.44
CA LYS D 304 -47.13 -31.26 49.11
C LYS D 304 -45.69 -31.02 48.63
N VAL D 305 -44.74 -31.67 49.29
CA VAL D 305 -43.33 -31.60 48.92
C VAL D 305 -42.89 -32.95 48.38
N VAL D 306 -42.23 -32.91 47.21
CA VAL D 306 -41.75 -34.10 46.51
C VAL D 306 -40.37 -33.83 45.95
N LYS D 307 -39.65 -34.90 45.57
CA LYS D 307 -38.33 -34.75 44.94
C LYS D 307 -38.47 -34.55 43.43
N ALA D 308 -37.65 -33.65 42.88
CA ALA D 308 -37.80 -33.21 41.47
C ALA D 308 -37.85 -34.36 40.44
N ARG D 309 -37.18 -35.47 40.76
CA ARG D 309 -37.21 -36.67 39.92
C ARG D 309 -38.64 -37.18 39.70
N ASP D 310 -39.50 -37.00 40.70
CA ASP D 310 -40.90 -37.49 40.64
C ASP D 310 -41.76 -36.67 39.68
N LEU D 311 -41.38 -35.42 39.43
CA LEU D 311 -42.10 -34.55 38.51
C LEU D 311 -41.51 -34.59 37.09
N ALA D 312 -40.44 -35.37 36.90
CA ALA D 312 -39.62 -35.30 35.70
C ALA D 312 -40.34 -35.81 34.47
N GLY D 313 -40.43 -34.96 33.45
CA GLY D 313 -41.12 -35.29 32.22
C GLY D 313 -42.60 -34.92 32.23
N GLN D 314 -43.05 -34.24 33.29
CA GLN D 314 -44.44 -33.82 33.43
C GLN D 314 -44.60 -32.38 32.92
N PRO D 315 -45.67 -32.10 32.16
CA PRO D 315 -45.73 -30.84 31.43
C PRO D 315 -46.23 -29.68 32.29
N ASP D 316 -46.15 -28.48 31.73
CA ASP D 316 -46.75 -27.25 32.30
C ASP D 316 -46.32 -26.96 33.75
N LEU D 317 -45.03 -27.11 34.03
CA LEU D 317 -44.46 -26.76 35.34
C LEU D 317 -43.78 -25.38 35.33
N LEU D 318 -43.65 -24.77 36.51
CA LEU D 318 -42.87 -23.54 36.70
C LEU D 318 -41.94 -23.67 37.93
N PHE D 319 -40.64 -23.85 37.69
CA PHE D 319 -39.64 -24.01 38.76
C PHE D 319 -38.99 -22.65 39.10
N ARG D 320 -39.09 -22.24 40.36
CA ARG D 320 -38.71 -20.88 40.80
C ARG D 320 -38.37 -20.85 42.30
N ARG D 321 -37.43 -19.98 42.70
CA ARG D 321 -36.97 -19.90 44.11
C ARG D 321 -37.54 -18.69 44.84
N ASN D 322 -38.33 -18.97 45.89
CA ASN D 322 -39.03 -17.91 46.63
C ASN D 322 -38.03 -16.86 47.07
N SER D 323 -38.26 -15.62 46.64
CA SER D 323 -37.32 -14.52 46.89
C SER D 323 -37.11 -14.27 48.39
N GLN D 324 -38.17 -14.49 49.17
CA GLN D 324 -38.16 -14.17 50.60
C GLN D 324 -37.43 -15.20 51.48
N ASN D 325 -37.62 -16.49 51.23
CA ASN D 325 -37.05 -17.55 52.09
C ASN D 325 -36.21 -18.63 51.40
N GLY D 326 -36.05 -18.53 50.07
CA GLY D 326 -35.19 -19.45 49.33
C GLY D 326 -35.78 -20.82 49.03
N ALA D 327 -37.04 -21.04 49.37
CA ALA D 327 -37.69 -22.34 49.14
C ALA D 327 -37.90 -22.57 47.65
N VAL D 328 -37.58 -23.79 47.19
CA VAL D 328 -37.71 -24.16 45.79
C VAL D 328 -39.13 -24.66 45.48
N GLU D 329 -39.90 -23.83 44.78
CA GLU D 329 -41.32 -24.10 44.51
C GLU D 329 -41.54 -24.58 43.07
N CYS D 330 -42.74 -25.11 42.79
CA CYS D 330 -43.08 -25.65 41.47
C CYS D 330 -44.56 -25.43 41.15
N LYS D 331 -44.88 -24.28 40.54
CA LYS D 331 -46.28 -23.87 40.39
C LYS D 331 -46.94 -24.39 39.11
N THR D 332 -48.25 -24.61 39.17
CA THR D 332 -49.04 -25.06 38.02
C THR D 332 -50.35 -24.30 37.90
N GLN E 6 -29.85 20.16 1.62
CA GLN E 6 -29.77 20.02 3.11
C GLN E 6 -28.41 19.46 3.55
N SER E 7 -28.24 19.29 4.86
CA SER E 7 -27.07 18.62 5.43
C SER E 7 -27.36 17.14 5.73
N LEU E 8 -26.53 16.26 5.14
CA LEU E 8 -26.71 14.81 5.26
C LEU E 8 -26.23 14.27 6.61
N PHE E 9 -26.93 13.26 7.12
CA PHE E 9 -26.60 12.62 8.40
C PHE E 9 -25.24 11.93 8.35
N SER E 10 -24.95 11.26 7.23
CA SER E 10 -23.74 10.47 7.11
C SER E 10 -23.43 10.19 5.66
N LEU E 11 -22.23 9.65 5.42
CA LEU E 11 -21.85 9.13 4.10
C LEU E 11 -20.59 8.30 4.22
N ALA E 12 -20.41 7.37 3.29
CA ALA E 12 -19.23 6.51 3.25
C ALA E 12 -19.11 5.85 1.90
N PHE E 13 -17.89 5.47 1.55
CA PHE E 13 -17.55 4.78 0.32
C PHE E 13 -17.02 3.42 0.66
N GLY E 14 -17.78 2.37 0.33
CA GLY E 14 -17.45 1.03 0.81
C GLY E 14 -16.94 0.13 -0.28
N VAL E 15 -16.22 -0.92 0.12
CA VAL E 15 -15.90 -2.03 -0.76
C VAL E 15 -16.48 -3.32 -0.14
N GLY E 16 -17.31 -4.05 -0.89
CA GLY E 16 -18.09 -5.18 -0.32
C GLY E 16 -17.88 -6.56 -0.90
N THR E 17 -18.66 -7.54 -0.41
CA THR E 17 -18.77 -8.84 -1.08
C THR E 17 -20.21 -9.17 -1.52
N GLN E 18 -20.33 -9.73 -2.72
CA GLN E 18 -21.62 -10.17 -3.29
C GLN E 18 -21.54 -11.67 -3.59
N ASN E 19 -22.71 -12.33 -3.59
CA ASN E 19 -22.86 -13.72 -4.08
C ASN E 19 -23.11 -13.76 -5.60
N ARG E 20 -23.26 -14.95 -6.18
CA ARG E 20 -23.51 -15.07 -7.62
C ARG E 20 -24.78 -14.33 -8.11
N GLN E 21 -25.71 -14.02 -7.19
CA GLN E 21 -26.99 -13.38 -7.50
C GLN E 21 -26.94 -11.84 -7.29
N GLU E 22 -25.74 -11.28 -7.17
CA GLU E 22 -25.51 -9.84 -6.94
C GLU E 22 -26.17 -9.22 -5.69
N ALA E 23 -26.66 -10.04 -4.76
CA ALA E 23 -27.02 -9.51 -3.46
C ALA E 23 -25.72 -9.14 -2.76
N TRP E 24 -25.82 -8.22 -1.81
CA TRP E 24 -24.70 -7.89 -0.93
C TRP E 24 -24.77 -8.74 0.34
N LEU E 25 -23.62 -9.28 0.79
CA LEU E 25 -23.54 -10.09 2.04
C LEU E 25 -22.89 -9.29 3.17
N GLU E 26 -21.92 -8.44 2.82
CA GLU E 26 -21.34 -7.48 3.76
C GLU E 26 -20.78 -6.26 3.02
N VAL E 27 -20.34 -5.25 3.79
CA VAL E 27 -19.55 -4.13 3.26
C VAL E 27 -18.49 -3.76 4.30
N PHE E 28 -17.39 -3.17 3.83
CA PHE E 28 -16.33 -2.68 4.70
C PHE E 28 -16.16 -1.21 4.34
N TYR E 29 -16.35 -0.34 5.32
CA TYR E 29 -16.20 1.11 5.12
C TYR E 29 -14.97 1.60 5.89
N ALA E 30 -13.94 2.04 5.15
CA ALA E 30 -12.64 2.38 5.72
C ALA E 30 -12.68 3.54 6.67
N LEU E 31 -13.42 4.56 6.24
CA LEU E 31 -13.48 5.87 6.91
C LEU E 31 -14.88 6.44 6.74
N PRO E 32 -15.85 5.89 7.49
CA PRO E 32 -17.19 6.45 7.50
C PRO E 32 -17.20 7.88 8.07
N LEU E 33 -18.06 8.72 7.49
CA LEU E 33 -18.25 10.09 7.98
C LEU E 33 -19.62 10.28 8.63
N LEU E 34 -19.62 10.77 9.88
CA LEU E 34 -20.81 11.30 10.57
C LEU E 34 -20.94 12.79 10.26
N LYS E 35 -22.11 13.22 9.79
CA LYS E 35 -22.33 14.61 9.37
C LYS E 35 -21.33 15.31 8.45
N PRO E 36 -21.13 14.75 7.25
CA PRO E 36 -20.13 15.26 6.32
C PRO E 36 -20.47 16.66 5.84
N SER E 37 -19.47 17.42 5.41
CA SER E 37 -19.65 18.79 4.96
C SER E 37 -20.35 18.84 3.61
N SER E 38 -21.12 19.90 3.37
CA SER E 38 -21.80 20.12 2.08
C SER E 38 -20.84 20.32 0.89
N GLU E 39 -19.56 20.62 1.17
CA GLU E 39 -18.52 20.64 0.12
C GLU E 39 -18.29 19.25 -0.46
N ILE E 40 -18.24 18.25 0.41
CA ILE E 40 -18.02 16.86 0.03
C ILE E 40 -19.24 16.26 -0.71
N VAL E 41 -20.45 16.58 -0.25
CA VAL E 41 -21.71 16.16 -0.87
C VAL E 41 -21.98 16.87 -2.22
N ALA E 42 -21.62 18.15 -2.30
CA ALA E 42 -21.69 18.93 -3.55
C ALA E 42 -20.85 18.31 -4.67
N ALA E 43 -19.61 17.94 -4.33
CA ALA E 43 -18.69 17.35 -5.29
C ALA E 43 -19.07 15.89 -5.61
N VAL E 44 -19.61 15.20 -4.62
CA VAL E 44 -19.96 13.78 -4.75
C VAL E 44 -21.24 13.47 -5.54
N ALA E 45 -22.26 14.33 -5.42
CA ALA E 45 -23.64 13.98 -5.79
C ALA E 45 -23.91 13.85 -7.30
N PRO E 46 -23.28 14.71 -8.12
CA PRO E 46 -23.49 14.63 -9.57
C PRO E 46 -22.99 13.32 -10.20
N ILE E 47 -21.83 12.86 -9.77
CA ILE E 47 -21.19 11.70 -10.35
C ILE E 47 -21.95 10.41 -9.97
N LEU E 48 -22.44 10.38 -8.72
CA LEU E 48 -23.23 9.25 -8.20
C LEU E 48 -24.74 9.39 -8.51
N GLY E 49 -25.17 10.57 -8.96
CA GLY E 49 -26.57 10.77 -9.33
C GLY E 49 -27.50 10.92 -8.13
N TYR E 50 -26.97 11.40 -7.02
CA TYR E 50 -27.75 11.48 -5.78
C TYR E 50 -28.55 12.77 -5.74
N ALA E 51 -29.86 12.63 -5.47
CA ALA E 51 -30.76 13.79 -5.45
C ALA E 51 -31.44 14.03 -4.10
N ALA E 52 -31.79 12.95 -3.39
CA ALA E 52 -32.62 13.07 -2.19
C ALA E 52 -32.82 11.75 -1.45
N GLY E 53 -32.96 11.86 -0.12
CA GLY E 53 -33.24 10.71 0.72
C GLY E 53 -32.03 9.85 1.04
N ASN E 54 -32.28 8.60 1.38
CA ASN E 54 -31.26 7.67 1.87
C ASN E 54 -30.99 6.48 0.95
N GLN E 55 -29.90 6.60 0.18
CA GLN E 55 -29.61 5.72 -0.96
C GLN E 55 -28.41 4.79 -0.70
N ALA E 56 -28.31 3.76 -1.54
CA ALA E 56 -27.13 2.90 -1.60
C ALA E 56 -26.82 2.75 -3.08
N LEU E 57 -26.04 3.70 -3.57
CA LEU E 57 -25.74 3.82 -4.98
C LEU E 57 -24.46 3.10 -5.24
N THR E 58 -24.52 2.05 -6.07
CA THR E 58 -23.29 1.38 -6.49
C THR E 58 -22.60 2.31 -7.46
N PHE E 59 -21.28 2.21 -7.50
CA PHE E 59 -20.51 2.94 -8.47
C PHE E 59 -19.35 2.08 -8.95
N THR E 60 -18.83 2.49 -10.10
CA THR E 60 -17.94 1.68 -10.88
C THR E 60 -16.53 1.99 -10.46
N SER E 61 -15.58 1.36 -11.12
CA SER E 61 -14.16 1.61 -10.90
C SER E 61 -13.82 3.02 -11.41
N GLN E 62 -14.27 3.35 -12.62
CA GLN E 62 -14.04 4.67 -13.21
C GLN E 62 -14.71 5.81 -12.46
N GLN E 63 -15.81 5.51 -11.78
CA GLN E 63 -16.47 6.53 -10.97
C GLN E 63 -15.58 6.80 -9.80
N ALA E 64 -15.02 5.73 -9.22
CA ALA E 64 -14.03 5.87 -8.17
C ALA E 64 -13.02 6.97 -8.50
N TYR E 65 -12.34 6.85 -9.64
CA TYR E 65 -11.32 7.82 -10.09
C TYR E 65 -11.86 9.23 -10.35
N GLN E 66 -13.13 9.31 -10.74
CA GLN E 66 -13.83 10.56 -10.91
C GLN E 66 -14.09 11.20 -9.54
N LEU E 67 -14.47 10.37 -8.57
CA LEU E 67 -14.78 10.82 -7.22
C LEU E 67 -13.51 11.22 -6.49
N ALA E 68 -12.46 10.42 -6.66
CA ALA E 68 -11.16 10.69 -6.07
C ALA E 68 -10.62 12.08 -6.44
N ASP E 69 -10.81 12.45 -7.71
CA ASP E 69 -10.31 13.71 -8.28
C ASP E 69 -11.17 14.91 -7.82
N ALA E 70 -12.49 14.71 -7.81
CA ALA E 70 -13.45 15.75 -7.41
C ALA E 70 -13.30 16.21 -5.97
N LEU E 71 -12.72 15.35 -5.13
CA LEU E 71 -12.51 15.61 -3.69
C LEU E 71 -11.06 16.03 -3.31
N LYS E 72 -10.12 16.01 -4.26
CA LYS E 72 -8.83 16.70 -4.05
C LYS E 72 -9.12 18.19 -3.89
N GLY E 73 -8.51 18.83 -2.90
CA GLY E 73 -8.75 20.26 -2.67
C GLY E 73 -9.85 20.52 -1.66
N ILE E 74 -10.67 19.50 -1.41
CA ILE E 74 -11.80 19.57 -0.51
C ILE E 74 -11.53 18.67 0.70
N ASP E 75 -11.20 17.41 0.43
CA ASP E 75 -10.87 16.45 1.48
C ASP E 75 -9.88 15.40 0.99
N ALA E 76 -8.65 15.50 1.49
CA ALA E 76 -7.54 14.67 1.04
C ALA E 76 -7.62 13.20 1.47
N ALA E 77 -8.09 12.93 2.68
CA ALA E 77 -8.17 11.53 3.17
C ALA E 77 -9.13 10.70 2.34
N GLN E 78 -10.29 11.28 2.03
CA GLN E 78 -11.31 10.58 1.26
C GLN E 78 -10.78 10.31 -0.15
N SER E 79 -10.23 11.35 -0.77
CA SER E 79 -9.70 11.20 -2.12
C SER E 79 -8.73 10.04 -2.22
N ALA E 80 -7.74 10.04 -1.32
CA ALA E 80 -6.75 8.95 -1.21
C ALA E 80 -7.42 7.59 -1.24
N LEU E 81 -8.40 7.41 -0.36
CA LEU E 81 -9.12 6.14 -0.23
C LEU E 81 -9.75 5.74 -1.55
N LEU E 82 -10.33 6.72 -2.25
CA LEU E 82 -11.07 6.44 -3.49
C LEU E 82 -10.15 6.03 -4.64
N SER E 83 -8.88 6.40 -4.54
CA SER E 83 -7.85 6.04 -5.51
C SER E 83 -7.34 4.63 -5.27
N ARG E 84 -7.44 4.17 -4.03
CA ARG E 84 -7.24 2.74 -3.72
C ARG E 84 -8.46 1.92 -4.13
N LEU E 85 -9.64 2.42 -3.79
CA LEU E 85 -10.92 1.78 -4.19
C LEU E 85 -11.07 1.63 -5.70
N ALA E 86 -10.42 2.53 -6.45
CA ALA E 86 -10.44 2.46 -7.90
C ALA E 86 -9.77 1.19 -8.44
N GLU E 87 -8.72 0.73 -7.76
CA GLU E 87 -7.87 -0.36 -8.27
C GLU E 87 -8.39 -1.73 -7.81
N SER E 88 -9.48 -1.74 -7.02
CA SER E 88 -9.91 -2.94 -6.31
C SER E 88 -10.43 -4.09 -7.18
N GLN E 89 -10.46 -5.27 -6.57
CA GLN E 89 -10.95 -6.49 -7.22
C GLN E 89 -12.47 -6.59 -7.00
N LYS E 90 -12.90 -6.20 -5.80
CA LYS E 90 -14.29 -6.35 -5.34
C LYS E 90 -15.11 -5.09 -5.59
N PRO E 91 -16.46 -5.23 -5.65
CA PRO E 91 -17.35 -4.14 -5.98
C PRO E 91 -17.44 -3.04 -4.93
N LEU E 92 -17.75 -1.82 -5.39
CA LEU E 92 -17.85 -0.62 -4.54
C LEU E 92 -19.27 -0.03 -4.48
N VAL E 93 -19.64 0.44 -3.29
CA VAL E 93 -20.94 1.07 -3.06
C VAL E 93 -20.79 2.35 -2.19
N ALA E 94 -21.50 3.40 -2.59
CA ALA E 94 -21.52 4.69 -1.89
C ALA E 94 -22.90 4.88 -1.26
N THR E 95 -22.96 4.90 0.08
CA THR E 95 -24.23 5.08 0.78
C THR E 95 -24.35 6.47 1.42
N LEU E 96 -25.21 7.32 0.85
CA LEU E 96 -25.52 8.63 1.41
C LEU E 96 -26.89 8.63 2.09
N LEU E 97 -26.88 8.96 3.39
CA LEU E 97 -28.05 8.95 4.25
C LEU E 97 -28.40 10.36 4.68
N ALA E 98 -29.45 10.91 4.07
CA ALA E 98 -29.91 12.26 4.37
C ALA E 98 -30.34 12.41 5.82
N GLU E 99 -31.00 11.37 6.35
CA GLU E 99 -31.62 11.42 7.67
C GLU E 99 -31.35 10.15 8.47
N ASP E 100 -31.24 10.29 9.80
CA ASP E 100 -31.29 9.13 10.68
C ASP E 100 -32.71 8.56 10.53
N ALA E 101 -32.81 7.46 9.78
CA ALA E 101 -34.08 6.79 9.60
C ALA E 101 -33.86 5.30 9.67
N ALA E 102 -34.96 4.55 9.89
CA ALA E 102 -34.95 3.09 9.82
C ALA E 102 -34.26 2.68 8.52
N PRO E 103 -33.32 1.72 8.59
CA PRO E 103 -32.57 1.30 7.40
C PRO E 103 -33.34 0.40 6.43
N SER E 104 -33.14 0.66 5.14
CA SER E 104 -33.88 0.02 4.06
C SER E 104 -33.03 -0.94 3.24
N SER E 105 -31.72 -0.96 3.48
CA SER E 105 -30.78 -1.71 2.66
C SER E 105 -29.72 -2.39 3.51
N THR E 106 -28.97 -3.29 2.91
CA THR E 106 -27.88 -3.96 3.59
C THR E 106 -26.67 -3.05 3.67
N ALA E 107 -26.47 -2.22 2.65
CA ALA E 107 -25.44 -1.19 2.66
C ALA E 107 -25.62 -0.18 3.79
N GLU E 108 -26.87 0.21 4.06
CA GLU E 108 -27.16 1.21 5.10
C GLU E 108 -27.14 0.53 6.47
N ALA E 109 -27.58 -0.73 6.52
CA ALA E 109 -27.44 -1.50 7.77
C ALA E 109 -25.97 -1.58 8.18
N TYR E 110 -25.09 -1.91 7.24
CA TYR E 110 -23.65 -1.96 7.57
C TYR E 110 -23.05 -0.60 7.99
N LEU E 111 -23.50 0.51 7.41
CA LEU E 111 -22.91 1.82 7.73
C LEU E 111 -23.26 2.22 9.16
N LYS E 112 -24.49 1.99 9.56
CA LYS E 112 -24.92 2.34 10.92
C LYS E 112 -24.28 1.47 12.01
N LEU E 113 -23.81 0.28 11.65
CA LEU E 113 -23.04 -0.56 12.57
C LEU E 113 -21.57 -0.16 12.61
N HIS E 114 -21.07 0.37 11.51
CA HIS E 114 -19.73 0.98 11.50
C HIS E 114 -19.72 2.21 12.40
N LEU E 115 -20.74 3.05 12.33
CA LEU E 115 -20.78 4.30 13.10
C LEU E 115 -20.75 4.03 14.60
N LEU E 116 -21.49 3.04 15.05
CA LEU E 116 -21.39 2.61 16.45
C LEU E 116 -19.96 2.23 16.81
N SER E 117 -19.37 1.35 16.00
CA SER E 117 -18.12 0.67 16.36
C SER E 117 -16.89 1.51 16.16
N HIS E 118 -16.97 2.51 15.29
CA HIS E 118 -15.90 3.51 15.21
C HIS E 118 -16.00 4.52 16.36
N ARG E 119 -17.08 4.42 17.13
CA ARG E 119 -17.47 5.35 18.22
C ARG E 119 -18.06 6.72 17.80
N LEU E 120 -18.47 6.90 16.54
CA LEU E 120 -19.06 8.19 16.11
C LEU E 120 -20.52 8.42 16.60
N VAL E 121 -21.20 7.35 17.01
CA VAL E 121 -22.49 7.47 17.69
C VAL E 121 -22.65 6.43 18.79
N LYS E 122 -23.52 6.72 19.75
CA LYS E 122 -23.65 5.90 20.95
C LYS E 122 -24.92 5.06 20.93
N PRO E 123 -24.91 3.92 21.67
CA PRO E 123 -26.09 3.09 21.68
C PRO E 123 -27.36 3.87 22.01
N HIS E 124 -28.43 3.61 21.24
CA HIS E 124 -29.74 4.28 21.32
C HIS E 124 -29.81 5.64 20.62
N ALA E 125 -28.69 6.17 20.12
CA ALA E 125 -28.71 7.45 19.39
C ALA E 125 -28.89 7.32 17.86
N VAL E 126 -29.28 6.14 17.38
CA VAL E 126 -29.41 5.88 15.94
C VAL E 126 -30.57 4.89 15.73
N ASN E 127 -31.33 5.06 14.65
CA ASN E 127 -32.50 4.20 14.35
C ASN E 127 -32.01 2.92 13.70
N LEU E 128 -32.38 1.78 14.29
CA LEU E 128 -31.94 0.45 13.85
C LEU E 128 -33.14 -0.49 13.72
N SER E 129 -34.33 0.07 13.55
CA SER E 129 -35.51 -0.76 13.40
C SER E 129 -35.34 -1.55 12.12
N GLY E 130 -36.02 -2.70 12.05
CA GLY E 130 -36.00 -3.58 10.87
C GLY E 130 -34.63 -3.91 10.28
N ILE E 131 -33.63 -4.14 11.14
CA ILE E 131 -32.27 -4.48 10.70
C ILE E 131 -32.01 -6.00 10.48
N PHE E 132 -32.56 -6.86 11.34
CA PHE E 132 -32.42 -8.31 11.12
C PHE E 132 -32.72 -8.75 9.66
N PRO E 133 -33.88 -8.35 9.11
CA PRO E 133 -34.19 -8.74 7.70
C PRO E 133 -33.21 -8.25 6.64
N LEU E 134 -32.53 -7.13 6.90
CA LEU E 134 -31.54 -6.54 5.99
C LEU E 134 -30.11 -7.06 6.12
N LEU E 135 -29.90 -8.03 7.01
CA LEU E 135 -28.59 -8.61 7.25
C LEU E 135 -28.68 -10.09 6.91
N PRO E 136 -28.19 -10.48 5.73
CA PRO E 136 -28.37 -11.89 5.32
C PRO E 136 -27.46 -12.79 6.12
N ASN E 137 -27.96 -13.99 6.45
CA ASN E 137 -27.14 -14.99 7.14
C ASN E 137 -25.98 -15.33 6.24
N VAL E 138 -24.78 -15.41 6.82
CA VAL E 138 -23.56 -15.55 6.05
C VAL E 138 -22.54 -16.45 6.75
N ALA E 139 -21.87 -17.31 5.99
CA ALA E 139 -20.72 -18.03 6.51
C ALA E 139 -19.52 -17.08 6.54
N TRP E 140 -18.86 -17.00 7.69
CA TRP E 140 -17.69 -16.15 7.85
C TRP E 140 -16.44 -17.03 7.87
N THR E 141 -15.64 -16.95 6.79
CA THR E 141 -14.48 -17.82 6.57
C THR E 141 -13.15 -17.06 6.59
N ASN E 142 -12.05 -17.79 6.48
CA ASN E 142 -10.73 -17.17 6.44
C ASN E 142 -10.34 -16.73 5.04
N ILE E 143 -11.24 -16.93 4.07
CA ILE E 143 -11.16 -16.30 2.74
C ILE E 143 -12.30 -15.27 2.54
N GLY E 144 -13.00 -14.94 3.62
CA GLY E 144 -14.02 -13.88 3.58
C GLY E 144 -15.43 -14.41 3.75
N ALA E 145 -16.40 -13.58 3.40
CA ALA E 145 -17.80 -14.01 3.51
C ALA E 145 -18.11 -14.93 2.33
N VAL E 146 -18.93 -15.94 2.62
CA VAL E 146 -19.37 -16.91 1.64
C VAL E 146 -20.90 -17.02 1.78
N ASP E 147 -21.61 -17.13 0.66
CA ASP E 147 -23.04 -17.48 0.69
C ASP E 147 -23.08 -18.92 1.10
N LEU E 148 -24.03 -19.26 1.96
CA LEU E 148 -24.17 -20.63 2.46
C LEU E 148 -24.39 -21.65 1.32
N ALA E 149 -25.10 -21.25 0.27
CA ALA E 149 -25.34 -22.13 -0.89
C ALA E 149 -24.08 -22.47 -1.70
N GLU E 150 -23.00 -21.73 -1.50
CA GLU E 150 -21.74 -21.99 -2.20
C GLU E 150 -20.71 -22.62 -1.27
N LEU E 151 -21.10 -22.81 -0.01
CA LEU E 151 -20.18 -23.23 1.04
C LEU E 151 -19.66 -24.65 0.85
N ALA E 152 -20.54 -25.64 0.73
CA ALA E 152 -20.10 -27.05 0.60
C ALA E 152 -19.12 -27.24 -0.56
N GLU E 153 -19.40 -26.59 -1.69
CA GLU E 153 -18.48 -26.61 -2.82
C GLU E 153 -17.05 -26.12 -2.51
N LEU E 154 -16.91 -25.06 -1.74
CA LEU E 154 -15.57 -24.51 -1.45
C LEU E 154 -14.85 -25.34 -0.39
N GLN E 155 -15.63 -25.98 0.49
CA GLN E 155 -15.07 -26.97 1.44
C GLN E 155 -14.43 -28.12 0.68
N LEU E 156 -15.16 -28.65 -0.30
CA LEU E 156 -14.68 -29.86 -1.01
C LEU E 156 -13.34 -29.64 -1.68
N GLU E 157 -13.19 -28.53 -2.35
CA GLU E 157 -11.96 -28.29 -3.10
C GLU E 157 -10.79 -28.06 -2.15
N ALA E 158 -11.07 -27.40 -1.03
CA ALA E 158 -10.10 -27.28 0.04
C ALA E 158 -9.55 -28.65 0.43
N ARG E 159 -10.44 -29.51 0.93
CA ARG E 159 -10.09 -30.88 1.32
C ARG E 159 -9.39 -31.69 0.21
N LEU E 160 -9.77 -31.43 -1.04
CA LEU E 160 -9.14 -32.09 -2.20
C LEU E 160 -7.70 -31.69 -2.41
N LYS E 161 -7.34 -30.47 -2.00
CA LYS E 161 -5.96 -30.04 -2.04
C LYS E 161 -5.32 -30.22 -0.68
N GLY E 162 -5.90 -31.11 0.14
CA GLY E 162 -5.31 -31.47 1.45
C GLY E 162 -5.36 -30.39 2.53
N LYS E 163 -6.09 -29.32 2.24
CA LYS E 163 -6.15 -28.14 3.10
C LYS E 163 -7.46 -28.20 3.89
N LEU E 164 -7.78 -27.09 4.56
CA LEU E 164 -9.06 -26.90 5.23
C LEU E 164 -9.52 -25.48 4.94
N LEU E 165 -10.83 -25.28 4.90
CA LEU E 165 -11.44 -23.95 4.90
C LEU E 165 -11.94 -23.70 6.32
N GLU E 166 -11.28 -22.80 7.07
CA GLU E 166 -11.73 -22.44 8.43
C GLU E 166 -12.99 -21.58 8.33
N VAL E 167 -14.03 -22.03 9.01
CA VAL E 167 -15.30 -21.36 9.04
C VAL E 167 -15.48 -21.04 10.51
N PHE E 168 -15.37 -19.77 10.88
CA PHE E 168 -15.41 -19.47 12.31
C PHE E 168 -16.81 -19.12 12.83
N SER E 169 -17.62 -18.45 12.01
CA SER E 169 -19.00 -18.12 12.39
C SER E 169 -19.95 -18.26 11.22
N VAL E 170 -21.21 -18.57 11.54
CA VAL E 170 -22.32 -18.53 10.58
C VAL E 170 -23.36 -17.68 11.25
N ASP E 171 -23.65 -16.51 10.69
CA ASP E 171 -24.49 -15.53 11.39
C ASP E 171 -24.92 -14.37 10.50
N LYS E 172 -25.80 -13.54 11.01
CA LYS E 172 -26.23 -12.34 10.29
C LYS E 172 -25.28 -11.18 10.56
N PHE E 173 -24.57 -11.22 11.69
CA PHE E 173 -23.60 -10.18 12.05
C PHE E 173 -22.21 -10.76 11.99
N PRO E 174 -21.24 -9.98 11.47
CA PRO E 174 -19.82 -10.34 11.59
C PRO E 174 -19.30 -9.98 12.97
N LYS E 175 -18.01 -10.26 13.20
CA LYS E 175 -17.31 -9.82 14.41
C LYS E 175 -16.57 -8.48 14.16
N MET E 176 -16.56 -7.62 15.16
CA MET E 176 -16.19 -6.20 14.96
C MET E 176 -14.76 -6.05 14.47
N THR E 177 -13.86 -6.90 14.96
CA THR E 177 -12.44 -6.78 14.66
C THR E 177 -12.08 -7.14 13.21
N ASP E 178 -13.07 -7.54 12.42
CA ASP E 178 -12.85 -7.75 11.00
C ASP E 178 -12.86 -6.38 10.28
N TYR E 179 -13.62 -5.44 10.86
CA TYR E 179 -13.83 -4.10 10.29
C TYR E 179 -13.07 -3.00 11.01
N VAL E 180 -13.03 -3.06 12.33
CA VAL E 180 -12.37 -2.02 13.12
C VAL E 180 -11.84 -2.54 14.46
N VAL E 181 -10.80 -1.87 14.94
CA VAL E 181 -10.39 -1.91 16.33
C VAL E 181 -10.24 -0.42 16.78
N PRO E 182 -11.11 0.01 17.70
CA PRO E 182 -10.98 1.39 18.21
C PRO E 182 -9.80 1.46 19.15
N ALA E 183 -9.28 2.66 19.39
CA ALA E 183 -8.05 2.82 20.18
C ALA E 183 -8.30 2.50 21.65
N GLY E 184 -7.24 2.09 22.32
CA GLY E 184 -7.22 1.88 23.78
C GLY E 184 -8.22 0.88 24.30
N VAL E 185 -8.22 -0.31 23.72
CA VAL E 185 -9.08 -1.42 24.15
C VAL E 185 -8.34 -2.77 24.14
N ARG E 186 -8.82 -3.71 24.94
CA ARG E 186 -8.35 -5.09 24.91
C ARG E 186 -9.52 -6.06 24.70
N ILE E 187 -9.46 -6.86 23.65
CA ILE E 187 -10.47 -7.92 23.46
C ILE E 187 -9.79 -9.30 23.36
N ALA E 188 -9.84 -10.05 24.47
CA ALA E 188 -9.17 -11.34 24.57
C ALA E 188 -9.58 -12.26 23.45
N ASP E 189 -10.89 -12.53 23.36
CA ASP E 189 -11.48 -13.36 22.30
C ASP E 189 -12.39 -12.49 21.43
N THR E 190 -11.92 -12.21 20.21
CA THR E 190 -12.60 -11.29 19.31
C THR E 190 -13.88 -11.86 18.70
N ALA E 191 -14.08 -13.17 18.80
CA ALA E 191 -15.33 -13.80 18.36
C ALA E 191 -16.53 -13.33 19.17
N ARG E 192 -16.30 -12.69 20.31
CA ARG E 192 -17.39 -12.36 21.20
C ARG E 192 -17.80 -10.89 21.23
N VAL E 193 -17.46 -10.12 20.20
CA VAL E 193 -17.96 -8.75 20.10
C VAL E 193 -18.45 -8.53 18.68
N ARG E 194 -19.74 -8.21 18.55
CA ARG E 194 -20.36 -8.07 17.23
C ARG E 194 -20.21 -6.67 16.72
N LEU E 195 -19.95 -6.53 15.43
CA LEU E 195 -19.93 -5.20 14.80
C LEU E 195 -21.21 -4.47 15.18
N GLY E 196 -21.08 -3.23 15.63
CA GLY E 196 -22.20 -2.46 16.18
C GLY E 196 -22.09 -2.33 17.68
N ALA E 197 -21.22 -3.15 18.29
CA ALA E 197 -20.78 -2.95 19.66
C ALA E 197 -20.00 -1.62 19.78
N TYR E 198 -20.17 -0.95 20.91
CA TYR E 198 -19.44 0.27 21.27
C TYR E 198 -18.51 -0.08 22.42
N ILE E 199 -17.20 -0.11 22.15
CA ILE E 199 -16.20 -0.48 23.15
C ILE E 199 -15.32 0.72 23.49
N GLY E 200 -15.63 1.38 24.61
CA GLY E 200 -15.03 2.64 24.99
C GLY E 200 -13.62 2.49 25.52
N GLU E 201 -12.91 3.61 25.55
CA GLU E 201 -11.48 3.58 25.85
C GLU E 201 -11.22 3.04 27.25
N GLY E 202 -10.13 2.30 27.38
CA GLY E 202 -9.71 1.74 28.66
C GLY E 202 -10.39 0.44 29.00
N THR E 203 -11.16 -0.12 28.07
CA THR E 203 -11.95 -1.29 28.37
C THR E 203 -11.09 -2.53 28.15
N THR E 204 -11.43 -3.59 28.89
CA THR E 204 -10.83 -4.89 28.69
C THR E 204 -11.95 -5.89 28.71
N VAL E 205 -12.17 -6.53 27.57
CA VAL E 205 -13.21 -7.55 27.47
C VAL E 205 -12.53 -8.92 27.54
N MET E 206 -12.60 -9.55 28.69
CA MET E 206 -12.00 -10.89 28.84
C MET E 206 -12.75 -11.97 28.06
N HIS E 207 -12.16 -13.18 28.07
CA HIS E 207 -12.61 -14.35 27.30
C HIS E 207 -14.05 -14.81 27.60
N GLU E 208 -14.55 -14.47 28.77
CA GLU E 208 -15.92 -14.81 29.13
C GLU E 208 -16.85 -13.63 28.90
N GLY E 209 -16.27 -12.49 28.54
CA GLY E 209 -17.04 -11.34 28.12
C GLY E 209 -17.73 -11.52 26.76
N PHE E 210 -18.84 -10.80 26.60
CA PHE E 210 -19.54 -10.73 25.31
C PHE E 210 -20.22 -9.38 25.14
N VAL E 211 -20.38 -8.91 23.90
CA VAL E 211 -21.03 -7.61 23.63
C VAL E 211 -21.78 -7.57 22.30
N ASN E 212 -23.11 -7.55 22.37
CA ASN E 212 -23.95 -7.51 21.18
C ASN E 212 -24.03 -6.11 20.56
N PHE E 213 -24.74 -6.01 19.44
CA PHE E 213 -24.87 -4.73 18.74
C PHE E 213 -25.76 -3.76 19.52
N ASN E 214 -25.67 -2.49 19.15
CA ASN E 214 -26.32 -1.41 19.89
C ASN E 214 -26.09 -1.54 21.40
N ALA E 215 -24.84 -1.87 21.77
CA ALA E 215 -24.49 -2.18 23.13
C ALA E 215 -23.02 -1.88 23.40
N GLY E 216 -22.65 -1.83 24.68
CA GLY E 216 -21.25 -1.68 25.08
C GLY E 216 -20.97 -0.80 26.31
N THR E 217 -19.73 -0.30 26.39
CA THR E 217 -19.26 0.48 27.53
C THR E 217 -18.90 1.91 27.15
N GLU E 218 -19.00 2.83 28.12
CA GLU E 218 -18.55 4.22 27.96
C GLU E 218 -17.00 4.26 27.98
N GLY E 219 -16.40 3.52 28.93
CA GLY E 219 -14.93 3.39 29.09
C GLY E 219 -14.42 4.24 30.26
N PRO E 220 -13.54 3.67 31.14
CA PRO E 220 -12.94 2.34 31.23
C PRO E 220 -13.76 1.31 31.99
N GLY E 221 -13.30 0.06 31.95
CA GLY E 221 -14.02 -1.05 32.62
C GLY E 221 -13.52 -2.46 32.26
N MET E 222 -13.91 -3.41 33.08
CA MET E 222 -13.51 -4.81 32.97
C MET E 222 -14.79 -5.67 32.77
N ILE E 223 -14.98 -6.17 31.54
CA ILE E 223 -16.15 -6.98 31.21
C ILE E 223 -15.79 -8.44 31.01
N GLU E 224 -16.19 -9.27 31.96
CA GLU E 224 -16.02 -10.71 31.86
C GLU E 224 -17.40 -11.40 31.71
N GLY E 225 -18.41 -10.61 31.37
CA GLY E 225 -19.77 -11.12 31.27
C GLY E 225 -20.46 -10.67 30.00
N ARG E 226 -21.77 -10.83 30.00
CA ARG E 226 -22.55 -10.75 28.79
C ARG E 226 -23.35 -9.46 28.78
N VAL E 227 -23.08 -8.60 27.79
CA VAL E 227 -23.74 -7.29 27.67
C VAL E 227 -24.72 -7.36 26.53
N SER E 228 -26.00 -7.49 26.82
CA SER E 228 -26.95 -7.84 25.78
C SER E 228 -27.38 -6.63 24.97
N ALA E 229 -27.85 -6.91 23.75
CA ALA E 229 -28.28 -5.86 22.83
C ALA E 229 -29.05 -4.80 23.59
N GLY E 230 -28.82 -3.53 23.23
CA GLY E 230 -29.50 -2.40 23.87
C GLY E 230 -28.90 -1.92 25.19
N VAL E 231 -27.83 -2.56 25.65
CA VAL E 231 -27.29 -2.33 27.00
C VAL E 231 -26.02 -1.50 26.98
N PHE E 232 -25.98 -0.51 27.86
CA PHE E 232 -24.86 0.41 27.93
C PHE E 232 -24.37 0.50 29.38
N VAL E 233 -23.06 0.31 29.56
CA VAL E 233 -22.44 0.28 30.87
C VAL E 233 -21.70 1.60 31.09
N GLY E 234 -21.93 2.21 32.24
CA GLY E 234 -21.32 3.50 32.57
C GLY E 234 -19.89 3.33 33.04
N LYS E 235 -19.15 4.44 33.10
CA LYS E 235 -17.70 4.39 33.28
C LYS E 235 -17.26 3.69 34.57
N GLY E 236 -16.18 2.93 34.48
CA GLY E 236 -15.55 2.31 35.65
C GLY E 236 -16.15 0.99 36.12
N SER E 237 -17.21 0.51 35.50
CA SER E 237 -17.95 -0.60 36.07
C SER E 237 -17.27 -1.96 35.74
N ASP E 238 -17.58 -2.99 36.54
CA ASP E 238 -16.89 -4.29 36.43
C ASP E 238 -17.87 -5.46 36.42
N LEU E 239 -18.02 -6.09 35.27
CA LEU E 239 -18.99 -7.19 35.08
C LEU E 239 -18.33 -8.55 35.24
N GLY E 240 -18.57 -9.17 36.39
CA GLY E 240 -17.84 -10.36 36.81
C GLY E 240 -18.01 -11.59 35.92
N GLY E 241 -17.21 -12.59 36.24
CA GLY E 241 -17.14 -13.80 35.44
C GLY E 241 -18.52 -14.40 35.23
N GLY E 242 -18.94 -14.43 33.96
CA GLY E 242 -20.11 -15.19 33.53
C GLY E 242 -21.42 -14.64 34.00
N CYS E 243 -21.43 -13.33 34.27
CA CYS E 243 -22.62 -12.65 34.73
C CYS E 243 -23.51 -12.37 33.53
N SER E 244 -24.77 -12.06 33.79
CA SER E 244 -25.76 -11.76 32.74
C SER E 244 -26.45 -10.37 32.89
N THR E 245 -26.74 -9.76 31.74
CA THR E 245 -27.71 -8.67 31.66
C THR E 245 -28.77 -9.12 30.64
N MET E 246 -30.06 -8.93 30.91
CA MET E 246 -31.12 -9.49 30.05
C MET E 246 -31.36 -8.73 28.74
N ASN E 254 -41.97 -3.37 28.69
CA ASN E 254 -40.61 -3.78 29.00
C ASN E 254 -39.73 -2.60 29.44
N ILE E 255 -38.49 -2.86 29.84
CA ILE E 255 -37.56 -1.83 30.32
C ILE E 255 -36.14 -1.97 29.77
N VAL E 256 -35.63 -0.87 29.22
CA VAL E 256 -34.24 -0.75 28.79
C VAL E 256 -33.34 -0.97 30.00
N ILE E 257 -32.46 -1.98 29.93
CA ILE E 257 -31.47 -2.21 30.97
C ILE E 257 -30.27 -1.28 30.72
N SER E 258 -29.74 -0.70 31.79
CA SER E 258 -28.51 0.08 31.74
C SER E 258 -27.75 -0.09 33.06
N VAL E 259 -26.43 0.12 33.04
CA VAL E 259 -25.60 -0.04 34.24
C VAL E 259 -24.81 1.24 34.52
N GLY E 260 -24.89 1.73 35.76
CA GLY E 260 -24.39 3.06 36.13
C GLY E 260 -22.89 3.20 36.18
N GLU E 261 -22.42 4.30 36.76
CA GLU E 261 -20.99 4.52 36.93
C GLU E 261 -20.51 3.80 38.18
N GLY E 262 -19.34 3.18 38.10
CA GLY E 262 -18.69 2.57 39.27
C GLY E 262 -19.43 1.41 39.92
N CYS E 263 -20.12 0.62 39.11
CA CYS E 263 -20.82 -0.56 39.63
C CYS E 263 -19.93 -1.79 39.68
N LEU E 264 -20.36 -2.80 40.41
CA LEU E 264 -19.57 -4.04 40.55
C LEU E 264 -20.47 -5.28 40.55
N ILE E 265 -20.64 -5.91 39.38
CA ILE E 265 -21.52 -7.07 39.25
C ILE E 265 -20.73 -8.40 39.46
N GLY E 266 -21.09 -9.14 40.50
CA GLY E 266 -20.38 -10.36 40.89
C GLY E 266 -20.48 -11.48 39.88
N ALA E 267 -19.60 -12.45 40.01
CA ALA E 267 -19.52 -13.53 39.04
C ALA E 267 -20.80 -14.38 39.11
N ASN E 268 -21.26 -14.85 37.94
CA ASN E 268 -22.50 -15.65 37.82
C ASN E 268 -23.79 -14.94 38.33
N ALA E 269 -23.68 -13.64 38.59
CA ALA E 269 -24.81 -12.82 38.98
C ALA E 269 -25.60 -12.40 37.74
N GLY E 270 -26.84 -11.91 37.92
CA GLY E 270 -27.66 -11.49 36.79
C GLY E 270 -28.68 -10.37 37.04
N ILE E 271 -28.72 -9.37 36.15
CA ILE E 271 -29.62 -8.23 36.35
C ILE E 271 -30.73 -8.10 35.31
N GLY E 272 -31.94 -7.89 35.81
CA GLY E 272 -33.15 -7.68 35.03
C GLY E 272 -33.76 -6.31 35.23
N ILE E 273 -32.97 -5.37 35.73
CA ILE E 273 -33.39 -3.99 35.93
C ILE E 273 -32.19 -3.07 35.69
N PRO E 274 -32.44 -1.80 35.37
CA PRO E 274 -31.32 -0.86 35.28
C PRO E 274 -30.69 -0.60 36.64
N LEU E 275 -29.37 -0.46 36.69
CA LEU E 275 -28.69 -0.19 37.95
C LEU E 275 -28.16 1.24 37.99
N GLY E 276 -28.45 1.94 39.09
CA GLY E 276 -27.96 3.29 39.30
C GLY E 276 -26.48 3.29 39.63
N ASP E 277 -25.90 4.49 39.73
CA ASP E 277 -24.45 4.62 39.95
C ASP E 277 -24.03 3.87 41.22
N ARG E 278 -22.80 3.38 41.21
CA ARG E 278 -22.18 2.69 42.35
C ARG E 278 -23.06 1.59 42.98
N ASN E 279 -23.61 0.71 42.14
CA ASN E 279 -24.36 -0.45 42.63
C ASN E 279 -23.51 -1.72 42.65
N ILE E 280 -23.74 -2.57 43.66
CA ILE E 280 -23.08 -3.87 43.73
C ILE E 280 -24.11 -4.99 43.83
N VAL E 281 -24.07 -5.93 42.88
CA VAL E 281 -24.82 -7.18 42.97
C VAL E 281 -23.85 -8.30 43.37
N GLU E 282 -24.23 -9.10 44.36
CA GLU E 282 -23.35 -10.14 44.90
C GLU E 282 -23.21 -11.36 43.98
N ALA E 283 -22.03 -11.97 44.00
CA ALA E 283 -21.77 -13.16 43.20
C ALA E 283 -22.88 -14.20 43.34
N GLY E 284 -23.37 -14.71 42.20
CA GLY E 284 -24.35 -15.80 42.18
C GLY E 284 -25.80 -15.35 42.25
N LEU E 285 -26.02 -14.04 42.28
CA LEU E 285 -27.35 -13.49 42.55
C LEU E 285 -28.03 -13.08 41.25
N TYR E 286 -29.23 -13.56 41.03
CA TYR E 286 -30.02 -13.08 39.90
C TYR E 286 -31.22 -12.29 40.40
N ILE E 287 -31.29 -11.02 39.99
CA ILE E 287 -32.35 -10.11 40.41
C ILE E 287 -33.22 -9.63 39.24
N THR E 288 -34.54 -9.82 39.36
CA THR E 288 -35.48 -9.47 38.29
C THR E 288 -36.39 -8.32 38.72
N ALA E 289 -37.19 -7.80 37.80
CA ALA E 289 -38.09 -6.67 38.08
C ALA E 289 -39.12 -7.03 39.16
N GLY E 290 -39.76 -8.19 39.00
CA GLY E 290 -40.74 -8.69 39.96
C GLY E 290 -40.17 -9.49 41.13
N THR E 291 -38.85 -9.44 41.32
CA THR E 291 -38.24 -10.02 42.51
C THR E 291 -38.63 -9.19 43.73
N LYS E 292 -39.04 -9.87 44.80
CA LYS E 292 -39.36 -9.21 46.07
C LYS E 292 -38.09 -9.08 46.91
N VAL E 293 -37.74 -7.84 47.26
CA VAL E 293 -36.46 -7.57 47.94
C VAL E 293 -36.66 -6.99 49.37
N ALA E 294 -35.72 -7.33 50.26
CA ALA E 294 -35.68 -6.78 51.61
C ALA E 294 -34.76 -5.56 51.64
N LEU E 295 -35.36 -4.39 51.91
CA LEU E 295 -34.65 -3.11 51.88
C LEU E 295 -34.20 -2.72 53.29
N LEU E 296 -32.90 -2.47 53.46
CA LEU E 296 -32.30 -2.29 54.78
C LEU E 296 -31.61 -0.92 54.93
N ASP E 297 -31.37 -0.51 56.17
CA ASP E 297 -30.79 0.81 56.49
C ASP E 297 -29.28 0.77 56.71
N ASN E 300 -28.10 -2.66 59.62
CA ASN E 300 -28.85 -3.47 58.66
C ASN E 300 -30.18 -3.95 59.24
N ALA E 301 -31.14 -3.02 59.30
CA ALA E 301 -32.46 -3.28 59.85
C ALA E 301 -33.54 -3.20 58.77
N LEU E 302 -34.46 -4.15 58.81
CA LEU E 302 -35.52 -4.30 57.80
C LEU E 302 -36.50 -3.12 57.75
N VAL E 303 -36.33 -2.22 56.78
CA VAL E 303 -37.24 -1.07 56.63
C VAL E 303 -38.60 -1.55 56.15
N LYS E 304 -38.66 -2.12 54.94
CA LYS E 304 -39.87 -2.75 54.40
C LYS E 304 -39.52 -3.75 53.26
N VAL E 305 -40.53 -4.29 52.58
CA VAL E 305 -40.34 -5.24 51.46
C VAL E 305 -40.93 -4.69 50.16
N VAL E 306 -40.08 -4.53 49.14
CA VAL E 306 -40.43 -3.87 47.88
C VAL E 306 -39.90 -4.61 46.64
N LYS E 307 -40.43 -4.26 45.47
CA LYS E 307 -40.06 -4.93 44.21
C LYS E 307 -38.88 -4.25 43.49
N ALA E 308 -37.98 -5.06 42.94
CA ALA E 308 -36.71 -4.55 42.39
C ALA E 308 -36.87 -3.45 41.36
N ARG E 309 -38.00 -3.46 40.64
CA ARG E 309 -38.32 -2.42 39.66
C ARG E 309 -38.48 -1.03 40.31
N ASP E 310 -38.94 -1.01 41.55
CA ASP E 310 -39.16 0.23 42.28
C ASP E 310 -37.83 0.80 42.78
N LEU E 311 -36.85 -0.08 43.00
CA LEU E 311 -35.47 0.31 43.32
C LEU E 311 -34.63 0.62 42.08
N ALA E 312 -35.28 0.68 40.92
CA ALA E 312 -34.61 0.94 39.65
C ALA E 312 -33.90 2.27 39.65
N GLY E 313 -32.68 2.28 39.10
CA GLY E 313 -31.95 3.51 38.83
C GLY E 313 -31.33 4.22 40.01
N GLN E 314 -31.64 3.78 41.22
CA GLN E 314 -31.23 4.48 42.43
C GLN E 314 -29.79 4.15 42.73
N PRO E 315 -29.00 5.15 43.19
CA PRO E 315 -27.57 4.95 43.44
C PRO E 315 -27.27 4.21 44.75
N ASP E 316 -26.02 3.78 44.92
CA ASP E 316 -25.53 3.18 46.17
C ASP E 316 -26.37 2.02 46.74
N LEU E 317 -26.58 0.97 45.96
CA LEU E 317 -27.29 -0.22 46.46
C LEU E 317 -26.40 -1.46 46.51
N LEU E 318 -26.75 -2.42 47.37
CA LEU E 318 -25.96 -3.64 47.54
C LEU E 318 -26.83 -4.89 47.31
N ALA E 327 -32.84 -15.45 51.46
CA ALA E 327 -33.58 -14.19 51.44
C ALA E 327 -32.83 -13.12 50.63
N VAL E 328 -33.53 -12.49 49.67
CA VAL E 328 -32.94 -11.44 48.85
C VAL E 328 -33.03 -10.06 49.51
N GLU E 329 -31.88 -9.48 49.79
CA GLU E 329 -31.78 -8.22 50.55
C GLU E 329 -31.15 -7.11 49.73
N CYS E 330 -31.35 -5.87 50.21
CA CYS E 330 -30.75 -4.69 49.59
C CYS E 330 -30.33 -3.67 50.65
N LYS E 331 -29.06 -3.69 51.03
CA LYS E 331 -28.57 -2.79 52.08
C LYS E 331 -28.23 -1.39 51.57
N THR E 332 -28.38 -0.39 52.44
CA THR E 332 -28.11 0.99 52.10
C THR E 332 -27.21 1.66 53.14
N GLN F 6 28.87 -18.03 38.44
CA GLN F 6 27.74 -18.70 39.16
C GLN F 6 26.95 -19.65 38.24
N SER F 7 25.98 -20.36 38.83
CA SER F 7 25.01 -21.14 38.06
C SER F 7 23.79 -20.27 37.79
N LEU F 8 23.37 -20.17 36.53
CA LEU F 8 22.24 -19.31 36.16
C LEU F 8 20.91 -19.98 36.44
N PHE F 9 19.86 -19.17 36.52
CA PHE F 9 18.50 -19.67 36.74
C PHE F 9 17.90 -20.26 35.46
N SER F 10 18.02 -19.53 34.36
CA SER F 10 17.44 -19.94 33.09
C SER F 10 18.06 -19.17 31.91
N LEU F 11 18.39 -19.86 30.82
CA LEU F 11 18.71 -19.20 29.54
C LEU F 11 17.89 -19.80 28.39
N ALA F 12 17.72 -19.02 27.32
CA ALA F 12 16.88 -19.40 26.18
C ALA F 12 17.13 -18.48 24.98
N PHE F 13 17.24 -19.07 23.80
CA PHE F 13 17.53 -18.34 22.57
C PHE F 13 16.24 -18.12 21.81
N GLY F 14 15.91 -16.87 21.52
CA GLY F 14 14.59 -16.53 21.02
C GLY F 14 14.52 -15.84 19.69
N VAL F 15 13.45 -16.16 18.93
CA VAL F 15 13.09 -15.48 17.68
C VAL F 15 11.78 -14.73 17.91
N GLY F 16 11.75 -13.45 17.49
CA GLY F 16 10.62 -12.58 17.82
C GLY F 16 10.15 -11.67 16.71
N THR F 17 9.25 -10.73 17.04
CA THR F 17 8.67 -9.80 16.03
C THR F 17 8.55 -8.36 16.56
N GLN F 18 8.96 -7.41 15.73
CA GLN F 18 9.17 -6.03 16.18
C GLN F 18 8.35 -5.03 15.39
N ASN F 19 7.95 -3.92 16.01
CA ASN F 19 7.24 -2.86 15.29
C ASN F 19 8.24 -1.95 14.59
N ARG F 20 7.73 -1.02 13.79
CA ARG F 20 8.59 -0.09 13.03
C ARG F 20 9.57 0.70 13.93
N GLN F 21 9.19 0.90 15.19
CA GLN F 21 10.00 1.63 16.16
C GLN F 21 11.02 0.73 16.87
N GLU F 22 11.13 -0.53 16.44
CA GLU F 22 12.05 -1.53 16.98
C GLU F 22 11.72 -1.95 18.42
N ALA F 23 10.46 -1.84 18.80
CA ALA F 23 10.01 -2.43 20.04
C ALA F 23 9.79 -3.89 19.74
N TRP F 24 9.98 -4.74 20.75
CA TRP F 24 9.71 -6.17 20.64
C TRP F 24 8.27 -6.43 21.03
N LEU F 25 7.51 -7.02 20.11
CA LEU F 25 6.10 -7.39 20.37
C LEU F 25 5.98 -8.79 21.02
N GLU F 26 6.81 -9.74 20.63
CA GLU F 26 6.81 -11.08 21.27
C GLU F 26 8.05 -11.90 20.94
N VAL F 27 8.34 -12.91 21.74
CA VAL F 27 9.45 -13.84 21.47
C VAL F 27 8.98 -15.29 21.59
N PHE F 28 9.44 -16.11 20.63
CA PHE F 28 9.27 -17.56 20.62
C PHE F 28 10.58 -18.29 21.00
N TYR F 29 10.52 -19.04 22.11
CA TYR F 29 11.59 -19.94 22.54
C TYR F 29 11.17 -21.40 22.29
N ALA F 30 11.85 -22.07 21.37
CA ALA F 30 11.61 -23.49 21.07
C ALA F 30 11.96 -24.40 22.24
N LEU F 31 13.20 -24.26 22.73
CA LEU F 31 13.74 -25.14 23.77
C LEU F 31 14.31 -24.31 24.90
N PRO F 32 13.46 -23.85 25.84
CA PRO F 32 13.94 -23.12 27.02
C PRO F 32 14.62 -24.02 28.05
N LEU F 33 15.61 -23.46 28.74
CA LEU F 33 16.40 -24.20 29.70
C LEU F 33 16.32 -23.62 31.11
N LEU F 34 15.96 -24.50 32.06
CA LEU F 34 15.95 -24.23 33.50
C LEU F 34 17.23 -24.82 34.10
N LYS F 35 17.97 -23.96 34.79
CA LYS F 35 19.25 -24.33 35.39
C LYS F 35 20.15 -24.97 34.34
N PRO F 36 20.65 -24.16 33.39
CA PRO F 36 21.59 -24.69 32.41
C PRO F 36 22.96 -24.98 33.05
N SER F 37 23.74 -25.88 32.45
CA SER F 37 25.04 -26.27 32.99
C SER F 37 26.15 -25.30 32.58
N SER F 38 27.04 -24.99 33.52
CA SER F 38 28.16 -24.04 33.32
C SER F 38 28.92 -24.19 32.00
N GLU F 39 28.94 -25.42 31.50
CA GLU F 39 29.56 -25.75 30.22
C GLU F 39 28.92 -24.90 29.11
N ILE F 40 27.59 -24.84 29.11
CA ILE F 40 26.82 -23.96 28.20
C ILE F 40 27.17 -22.49 28.37
N VAL F 41 27.04 -22.00 29.59
CA VAL F 41 27.17 -20.58 29.92
C VAL F 41 28.57 -20.04 29.63
N ALA F 42 29.59 -20.88 29.82
CA ALA F 42 30.96 -20.50 29.53
C ALA F 42 31.17 -20.38 28.02
N ALA F 43 30.48 -21.24 27.27
CA ALA F 43 30.69 -21.36 25.82
C ALA F 43 29.95 -20.30 25.00
N VAL F 44 29.06 -19.58 25.66
CA VAL F 44 28.12 -18.66 25.01
C VAL F 44 28.40 -17.20 25.35
N ALA F 45 28.80 -16.95 26.60
CA ALA F 45 28.92 -15.60 27.15
C ALA F 45 29.92 -14.72 26.40
N PRO F 46 31.07 -15.30 26.00
CA PRO F 46 32.08 -14.44 25.38
C PRO F 46 31.68 -13.95 23.99
N ILE F 47 30.77 -14.67 23.34
CA ILE F 47 30.29 -14.28 22.02
C ILE F 47 29.02 -13.41 22.12
N LEU F 48 28.25 -13.54 23.19
CA LEU F 48 27.12 -12.62 23.43
C LEU F 48 27.62 -11.36 24.14
N GLY F 49 28.60 -11.55 25.03
CA GLY F 49 29.19 -10.46 25.84
C GLY F 49 28.56 -10.39 27.22
N TYR F 50 28.15 -11.54 27.75
CA TYR F 50 27.39 -11.58 29.00
C TYR F 50 28.30 -11.70 30.21
N ALA F 51 28.16 -10.75 31.13
CA ALA F 51 28.98 -10.69 32.33
C ALA F 51 28.20 -11.21 33.54
N ALA F 52 27.04 -10.61 33.79
CA ALA F 52 26.26 -10.96 34.95
C ALA F 52 24.76 -10.67 34.80
N GLY F 53 24.01 -11.08 35.81
CA GLY F 53 22.66 -10.60 36.02
C GLY F 53 21.60 -11.19 35.11
N ASN F 54 20.58 -10.38 34.82
CA ASN F 54 19.48 -10.76 33.96
C ASN F 54 19.47 -9.88 32.70
N GLN F 55 19.89 -10.49 31.58
CA GLN F 55 20.11 -9.79 30.30
C GLN F 55 19.25 -10.38 29.17
N ALA F 56 18.63 -9.51 28.38
CA ALA F 56 18.08 -9.91 27.07
C ALA F 56 18.96 -9.31 26.00
N LEU F 57 19.85 -10.15 25.46
CA LEU F 57 20.82 -9.69 24.49
C LEU F 57 20.43 -10.11 23.09
N THR F 58 20.12 -9.10 22.28
CA THR F 58 19.90 -9.28 20.85
C THR F 58 21.25 -9.62 20.26
N PHE F 59 21.32 -10.77 19.59
CA PHE F 59 22.52 -11.12 18.84
C PHE F 59 22.16 -11.11 17.35
N THR F 60 23.14 -11.43 16.52
CA THR F 60 23.04 -11.30 15.07
C THR F 60 23.17 -12.65 14.39
N SER F 61 22.71 -12.74 13.15
CA SER F 61 22.75 -13.97 12.36
C SER F 61 24.15 -14.59 12.33
N GLN F 62 25.18 -13.75 12.19
CA GLN F 62 26.60 -14.20 12.22
C GLN F 62 27.07 -14.78 13.57
N GLN F 63 26.59 -14.23 14.68
CA GLN F 63 26.92 -14.78 16.00
C GLN F 63 26.22 -16.14 16.21
N ALA F 64 24.99 -16.27 15.71
CA ALA F 64 24.19 -17.47 15.87
C ALA F 64 24.96 -18.69 15.43
N TYR F 65 25.48 -18.61 14.21
CA TYR F 65 26.42 -19.58 13.69
C TYR F 65 27.54 -19.82 14.70
N GLN F 66 28.20 -18.74 15.13
CA GLN F 66 29.28 -18.87 16.12
C GLN F 66 28.83 -19.54 17.43
N LEU F 67 27.66 -19.16 17.94
CA LEU F 67 27.08 -19.82 19.12
C LEU F 67 26.77 -21.27 18.80
N ALA F 68 26.30 -21.49 17.57
CA ALA F 68 26.01 -22.84 17.07
C ALA F 68 27.27 -23.72 17.14
N ASP F 69 28.37 -23.17 16.65
CA ASP F 69 29.61 -23.94 16.46
C ASP F 69 30.31 -24.28 17.77
N ALA F 70 30.15 -23.42 18.78
CA ALA F 70 30.84 -23.63 20.04
C ALA F 70 30.26 -24.81 20.82
N LEU F 71 28.93 -24.95 20.79
CA LEU F 71 28.25 -25.91 21.65
C LEU F 71 28.45 -27.37 21.20
N LYS F 72 28.79 -27.56 19.92
CA LYS F 72 29.06 -28.91 19.43
C LYS F 72 30.02 -29.63 20.36
N GLY F 73 29.56 -30.74 20.93
CA GLY F 73 30.35 -31.46 21.92
C GLY F 73 30.08 -31.02 23.35
N ILE F 74 29.29 -29.95 23.50
CA ILE F 74 28.74 -29.56 24.78
C ILE F 74 27.25 -29.97 24.84
N ASP F 75 26.46 -29.48 23.87
CA ASP F 75 25.00 -29.68 23.86
C ASP F 75 24.46 -29.65 22.43
N ALA F 76 24.44 -30.81 21.77
CA ALA F 76 24.01 -30.90 20.37
C ALA F 76 22.72 -30.13 20.09
N ALA F 77 21.65 -30.46 20.83
CA ALA F 77 20.30 -29.92 20.58
C ALA F 77 20.29 -28.41 20.38
N GLN F 78 20.82 -27.69 21.37
CA GLN F 78 20.95 -26.23 21.33
C GLN F 78 21.87 -25.79 20.20
N SER F 79 22.87 -26.62 19.88
CA SER F 79 23.79 -26.36 18.78
C SER F 79 23.07 -26.37 17.41
N ALA F 80 22.17 -27.34 17.24
CA ALA F 80 21.40 -27.48 16.01
C ALA F 80 20.26 -26.46 15.93
N LEU F 81 19.74 -26.02 17.07
CA LEU F 81 18.70 -24.98 17.07
C LEU F 81 19.28 -23.64 16.54
N LEU F 82 20.50 -23.32 16.96
CA LEU F 82 21.16 -22.06 16.58
C LEU F 82 21.56 -21.94 15.11
N SER F 83 21.71 -23.09 14.46
CA SER F 83 21.99 -23.12 13.03
C SER F 83 20.71 -22.86 12.22
N ARG F 84 19.55 -23.27 12.76
CA ARG F 84 18.26 -22.93 12.14
C ARG F 84 18.01 -21.45 12.31
N LEU F 85 18.18 -20.98 13.55
CA LEU F 85 18.00 -19.57 13.89
C LEU F 85 18.93 -18.74 13.04
N ALA F 86 20.17 -19.21 12.90
CA ALA F 86 21.15 -18.59 12.01
C ALA F 86 20.57 -18.10 10.68
N GLU F 87 19.56 -18.82 10.17
CA GLU F 87 19.05 -18.62 8.81
C GLU F 87 17.82 -17.70 8.80
N SER F 88 17.15 -17.60 9.94
CA SER F 88 15.85 -16.92 10.08
C SER F 88 15.76 -15.49 9.54
N GLN F 89 14.52 -15.10 9.24
CA GLN F 89 14.17 -13.80 8.65
C GLN F 89 13.93 -12.72 9.73
N LYS F 90 13.39 -13.15 10.88
CA LYS F 90 13.07 -12.24 12.01
C LYS F 90 14.30 -11.94 12.90
N PRO F 91 14.15 -11.05 13.91
CA PRO F 91 15.24 -10.76 14.87
C PRO F 91 15.36 -11.73 16.03
N LEU F 92 16.58 -11.87 16.54
CA LEU F 92 16.90 -12.87 17.55
C LEU F 92 17.16 -12.25 18.90
N VAL F 93 16.97 -13.04 19.95
CA VAL F 93 17.27 -12.57 21.28
C VAL F 93 17.67 -13.70 22.23
N ALA F 94 18.82 -13.55 22.89
CA ALA F 94 19.31 -14.52 23.87
C ALA F 94 19.10 -13.94 25.25
N THR F 95 18.31 -14.59 26.10
CA THR F 95 18.05 -14.03 27.42
C THR F 95 18.57 -14.96 28.52
N LEU F 96 19.49 -14.45 29.33
CA LEU F 96 20.19 -15.23 30.36
C LEU F 96 19.88 -14.70 31.75
N LEU F 97 19.04 -15.43 32.48
CA LEU F 97 18.61 -15.03 33.82
C LEU F 97 19.53 -15.65 34.86
N ALA F 98 20.28 -14.80 35.58
CA ALA F 98 21.21 -15.28 36.60
C ALA F 98 20.50 -15.49 37.94
N GLU F 99 19.33 -14.86 38.11
CA GLU F 99 18.47 -15.07 39.30
C GLU F 99 16.98 -15.02 38.96
N ASP F 100 16.17 -15.67 39.80
CA ASP F 100 14.71 -15.73 39.63
C ASP F 100 14.16 -14.51 40.29
N ALA F 101 14.03 -13.46 39.50
CA ALA F 101 13.78 -12.11 39.98
C ALA F 101 12.53 -11.52 39.34
N ALA F 102 12.18 -10.29 39.74
CA ALA F 102 11.10 -9.56 39.09
C ALA F 102 11.61 -9.18 37.70
N PRO F 103 10.76 -9.31 36.66
CA PRO F 103 11.31 -9.17 35.31
C PRO F 103 11.42 -7.72 34.87
N SER F 104 12.38 -7.43 33.99
CA SER F 104 12.70 -6.06 33.56
C SER F 104 12.60 -5.82 32.04
N SER F 105 12.55 -6.90 31.25
CA SER F 105 12.41 -6.82 29.79
C SER F 105 11.25 -7.66 29.21
N THR F 106 10.88 -7.35 27.97
CA THR F 106 9.80 -8.10 27.29
C THR F 106 10.26 -9.53 26.96
N ALA F 107 11.50 -9.67 26.49
CA ALA F 107 12.07 -11.00 26.32
C ALA F 107 11.93 -11.81 27.62
N GLU F 108 12.28 -11.23 28.75
CA GLU F 108 12.24 -11.98 30.01
C GLU F 108 10.79 -12.28 30.42
N ALA F 109 9.90 -11.38 30.07
CA ALA F 109 8.52 -11.59 30.41
C ALA F 109 8.11 -12.89 29.75
N TYR F 110 8.46 -13.01 28.47
CA TYR F 110 8.09 -14.20 27.71
C TYR F 110 8.77 -15.50 28.19
N LEU F 111 10.07 -15.49 28.51
CA LEU F 111 10.76 -16.74 28.90
C LEU F 111 10.13 -17.41 30.09
N LYS F 112 9.86 -16.62 31.11
CA LYS F 112 9.24 -17.12 32.32
C LYS F 112 7.84 -17.68 32.08
N LEU F 113 7.17 -17.19 31.04
CA LEU F 113 5.86 -17.70 30.68
C LEU F 113 6.04 -19.02 29.94
N HIS F 114 7.05 -19.08 29.09
CA HIS F 114 7.46 -20.36 28.52
C HIS F 114 7.73 -21.42 29.59
N LEU F 115 8.42 -21.04 30.67
CA LEU F 115 8.81 -22.01 31.71
C LEU F 115 7.62 -22.72 32.33
N LEU F 116 6.58 -21.94 32.68
CA LEU F 116 5.34 -22.47 33.24
C LEU F 116 4.60 -23.41 32.28
N SER F 117 4.37 -22.91 31.07
CA SER F 117 3.67 -23.66 30.03
C SER F 117 4.41 -24.93 29.61
N HIS F 118 5.74 -24.84 29.49
CA HIS F 118 6.58 -26.04 29.23
C HIS F 118 6.67 -26.97 30.45
N ARG F 119 5.94 -26.63 31.51
CA ARG F 119 5.92 -27.41 32.74
C ARG F 119 7.28 -27.60 33.41
N LEU F 120 8.28 -26.79 33.07
CA LEU F 120 9.59 -26.90 33.72
C LEU F 120 9.56 -26.35 35.15
N VAL F 121 8.51 -25.56 35.49
CA VAL F 121 8.23 -25.14 36.86
C VAL F 121 6.72 -25.06 37.11
N LYS F 122 6.35 -24.81 38.37
CA LYS F 122 4.95 -24.72 38.78
C LYS F 122 4.47 -23.29 39.04
N PRO F 123 3.15 -23.13 39.20
CA PRO F 123 2.63 -21.84 39.66
C PRO F 123 3.24 -21.40 40.99
N HIS F 124 3.40 -20.09 41.17
CA HIS F 124 3.99 -19.51 42.38
C HIS F 124 5.44 -19.93 42.67
N ALA F 125 6.04 -20.76 41.82
CA ALA F 125 7.47 -21.07 41.95
C ALA F 125 8.38 -20.09 41.19
N VAL F 126 7.84 -19.00 40.65
CA VAL F 126 8.65 -18.07 39.84
C VAL F 126 8.11 -16.64 39.97
N ASN F 127 8.95 -15.65 39.70
CA ASN F 127 8.61 -14.26 40.04
C ASN F 127 8.02 -13.49 38.86
N LEU F 128 6.75 -13.11 38.99
CA LEU F 128 6.02 -12.40 37.92
C LEU F 128 5.52 -11.02 38.33
N SER F 129 6.24 -10.33 39.20
CA SER F 129 5.78 -9.01 39.67
C SER F 129 6.03 -7.91 38.64
N GLY F 130 5.03 -7.07 38.39
CA GLY F 130 5.12 -5.98 37.40
C GLY F 130 5.17 -6.40 35.94
N ILE F 131 4.54 -7.53 35.62
CA ILE F 131 4.69 -8.16 34.30
C ILE F 131 3.84 -7.50 33.23
N PHE F 132 2.76 -6.85 33.61
CA PHE F 132 1.81 -6.30 32.64
C PHE F 132 2.37 -5.21 31.74
N PRO F 133 2.96 -4.14 32.33
CA PRO F 133 3.50 -3.06 31.49
C PRO F 133 4.60 -3.55 30.52
N LEU F 134 5.30 -4.64 30.90
CA LEU F 134 6.33 -5.28 30.05
C LEU F 134 5.75 -6.16 28.92
N LEU F 135 4.43 -6.26 28.85
CA LEU F 135 3.71 -6.94 27.76
C LEU F 135 2.89 -5.94 26.94
N PRO F 136 3.36 -5.59 25.74
CA PRO F 136 2.63 -4.63 24.93
C PRO F 136 1.33 -5.16 24.39
N ASN F 137 0.29 -4.33 24.38
CA ASN F 137 -1.04 -4.69 23.84
C ASN F 137 -0.97 -4.71 22.33
N VAL F 138 -1.40 -5.81 21.71
CA VAL F 138 -1.10 -6.09 20.28
C VAL F 138 -2.25 -6.85 19.64
N ALA F 139 -2.37 -6.82 18.31
CA ALA F 139 -3.39 -7.60 17.61
C ALA F 139 -2.75 -8.86 17.06
N TRP F 140 -3.17 -10.00 17.62
CA TRP F 140 -2.68 -11.30 17.24
C TRP F 140 -3.48 -11.76 16.02
N THR F 141 -2.81 -11.88 14.88
CA THR F 141 -3.49 -12.18 13.60
C THR F 141 -2.89 -13.41 12.94
N ASN F 142 -3.55 -13.92 11.88
CA ASN F 142 -3.03 -15.13 11.22
C ASN F 142 -1.81 -14.84 10.33
N ILE F 143 -1.33 -13.60 10.31
CA ILE F 143 0.00 -13.33 9.77
C ILE F 143 1.00 -12.97 10.85
N GLY F 144 0.59 -13.08 12.11
CA GLY F 144 1.48 -12.91 13.28
C GLY F 144 1.11 -11.76 14.21
N ALA F 145 2.01 -11.45 15.15
CA ALA F 145 1.88 -10.26 15.98
C ALA F 145 1.95 -9.01 15.11
N VAL F 146 1.04 -8.08 15.36
CA VAL F 146 0.96 -6.85 14.59
C VAL F 146 0.70 -5.69 15.50
N ASP F 147 1.44 -4.59 15.28
CA ASP F 147 1.27 -3.36 16.05
C ASP F 147 -0.07 -2.79 15.70
N LEU F 148 -0.77 -2.32 16.73
CA LEU F 148 -2.10 -1.78 16.60
C LEU F 148 -2.13 -0.55 15.70
N ALA F 149 -1.17 0.36 15.86
CA ALA F 149 -1.16 1.58 15.04
C ALA F 149 -0.81 1.34 13.58
N GLU F 150 -0.43 0.11 13.25
CA GLU F 150 -0.23 -0.32 11.86
C GLU F 150 -1.29 -1.29 11.33
N LEU F 151 -2.36 -1.54 12.11
CA LEU F 151 -3.32 -2.60 11.77
C LEU F 151 -4.23 -2.17 10.62
N ALA F 152 -4.94 -1.05 10.79
CA ALA F 152 -6.00 -0.63 9.87
C ALA F 152 -5.53 -0.48 8.42
N GLU F 153 -4.26 -0.14 8.25
CA GLU F 153 -3.65 -0.09 6.92
C GLU F 153 -3.58 -1.51 6.35
N LEU F 154 -3.10 -2.45 7.16
CA LEU F 154 -3.07 -3.87 6.79
C LEU F 154 -4.49 -4.41 6.58
N GLN F 155 -5.47 -3.95 7.38
CA GLN F 155 -6.87 -4.37 7.22
C GLN F 155 -7.43 -3.94 5.86
N LEU F 156 -7.03 -2.77 5.40
CA LEU F 156 -7.49 -2.26 4.10
C LEU F 156 -6.91 -3.10 2.95
N GLU F 157 -5.59 -3.28 2.96
CA GLU F 157 -4.88 -3.98 1.88
C GLU F 157 -5.37 -5.41 1.57
N ALA F 158 -5.80 -6.17 2.58
CA ALA F 158 -6.44 -7.48 2.37
C ALA F 158 -7.80 -7.32 1.67
N ARG F 159 -8.64 -6.47 2.24
CA ARG F 159 -9.97 -6.17 1.69
C ARG F 159 -9.92 -5.61 0.29
N LEU F 160 -8.85 -4.88 -0.02
CA LEU F 160 -8.70 -4.36 -1.36
C LEU F 160 -8.45 -5.56 -2.27
N LYS F 161 -7.66 -6.50 -1.76
CA LYS F 161 -7.27 -7.70 -2.51
C LYS F 161 -8.34 -8.79 -2.57
N GLY F 162 -9.44 -8.62 -1.81
CA GLY F 162 -10.56 -9.59 -1.77
C GLY F 162 -10.52 -10.48 -0.53
N LYS F 163 -9.46 -10.27 0.25
CA LYS F 163 -9.04 -11.14 1.32
C LYS F 163 -9.54 -10.58 2.63
N LEU F 164 -9.30 -11.33 3.71
CA LEU F 164 -9.57 -10.86 5.05
C LEU F 164 -8.38 -11.15 5.97
N LEU F 165 -8.10 -10.20 6.86
CA LEU F 165 -7.10 -10.40 7.89
C LEU F 165 -7.90 -10.91 9.05
N GLU F 166 -7.60 -12.12 9.51
CA GLU F 166 -8.29 -12.66 10.66
C GLU F 166 -7.55 -12.18 11.91
N VAL F 167 -8.27 -11.50 12.80
CA VAL F 167 -7.74 -10.97 14.06
C VAL F 167 -8.44 -11.62 15.24
N PHE F 168 -7.79 -12.62 15.84
CA PHE F 168 -8.43 -13.47 16.85
C PHE F 168 -8.36 -12.91 18.29
N SER F 169 -7.34 -12.07 18.58
CA SER F 169 -7.19 -11.41 19.89
C SER F 169 -6.47 -10.05 19.85
N VAL F 170 -6.92 -9.13 20.70
CA VAL F 170 -6.21 -7.88 20.92
C VAL F 170 -5.94 -7.81 22.43
N ASP F 171 -4.75 -8.27 22.82
CA ASP F 171 -4.40 -8.43 24.24
C ASP F 171 -2.88 -8.34 24.45
N LYS F 172 -2.47 -8.36 25.71
CA LYS F 172 -1.04 -8.35 26.09
C LYS F 172 -0.53 -9.79 26.23
N PHE F 173 -1.42 -10.72 26.56
CA PHE F 173 -1.07 -12.17 26.58
C PHE F 173 -1.56 -12.93 25.34
N PRO F 174 -0.66 -13.59 24.61
CA PRO F 174 -1.14 -14.47 23.54
C PRO F 174 -1.67 -15.80 24.11
N LYS F 175 -2.27 -16.61 23.26
CA LYS F 175 -2.81 -17.90 23.71
C LYS F 175 -1.67 -18.93 23.66
N MET F 176 -1.67 -19.90 24.59
CA MET F 176 -0.50 -20.80 24.78
C MET F 176 -0.12 -21.66 23.57
N THR F 177 -1.12 -22.19 22.87
CA THR F 177 -0.86 -23.19 21.85
C THR F 177 -0.16 -22.63 20.61
N ASP F 178 -0.06 -21.31 20.52
CA ASP F 178 0.90 -20.67 19.58
C ASP F 178 2.35 -21.05 19.89
N TYR F 179 2.70 -21.18 21.17
CA TYR F 179 4.10 -21.42 21.60
C TYR F 179 4.46 -22.87 21.97
N VAL F 180 3.53 -23.59 22.59
CA VAL F 180 3.82 -24.96 23.01
C VAL F 180 2.57 -25.77 23.29
N VAL F 181 2.68 -27.07 23.16
CA VAL F 181 1.62 -27.95 23.62
C VAL F 181 2.24 -29.08 24.42
N PRO F 182 1.94 -29.13 25.73
CA PRO F 182 2.54 -30.14 26.58
C PRO F 182 1.92 -31.52 26.40
N ALA F 183 2.73 -32.54 26.66
CA ALA F 183 2.31 -33.92 26.48
C ALA F 183 1.11 -34.26 27.33
N GLY F 184 0.17 -35.02 26.76
CA GLY F 184 -0.89 -35.70 27.53
C GLY F 184 -2.06 -34.86 27.98
N VAL F 185 -2.39 -33.81 27.23
CA VAL F 185 -3.52 -32.92 27.57
C VAL F 185 -4.38 -32.62 26.35
N ARG F 186 -5.63 -32.26 26.61
CA ARG F 186 -6.61 -31.84 25.59
C ARG F 186 -7.05 -30.42 25.90
N ILE F 187 -7.20 -29.60 24.86
CA ILE F 187 -7.60 -28.20 25.01
C ILE F 187 -8.64 -27.87 23.94
N ALA F 188 -9.92 -28.00 24.29
CA ALA F 188 -11.01 -27.97 23.30
C ALA F 188 -11.00 -26.71 22.43
N ASP F 189 -10.95 -25.54 23.07
CA ASP F 189 -10.82 -24.24 22.40
C ASP F 189 -9.59 -23.51 22.95
N THR F 190 -8.54 -23.39 22.16
CA THR F 190 -7.28 -22.85 22.66
C THR F 190 -7.36 -21.35 22.97
N ALA F 191 -8.33 -20.66 22.39
CA ALA F 191 -8.57 -19.25 22.71
C ALA F 191 -8.66 -18.99 24.24
N ARG F 192 -8.92 -20.04 25.03
CA ARG F 192 -9.18 -19.88 26.44
C ARG F 192 -8.07 -20.38 27.38
N VAL F 193 -6.87 -20.61 26.84
CA VAL F 193 -5.71 -20.87 27.69
C VAL F 193 -4.56 -19.98 27.27
N ARG F 194 -4.11 -19.15 28.20
CA ARG F 194 -3.10 -18.15 27.92
C ARG F 194 -1.72 -18.76 28.05
N LEU F 195 -0.73 -18.12 27.42
CA LEU F 195 0.66 -18.50 27.64
C LEU F 195 1.01 -18.14 29.09
N GLY F 196 1.65 -19.05 29.81
CA GLY F 196 1.83 -18.93 31.25
C GLY F 196 1.00 -19.96 32.02
N ALA F 197 -0.06 -20.47 31.39
CA ALA F 197 -0.87 -21.53 31.99
C ALA F 197 -0.03 -22.80 32.11
N TYR F 198 -0.27 -23.54 33.18
CA TYR F 198 0.39 -24.83 33.40
C TYR F 198 -0.74 -25.82 33.28
N ILE F 199 -0.69 -26.65 32.23
CA ILE F 199 -1.72 -27.67 31.98
C ILE F 199 -1.18 -29.07 32.29
N GLY F 200 -1.82 -29.77 33.22
CA GLY F 200 -1.27 -31.02 33.76
C GLY F 200 -1.45 -32.22 32.87
N GLU F 201 -0.55 -33.18 32.96
CA GLU F 201 -0.69 -34.43 32.22
C GLU F 201 -1.96 -35.12 32.70
N GLY F 202 -2.88 -35.36 31.77
CA GLY F 202 -4.16 -36.02 32.08
C GLY F 202 -5.32 -35.05 32.17
N THR F 203 -5.06 -33.75 32.01
CA THR F 203 -6.11 -32.71 32.09
C THR F 203 -6.89 -32.61 30.81
N THR F 204 -8.18 -32.30 30.93
CA THR F 204 -8.99 -31.90 29.79
C THR F 204 -9.52 -30.50 30.08
N VAL F 205 -9.24 -29.55 29.19
CA VAL F 205 -9.85 -28.23 29.29
C VAL F 205 -10.87 -28.14 28.18
N MET F 206 -12.16 -28.22 28.53
CA MET F 206 -13.22 -28.13 27.52
C MET F 206 -13.46 -26.68 27.11
N HIS F 207 -14.48 -26.48 26.27
CA HIS F 207 -14.82 -25.20 25.65
C HIS F 207 -15.17 -24.08 26.65
N GLU F 208 -15.84 -24.44 27.76
CA GLU F 208 -16.32 -23.46 28.74
C GLU F 208 -15.26 -23.22 29.79
N GLY F 209 -14.18 -23.99 29.71
CA GLY F 209 -13.04 -23.82 30.59
C GLY F 209 -12.23 -22.62 30.17
N PHE F 210 -11.47 -22.07 31.13
CA PHE F 210 -10.53 -21.00 30.85
C PHE F 210 -9.41 -20.99 31.88
N VAL F 211 -8.16 -21.00 31.42
CA VAL F 211 -7.00 -20.97 32.35
C VAL F 211 -6.06 -19.80 32.07
N ASN F 212 -5.93 -18.91 33.05
CA ASN F 212 -5.12 -17.68 32.93
C ASN F 212 -3.65 -18.03 33.17
N PHE F 213 -2.77 -17.03 33.06
CA PHE F 213 -1.36 -17.23 33.40
C PHE F 213 -1.16 -17.47 34.90
N ASN F 214 0.05 -17.91 35.26
CA ASN F 214 0.37 -18.30 36.63
C ASN F 214 -0.84 -19.06 37.23
N ALA F 215 -1.31 -20.08 36.50
CA ALA F 215 -2.52 -20.84 36.88
C ALA F 215 -2.55 -22.25 36.27
N GLY F 216 -3.42 -23.11 36.80
CA GLY F 216 -3.63 -24.41 36.16
C GLY F 216 -3.70 -25.64 37.05
N THR F 217 -3.29 -26.78 36.52
CA THR F 217 -3.61 -28.11 37.08
C THR F 217 -2.43 -29.08 37.20
N GLU F 218 -2.38 -29.79 38.33
CA GLU F 218 -1.39 -30.85 38.57
C GLU F 218 -1.63 -32.00 37.59
N GLY F 219 -2.89 -32.21 37.21
CA GLY F 219 -3.28 -33.28 36.32
C GLY F 219 -3.38 -34.55 37.12
N PRO F 220 -4.29 -35.47 36.76
CA PRO F 220 -5.32 -35.38 35.71
C PRO F 220 -6.47 -34.53 36.18
N GLY F 221 -7.29 -34.01 35.25
CA GLY F 221 -8.45 -33.19 35.64
C GLY F 221 -9.41 -32.80 34.52
N MET F 222 -10.66 -32.56 34.88
CA MET F 222 -11.66 -32.12 33.93
C MET F 222 -12.03 -30.67 34.27
N ILE F 223 -11.55 -29.72 33.44
CA ILE F 223 -11.81 -28.29 33.65
C ILE F 223 -12.84 -27.70 32.67
N GLU F 224 -14.12 -27.67 33.08
CA GLU F 224 -15.19 -27.03 32.31
C GLU F 224 -15.60 -25.65 32.85
N GLY F 225 -14.64 -24.91 33.42
CA GLY F 225 -14.94 -23.61 34.00
C GLY F 225 -13.69 -22.79 34.28
N ARG F 226 -13.86 -21.76 35.11
CA ARG F 226 -12.87 -20.69 35.16
C ARG F 226 -11.83 -20.83 36.27
N VAL F 227 -10.57 -21.03 35.86
CA VAL F 227 -9.41 -21.01 36.73
C VAL F 227 -8.71 -19.65 36.63
N SER F 228 -8.95 -18.77 37.60
CA SER F 228 -8.37 -17.43 37.59
C SER F 228 -6.86 -17.46 37.88
N ALA F 229 -6.14 -16.41 37.47
CA ALA F 229 -4.69 -16.34 37.66
C ALA F 229 -4.35 -16.58 39.10
N GLY F 230 -3.30 -17.35 39.35
CA GLY F 230 -2.85 -17.66 40.70
C GLY F 230 -3.51 -18.87 41.32
N VAL F 231 -4.50 -19.43 40.64
CA VAL F 231 -5.18 -20.63 41.10
C VAL F 231 -4.51 -21.87 40.54
N PHE F 232 -4.35 -22.89 41.38
CA PHE F 232 -3.71 -24.15 41.00
C PHE F 232 -4.48 -25.33 41.60
N VAL F 233 -4.79 -26.32 40.75
CA VAL F 233 -5.83 -27.33 41.02
C VAL F 233 -5.22 -28.72 41.14
N GLY F 234 -5.36 -29.34 42.32
CA GLY F 234 -4.73 -30.64 42.59
C GLY F 234 -5.24 -31.84 41.78
N LYS F 235 -4.51 -32.95 41.89
CA LYS F 235 -4.71 -34.10 41.00
C LYS F 235 -6.01 -34.85 41.27
N GLY F 236 -6.82 -34.99 40.23
CA GLY F 236 -8.09 -35.74 40.29
C GLY F 236 -9.35 -34.91 40.53
N SER F 237 -9.22 -33.59 40.57
CA SER F 237 -10.37 -32.70 40.76
C SER F 237 -11.11 -32.46 39.44
N ASP F 238 -12.43 -32.29 39.53
CA ASP F 238 -13.24 -31.87 38.37
C ASP F 238 -13.85 -30.50 38.62
N LEU F 239 -13.79 -29.61 37.64
CA LEU F 239 -14.47 -28.31 37.69
C LEU F 239 -15.64 -28.27 36.69
N GLY F 240 -16.85 -28.04 37.19
CA GLY F 240 -18.06 -28.11 36.37
C GLY F 240 -18.26 -26.99 35.37
N GLY F 241 -19.38 -27.02 34.66
CA GLY F 241 -19.63 -26.08 33.58
C GLY F 241 -19.98 -24.68 34.01
N GLY F 242 -19.17 -23.69 33.63
CA GLY F 242 -19.42 -22.30 34.00
C GLY F 242 -19.10 -21.94 35.46
N CYS F 243 -18.44 -22.83 36.18
CA CYS F 243 -18.09 -22.52 37.56
C CYS F 243 -17.05 -21.39 37.61
N SER F 244 -16.76 -20.92 38.80
CA SER F 244 -15.93 -19.74 39.00
C SER F 244 -14.94 -19.95 40.14
N THR F 245 -13.79 -19.30 40.04
CA THR F 245 -12.89 -19.05 41.16
C THR F 245 -12.58 -17.56 41.09
N MET F 246 -12.23 -16.94 42.22
CA MET F 246 -11.80 -15.53 42.25
C MET F 246 -10.28 -15.43 42.30
N GLY F 247 -9.64 -16.37 43.02
CA GLY F 247 -8.17 -16.45 43.06
C GLY F 247 -7.51 -15.37 43.90
N ASN F 254 -5.62 -10.24 51.22
CA ASN F 254 -6.54 -11.11 50.49
C ASN F 254 -6.09 -12.57 50.63
N ILE F 255 -6.71 -13.47 49.86
CA ILE F 255 -6.30 -14.87 49.82
C ILE F 255 -6.15 -15.33 48.36
N VAL F 256 -5.14 -16.16 48.12
CA VAL F 256 -5.01 -16.87 46.86
C VAL F 256 -5.90 -18.11 46.98
N ILE F 257 -6.59 -18.48 45.90
CA ILE F 257 -7.49 -19.63 45.94
C ILE F 257 -6.81 -20.83 45.29
N SER F 258 -6.90 -21.99 45.95
CA SER F 258 -6.37 -23.23 45.45
C SER F 258 -7.40 -24.33 45.66
N VAL F 259 -7.30 -25.41 44.87
CA VAL F 259 -8.19 -26.55 45.04
C VAL F 259 -7.35 -27.80 45.22
N GLY F 260 -7.80 -28.69 46.11
CA GLY F 260 -7.00 -29.82 46.55
C GLY F 260 -7.06 -30.97 45.58
N GLU F 261 -6.78 -32.18 46.06
CA GLU F 261 -6.94 -33.40 45.30
C GLU F 261 -8.36 -33.94 45.43
N GLY F 262 -8.92 -34.43 44.32
CA GLY F 262 -10.19 -35.20 44.35
C GLY F 262 -11.45 -34.40 44.61
N CYS F 263 -11.40 -33.09 44.35
CA CYS F 263 -12.54 -32.19 44.58
C CYS F 263 -13.50 -32.19 43.40
N LEU F 264 -14.72 -31.74 43.67
CA LEU F 264 -15.76 -31.65 42.65
C LEU F 264 -16.56 -30.38 42.87
N ILE F 265 -16.43 -29.46 41.91
CA ILE F 265 -17.16 -28.19 41.91
C ILE F 265 -18.22 -28.26 40.82
N GLY F 266 -19.46 -27.97 41.16
CA GLY F 266 -20.57 -28.16 40.24
C GLY F 266 -20.67 -27.09 39.18
N ALA F 267 -21.49 -27.34 38.17
CA ALA F 267 -21.76 -26.41 37.09
C ALA F 267 -22.43 -25.12 37.57
N ASN F 268 -21.83 -23.97 37.22
CA ASN F 268 -22.28 -22.61 37.60
C ASN F 268 -21.89 -22.21 39.04
N ALA F 269 -21.32 -23.13 39.81
CA ALA F 269 -20.89 -22.85 41.21
C ALA F 269 -19.63 -21.97 41.24
N GLY F 270 -19.16 -21.63 42.44
CA GLY F 270 -18.02 -20.72 42.56
C GLY F 270 -17.39 -20.58 43.94
N ILE F 271 -16.07 -20.57 43.97
CA ILE F 271 -15.38 -20.51 45.25
C ILE F 271 -14.60 -19.20 45.45
N GLY F 272 -14.75 -18.65 46.66
CA GLY F 272 -13.94 -17.55 47.14
C GLY F 272 -13.08 -18.01 48.32
N ILE F 273 -12.85 -19.31 48.40
CA ILE F 273 -12.11 -19.91 49.50
C ILE F 273 -11.30 -21.14 49.04
N PRO F 274 -9.99 -21.17 49.36
CA PRO F 274 -9.24 -22.36 48.98
C PRO F 274 -9.83 -23.60 49.62
N LEU F 275 -10.17 -24.60 48.79
CA LEU F 275 -10.75 -25.87 49.27
C LEU F 275 -9.66 -26.88 49.61
N GLY F 276 -9.94 -27.76 50.57
CA GLY F 276 -9.06 -28.88 50.87
C GLY F 276 -9.22 -30.05 49.89
N ASP F 277 -8.64 -31.19 50.24
CA ASP F 277 -8.78 -32.41 49.42
C ASP F 277 -10.21 -32.98 49.58
N ARG F 278 -10.69 -33.68 48.56
CA ARG F 278 -11.99 -34.37 48.62
C ARG F 278 -13.23 -33.51 48.97
N ASN F 279 -13.21 -32.22 48.66
CA ASN F 279 -14.35 -31.32 48.89
C ASN F 279 -15.43 -31.44 47.79
N ILE F 280 -16.67 -31.13 48.10
CA ILE F 280 -17.74 -31.13 47.09
C ILE F 280 -18.60 -29.88 47.20
N VAL F 281 -18.52 -29.00 46.20
CA VAL F 281 -19.42 -27.84 46.15
C VAL F 281 -20.55 -28.15 45.15
N GLU F 282 -21.77 -28.10 45.64
CA GLU F 282 -22.97 -28.33 44.84
C GLU F 282 -23.01 -27.35 43.67
N ALA F 283 -23.74 -27.72 42.62
CA ALA F 283 -23.93 -26.81 41.49
C ALA F 283 -24.72 -25.56 41.91
N GLY F 284 -24.42 -24.44 41.26
CA GLY F 284 -25.20 -23.21 41.42
C GLY F 284 -24.96 -22.45 42.72
N LEU F 285 -24.06 -22.97 43.55
CA LEU F 285 -23.76 -22.37 44.85
C LEU F 285 -22.50 -21.52 44.71
N TYR F 286 -22.54 -20.28 45.20
CA TYR F 286 -21.36 -19.43 45.24
C TYR F 286 -21.02 -19.14 46.70
N ILE F 287 -19.82 -19.55 47.12
CA ILE F 287 -19.42 -19.45 48.52
C ILE F 287 -18.12 -18.64 48.74
N THR F 288 -18.28 -17.44 49.31
CA THR F 288 -17.16 -16.55 49.62
C THR F 288 -16.75 -16.65 51.10
N ALA F 289 -15.66 -15.98 51.45
CA ALA F 289 -15.10 -16.06 52.81
C ALA F 289 -16.08 -15.68 53.91
N GLY F 290 -16.93 -14.69 53.65
CA GLY F 290 -17.87 -14.17 54.64
C GLY F 290 -19.22 -14.88 54.70
N THR F 291 -19.45 -15.82 53.80
CA THR F 291 -20.70 -16.56 53.78
C THR F 291 -20.90 -17.28 55.10
N LYS F 292 -22.07 -17.08 55.71
CA LYS F 292 -22.41 -17.78 56.93
C LYS F 292 -22.95 -19.16 56.57
N VAL F 293 -22.29 -20.20 57.08
CA VAL F 293 -22.56 -21.59 56.69
C VAL F 293 -22.92 -22.44 57.91
N ALA F 294 -23.92 -23.31 57.73
CA ALA F 294 -24.42 -24.17 58.80
C ALA F 294 -23.76 -25.55 58.78
N LEU F 295 -22.77 -25.74 59.67
CA LEU F 295 -22.00 -26.99 59.76
C LEU F 295 -22.91 -28.13 60.22
N LEU F 296 -22.67 -29.34 59.73
CA LEU F 296 -23.47 -30.51 60.12
C LEU F 296 -22.62 -31.75 60.42
N ASP F 297 -23.23 -32.73 61.05
CA ASP F 297 -22.52 -33.91 61.56
C ASP F 297 -22.83 -35.16 60.73
N GLU F 298 -22.11 -36.24 61.00
CA GLU F 298 -22.53 -37.57 60.57
C GLU F 298 -24.03 -37.47 60.88
N GLN F 299 -24.88 -37.76 59.90
CA GLN F 299 -26.36 -37.77 60.06
C GLN F 299 -27.04 -36.38 59.93
N ASN F 300 -26.34 -35.40 59.37
CA ASN F 300 -26.86 -34.04 59.09
C ASN F 300 -27.65 -33.30 60.18
N ALA F 301 -27.25 -33.43 61.45
CA ALA F 301 -27.75 -32.55 62.49
C ALA F 301 -26.91 -31.28 62.48
N LEU F 302 -27.51 -30.15 62.89
CA LEU F 302 -26.80 -28.87 62.96
C LEU F 302 -25.85 -28.87 64.15
N VAL F 303 -24.57 -28.59 63.89
CA VAL F 303 -23.57 -28.44 64.94
C VAL F 303 -23.53 -26.98 65.41
N LYS F 304 -22.97 -26.11 64.57
CA LYS F 304 -22.88 -24.69 64.90
C LYS F 304 -22.65 -23.85 63.64
N VAL F 305 -22.95 -22.56 63.73
CA VAL F 305 -22.80 -21.63 62.61
C VAL F 305 -21.43 -20.93 62.65
N VAL F 306 -20.62 -21.19 61.62
CA VAL F 306 -19.31 -20.57 61.44
C VAL F 306 -19.25 -19.96 60.04
N LYS F 307 -18.19 -19.22 59.75
CA LYS F 307 -18.04 -18.59 58.43
C LYS F 307 -17.14 -19.45 57.55
N ALA F 308 -17.31 -19.30 56.24
CA ALA F 308 -16.60 -20.11 55.27
C ALA F 308 -15.09 -20.12 55.51
N ARG F 309 -14.49 -18.94 55.64
CA ARG F 309 -13.04 -18.80 55.73
C ARG F 309 -12.40 -19.70 56.81
N ASP F 310 -13.16 -20.00 57.87
CA ASP F 310 -12.68 -20.89 58.95
C ASP F 310 -12.54 -22.33 58.43
N LEU F 311 -13.46 -22.74 57.56
CA LEU F 311 -13.43 -24.08 56.98
C LEU F 311 -12.46 -24.22 55.81
N ALA F 312 -11.74 -23.13 55.51
CA ALA F 312 -10.83 -23.08 54.37
C ALA F 312 -9.65 -24.03 54.52
N GLY F 313 -9.51 -24.95 53.58
CA GLY F 313 -8.37 -25.87 53.54
C GLY F 313 -8.59 -27.15 54.30
N GLN F 314 -9.85 -27.54 54.49
CA GLN F 314 -10.20 -28.72 55.29
C GLN F 314 -10.87 -29.80 54.47
N PRO F 315 -10.58 -31.08 54.78
CA PRO F 315 -11.00 -32.16 53.90
C PRO F 315 -12.38 -32.71 54.18
N ASP F 316 -13.00 -33.29 53.14
CA ASP F 316 -14.26 -34.04 53.25
C ASP F 316 -15.49 -33.19 53.59
N LEU F 317 -15.50 -31.96 53.10
CA LEU F 317 -16.63 -31.08 53.32
C LEU F 317 -17.57 -31.27 52.14
N LEU F 318 -18.86 -31.06 52.37
CA LEU F 318 -19.88 -31.08 51.31
C LEU F 318 -20.73 -29.82 51.40
N PHE F 319 -20.41 -28.80 50.62
CA PHE F 319 -21.19 -27.56 50.62
C PHE F 319 -22.46 -27.73 49.77
N ARG F 320 -23.57 -27.17 50.23
CA ARG F 320 -24.83 -27.18 49.46
C ARG F 320 -25.82 -26.16 50.00
N ARG F 321 -26.97 -26.06 49.33
CA ARG F 321 -28.05 -25.19 49.81
C ARG F 321 -29.33 -26.00 50.02
N ASN F 322 -29.76 -26.05 51.27
CA ASN F 322 -31.07 -26.60 51.61
C ASN F 322 -32.15 -25.99 50.70
N SER F 323 -32.72 -26.82 49.82
CA SER F 323 -33.77 -26.38 48.90
C SER F 323 -35.03 -25.87 49.63
N GLN F 324 -35.12 -26.15 50.92
CA GLN F 324 -36.13 -25.58 51.83
C GLN F 324 -35.44 -24.67 52.85
N ASN F 325 -36.04 -23.51 53.11
CA ASN F 325 -35.51 -22.43 53.99
C ASN F 325 -34.26 -21.65 53.51
N GLY F 326 -33.61 -22.12 52.44
CA GLY F 326 -32.56 -21.36 51.74
C GLY F 326 -31.22 -21.25 52.45
N ALA F 327 -30.95 -22.16 53.37
CA ALA F 327 -29.74 -22.11 54.19
C ALA F 327 -28.55 -22.78 53.51
N VAL F 328 -27.40 -22.13 53.56
CA VAL F 328 -26.15 -22.74 53.11
C VAL F 328 -25.67 -23.71 54.19
N GLU F 329 -25.30 -24.90 53.77
CA GLU F 329 -24.93 -25.98 54.69
C GLU F 329 -23.55 -26.54 54.34
N CYS F 330 -22.99 -27.34 55.25
CA CYS F 330 -21.69 -27.98 55.06
C CYS F 330 -21.64 -29.27 55.88
N LYS F 331 -21.83 -30.40 55.20
CA LYS F 331 -21.89 -31.70 55.87
C LYS F 331 -20.48 -32.26 56.10
N THR F 332 -20.37 -33.21 57.03
CA THR F 332 -19.09 -33.85 57.36
C THR F 332 -19.24 -35.33 57.73
CA NPI G . 17.04 34.97 -18.69
CB NPI G . 16.34 34.73 -20.04
C4 NPI G . 15.41 35.88 -20.45
C5 NPI G . 14.48 35.49 -21.62
C6 NPI G . 15.24 34.94 -22.82
C NPI G . 18.39 35.63 -18.99
O NPI G . 18.42 36.89 -18.95
OXT NPI G . 19.33 34.86 -19.28
N NPI G . 16.26 35.83 -17.76
C7 NPI G . 14.74 35.54 -24.14
O71 NPI G . 15.34 35.19 -25.20
O72 NPI G . 13.74 36.29 -24.06
CA NPI H . 2.25 17.45 -8.85
CB NPI H . 3.04 16.39 -9.68
C4 NPI H . 2.14 15.30 -10.29
C5 NPI H . 1.98 15.35 -11.82
C6 NPI H . 1.92 13.92 -12.42
C NPI H . 1.37 18.29 -9.79
O NPI H . 0.16 18.41 -9.51
OXT NPI H . 1.95 18.81 -10.78
N NPI H . 1.49 16.84 -7.74
C7 NPI H . 0.91 13.71 -13.60
O71 NPI H . 1.17 12.80 -14.42
O72 NPI H . -0.08 14.47 -13.66
CA NPI I . -19.82 -32.50 29.38
CB NPI I . -18.72 -33.24 28.61
C4 NPI I . -17.52 -33.79 29.45
C5 NPI I . -16.21 -34.10 28.64
C6 NPI I . -16.40 -34.55 27.17
C NPI I . -21.19 -33.15 29.08
O NPI I . -21.96 -33.43 30.03
OXT NPI I . -21.46 -33.22 27.85
N NPI I . -19.58 -32.42 30.83
C7 NPI I . -15.14 -35.09 26.46
O71 NPI I . -15.02 -34.81 25.24
O72 NPI I . -14.34 -35.82 27.08
CA NPI J . -29.86 -11.38 23.75
CB NPI J . -31.15 -12.03 23.29
C4 NPI J . -31.02 -12.46 21.84
C5 NPI J . -29.61 -12.20 21.24
C6 NPI J . -29.66 -11.94 19.74
C NPI J . -29.84 -9.82 23.64
O NPI J . -30.84 -9.19 24.13
OXT NPI J . -28.81 -9.33 23.08
N NPI J . -29.67 -11.73 25.11
C7 NPI J . -29.59 -13.24 18.94
O71 NPI J . -29.56 -13.16 17.67
O72 NPI J . -29.55 -14.29 19.64
CA NPI K . -9.10 -8.70 37.69
CB NPI K . -8.13 -8.97 36.48
C4 NPI K . -8.10 -10.46 36.01
C5 NPI K . -8.04 -10.61 34.45
C6 NPI K . -6.63 -10.62 33.84
C NPI K . -8.56 -7.71 38.73
O NPI K . -9.41 -7.11 39.43
OXT NPI K . -7.33 -7.55 38.83
N NPI K . -10.33 -8.10 37.17
C7 NPI K . -6.40 -9.43 32.87
O71 NPI K . -5.85 -9.63 31.77
O72 NPI K . -6.80 -8.33 33.27
#